data_5G2T
#
_entry.id   5G2T
#
_cell.length_a   69.207
_cell.length_b   114.526
_cell.length_c   127.293
_cell.angle_alpha   90.00
_cell.angle_beta   100.04
_cell.angle_gamma   90.00
#
_symmetry.space_group_name_H-M   'P 1 21 1'
#
loop_
_entity.id
_entity.type
_entity.pdbx_description
1 polymer '2-O GLYCOSAMINOGLYCAN SULFATASE'
2 branched '4-deoxy-2-O-sulfo-alpha-L-threo-hex-4-enopyranuronic acid-(1-4)-2-deoxy-6-O-sulfo-2-(sulfoamino)-alpha-D-glucopyranose'
3 non-polymer 'ZINC ION'
4 non-polymer 1,2-ETHANEDIOL
5 non-polymer 'CHLORIDE ION'
6 non-polymer '4-deoxy-2-O-sulfo-alpha-L-threo-hex-4-enopyranuronic acid'
7 water water
#
_entity_poly.entity_id   1
_entity_poly.type   'polypeptide(L)'
_entity_poly.pdbx_seq_one_letter_code
;MGSSHHHHHHSSGPQQGLRQQEKPNFLIIQCDHLTQRVVGAYGQTQGCTLPIDEVASRGVIFSNAYVGCPLSQPSRAALW
SGMMPHQTNVRSNSSEPVNTRLPENVPTLGSLFSESGYEAVHFGKTHDMGSLRGFKHKEPVAKPFTDPEFPVNNDSFLDV
GTCEDAVAYLSNPPKEPFICIADFQNPHNICGFIGENAGVHTDRPISGPLPELPDNFDVEDWSNIPTPVQYICCSHRRMT
QAAHWNEENYRHYIAAFQHYTKMVSKQVDSVLKALYSTPAGRNTIVVIMADHGDGMASHRMVTKHISFYDEMTNVPFIFA
GPGIKQQKKPVDHLLTQPTLDLLPTLCDLAGIAVPAEKAGISLAPTLRGEKQKKSHPYVVSEWHSEYEYVTTPGRMVRGP
RYKYTHYLEGNGEELYDMKKDPGERKNLAKDPKYSKILAEHRALLDDYITRSKDDYRSLKVDADPRCRNHTPGYPSHEGP
GAREILKRK
;
_entity_poly.pdbx_strand_id   A,B,C,D
#
loop_
_chem_comp.id
_chem_comp.type
_chem_comp.name
_chem_comp.formula
CL non-polymer 'CHLORIDE ION' 'Cl -1'
EDO non-polymer 1,2-ETHANEDIOL 'C2 H6 O2'
SGN D-saccharide, alpha linking 2-deoxy-6-O-sulfo-2-(sulfoamino)-alpha-D-glucopyranose 'C6 H13 N O11 S2'
UAP L-saccharide, alpha linking '4-deoxy-2-O-sulfo-alpha-L-threo-hex-4-enopyranuronic acid' 'C6 H8 O9 S'
ZN non-polymer 'ZINC ION' 'Zn 2'
#
# COMPACT_ATOMS: atom_id res chain seq x y z
N ARG A 19 37.85 18.92 11.28
CA ARG A 19 37.31 19.86 10.24
C ARG A 19 36.78 19.10 9.01
N GLN A 20 37.65 18.69 8.07
CA GLN A 20 37.19 18.22 6.72
C GLN A 20 36.19 17.03 6.70
N GLN A 21 36.26 16.15 7.71
CA GLN A 21 35.26 15.07 7.89
C GLN A 21 33.93 15.46 8.59
N GLU A 22 33.83 16.69 9.13
CA GLU A 22 32.62 17.27 9.76
C GLU A 22 31.77 18.04 8.75
N LYS A 23 30.80 17.37 8.16
CA LYS A 23 30.15 17.87 6.94
C LYS A 23 28.91 18.68 7.29
N PRO A 24 28.60 19.72 6.51
CA PRO A 24 27.36 20.45 6.76
C PRO A 24 26.15 19.68 6.28
N ASN A 25 24.99 19.99 6.86
CA ASN A 25 23.74 19.57 6.24
C ASN A 25 23.32 20.65 5.24
N PHE A 26 22.33 20.33 4.40
CA PHE A 26 21.77 21.29 3.46
C PHE A 26 20.24 21.31 3.53
N LEU A 27 19.64 22.50 3.51
CA LEU A 27 18.20 22.63 3.37
C LEU A 27 17.99 23.55 2.16
N ILE A 28 17.38 23.02 1.11
CA ILE A 28 17.11 23.77 -0.08
C ILE A 28 15.60 24.03 -0.09
N ILE A 29 15.23 25.31 -0.06
CA ILE A 29 13.83 25.73 -0.07
C ILE A 29 13.60 26.37 -1.43
N GLN A 30 12.70 25.79 -2.21
CA GLN A 30 12.37 26.30 -3.53
C GLN A 30 10.87 26.60 -3.62
N CYS A 31 10.55 27.80 -4.11
CA CYS A 31 9.17 28.27 -4.18
C CYS A 31 8.80 28.59 -5.61
N ASP A 32 7.77 27.95 -6.11
CA ASP A 32 7.38 28.08 -7.51
C ASP A 32 6.76 29.48 -7.78
N HIS A 33 7.27 30.19 -8.80
CA HIS A 33 6.89 31.60 -9.16
C HIS A 33 7.50 32.71 -8.29
N LEU A 34 8.27 32.37 -7.26
CA LEU A 34 8.81 33.41 -6.37
C LEU A 34 9.76 34.35 -7.15
N THR A 35 9.58 35.64 -6.92
CA THR A 35 10.33 36.68 -7.65
C THR A 35 11.25 37.47 -6.74
N GLN A 36 12.28 38.05 -7.35
CA GLN A 36 13.11 38.98 -6.63
C GLN A 36 12.30 40.19 -6.11
N ARG A 37 11.45 40.74 -6.97
CA ARG A 37 10.65 41.90 -6.58
C ARG A 37 9.92 41.72 -5.26
N VAL A 38 9.34 40.53 -5.01
CA VAL A 38 8.53 40.32 -3.84
C VAL A 38 9.34 39.96 -2.58
N VAL A 39 10.60 39.56 -2.76
CA VAL A 39 11.48 39.18 -1.65
C VAL A 39 12.17 40.42 -1.11
N GLY A 40 11.86 40.76 0.14
CA GLY A 40 12.38 41.99 0.74
C GLY A 40 13.87 42.19 0.75
N ALA A 41 14.64 41.10 0.81
CA ALA A 41 16.08 41.16 0.73
C ALA A 41 16.60 41.86 -0.53
N TYR A 42 15.84 41.79 -1.63
CA TYR A 42 16.19 42.46 -2.88
C TYR A 42 15.84 43.97 -2.94
N GLY A 43 15.22 44.51 -1.89
CA GLY A 43 15.01 45.97 -1.78
C GLY A 43 13.82 46.64 -2.44
N GLN A 44 12.89 45.89 -3.02
CA GLN A 44 11.73 46.51 -3.74
C GLN A 44 10.40 46.47 -3.01
N THR A 45 10.09 45.36 -2.34
CA THR A 45 8.80 45.15 -1.66
C THR A 45 9.07 44.88 -0.19
N GLN A 46 8.30 45.51 0.68
CA GLN A 46 8.48 45.34 2.12
C GLN A 46 7.37 44.43 2.60
N GLY A 47 7.69 43.51 3.50
CA GLY A 47 6.71 42.82 4.32
C GLY A 47 6.20 41.47 3.84
N CYS A 48 6.58 41.01 2.65
CA CYS A 48 6.03 39.72 2.18
C CYS A 48 6.84 38.47 2.51
N THR A 49 8.13 38.61 2.82
CA THR A 49 9.02 37.45 2.98
C THR A 49 9.99 37.59 4.17
N LEU A 50 9.51 38.05 5.33
CA LEU A 50 10.40 38.35 6.44
CA LEU A 50 10.39 38.33 6.48
C LEU A 50 11.32 37.13 6.84
N PRO A 51 10.77 35.91 6.88
CA PRO A 51 11.62 34.78 7.24
C PRO A 51 12.75 34.52 6.23
N ILE A 52 12.46 34.73 4.95
CA ILE A 52 13.46 34.61 3.91
C ILE A 52 14.52 35.72 4.05
N ASP A 53 14.06 36.95 4.34
CA ASP A 53 14.96 38.08 4.51
C ASP A 53 15.92 37.88 5.68
N GLU A 54 15.46 37.23 6.74
CA GLU A 54 16.30 36.95 7.90
C GLU A 54 17.44 36.00 7.58
N VAL A 55 17.13 34.98 6.76
CA VAL A 55 18.16 34.10 6.26
C VAL A 55 19.16 34.91 5.42
N ALA A 56 18.65 35.69 4.44
CA ALA A 56 19.50 36.47 3.59
C ALA A 56 20.45 37.38 4.36
N SER A 57 19.93 38.03 5.41
CA SER A 57 20.73 38.88 6.32
C SER A 57 21.90 38.19 6.98
N ARG A 58 21.82 36.87 7.16
CA ARG A 58 22.91 36.08 7.70
C ARG A 58 23.86 35.60 6.62
N GLY A 59 23.53 35.79 5.34
CA GLY A 59 24.34 35.24 4.28
C GLY A 59 24.53 36.17 3.10
N VAL A 60 24.27 35.63 1.91
CA VAL A 60 24.66 36.24 0.64
C VAL A 60 23.49 36.06 -0.31
N ILE A 61 23.12 37.13 -1.02
CA ILE A 61 22.13 37.01 -2.09
C ILE A 61 22.76 37.44 -3.40
N PHE A 62 22.32 36.84 -4.49
CA PHE A 62 22.83 37.14 -5.83
C PHE A 62 21.81 37.94 -6.63
N SER A 63 22.24 39.09 -7.14
CA SER A 63 21.38 39.97 -7.97
C SER A 63 21.07 39.37 -9.34
N ASN A 64 22.01 38.60 -9.89
CA ASN A 64 21.92 38.06 -11.25
C ASN A 64 21.93 36.57 -11.18
N ALA A 65 20.73 36.01 -11.21
CA ALA A 65 20.54 34.57 -11.00
C ALA A 65 19.51 34.04 -11.95
N TYR A 66 19.99 33.71 -13.15
CA TYR A 66 19.09 33.42 -14.22
C TYR A 66 18.83 31.96 -14.36
N VAL A 67 17.57 31.59 -14.52
CA VAL A 67 17.22 30.19 -14.72
C VAL A 67 17.30 29.80 -16.22
N GLY A 68 17.51 28.52 -16.46
CA GLY A 68 17.67 28.00 -17.81
C GLY A 68 16.43 28.00 -18.71
N CYS A 69 15.25 28.11 -18.10
CA CYS A 69 13.96 28.18 -18.83
C CYS A 69 12.90 28.67 -17.87
N PRO A 70 12.12 29.70 -18.25
CA PRO A 70 11.03 30.19 -17.42
C PRO A 70 9.80 29.25 -17.45
N LEU A 71 9.96 28.03 -17.00
CA LEU A 71 8.85 27.06 -16.99
C LEU A 71 9.25 25.96 -16.05
N SER A 72 8.30 25.47 -15.24
CA SER A 72 8.63 24.50 -14.17
C SER A 72 9.35 23.17 -14.55
N GLN A 73 8.79 22.37 -15.45
CA GLN A 73 9.40 21.07 -15.69
C GLN A 73 10.78 21.19 -16.32
N PRO A 74 10.94 22.05 -17.36
CA PRO A 74 12.27 22.24 -17.92
C PRO A 74 13.28 22.80 -16.90
N SER A 75 12.87 23.75 -16.08
CA SER A 75 13.74 24.33 -15.05
C SER A 75 14.19 23.29 -14.05
N ARG A 76 13.25 22.47 -13.56
CA ARG A 76 13.57 21.46 -12.54
C ARG A 76 14.40 20.27 -13.09
N ALA A 77 14.08 19.77 -14.27
CA ALA A 77 14.87 18.70 -14.88
C ALA A 77 16.31 19.13 -15.08
N ALA A 78 16.49 20.35 -15.54
CA ALA A 78 17.79 20.98 -15.69
C ALA A 78 18.54 21.27 -14.35
N LEU A 79 17.84 21.82 -13.37
CA LEU A 79 18.43 22.18 -12.09
C LEU A 79 19.04 21.02 -11.33
N TRP A 80 18.29 19.95 -11.14
CA TRP A 80 18.78 18.89 -10.28
C TRP A 80 19.84 18.02 -11.00
N SER A 81 19.92 18.11 -12.33
CA SER A 81 21.00 17.54 -13.12
C SER A 81 22.17 18.50 -13.48
N GLY A 82 22.07 19.77 -13.12
CA GLY A 82 23.05 20.78 -13.51
C GLY A 82 23.35 20.82 -15.01
N MET A 83 22.32 20.76 -15.82
CA MET A 83 22.44 20.87 -17.28
C MET A 83 21.48 21.93 -17.84
N MET A 84 21.50 22.16 -19.16
CA MET A 84 20.54 23.06 -19.75
C MET A 84 19.40 22.25 -20.42
N PRO A 85 18.24 22.90 -20.62
CA PRO A 85 17.08 22.15 -21.14
C PRO A 85 17.30 21.46 -22.49
N HIS A 86 18.00 22.07 -23.43
CA HIS A 86 18.25 21.31 -24.71
C HIS A 86 19.09 20.04 -24.50
N GLN A 87 19.82 19.95 -23.39
CA GLN A 87 20.67 18.80 -23.08
C GLN A 87 19.93 17.70 -22.34
N THR A 88 19.03 18.06 -21.41
CA THR A 88 18.15 17.04 -20.77
C THR A 88 17.10 16.53 -21.77
N ASN A 89 16.87 17.38 -22.77
CA ASN A 89 15.83 17.27 -23.76
C ASN A 89 14.43 17.31 -23.14
N VAL A 90 14.31 17.94 -21.97
CA VAL A 90 13.00 18.18 -21.34
C VAL A 90 12.77 19.66 -21.53
N ARG A 91 12.02 19.98 -22.57
CA ARG A 91 11.93 21.33 -23.06
C ARG A 91 10.57 21.98 -22.86
N SER A 92 9.57 21.21 -22.39
CA SER A 92 8.23 21.74 -22.16
C SER A 92 7.69 21.09 -20.90
N ASN A 93 6.43 21.40 -20.56
CA ASN A 93 5.74 20.77 -19.45
C ASN A 93 5.02 19.46 -19.82
N SER A 94 5.07 19.03 -21.07
CA SER A 94 4.36 17.80 -21.45
C SER A 94 4.94 16.58 -20.76
N SER A 95 4.07 15.64 -20.41
CA SER A 95 4.51 14.43 -19.74
C SER A 95 4.95 13.38 -20.79
N GLU A 96 5.27 12.17 -20.34
CA GLU A 96 5.64 11.08 -21.27
C GLU A 96 4.50 10.89 -22.26
N PRO A 97 4.78 10.61 -23.54
CA PRO A 97 6.10 10.33 -24.08
C PRO A 97 6.68 11.50 -24.88
N VAL A 98 6.09 12.68 -24.79
CA VAL A 98 6.63 13.83 -25.51
C VAL A 98 7.97 14.25 -24.86
N ASN A 99 8.00 14.18 -23.54
CA ASN A 99 9.23 14.30 -22.78
C ASN A 99 9.51 12.97 -22.10
N THR A 100 10.80 12.62 -22.04
CA THR A 100 11.29 11.33 -21.58
C THR A 100 12.16 11.59 -20.37
N ARG A 101 12.08 10.69 -19.37
CA ARG A 101 12.78 10.84 -18.12
C ARG A 101 14.28 10.82 -18.33
N LEU A 102 14.99 11.59 -17.52
CA LEU A 102 16.44 11.68 -17.58
C LEU A 102 17.04 10.28 -17.46
N PRO A 103 17.97 9.90 -18.37
CA PRO A 103 18.57 8.58 -18.23
C PRO A 103 19.24 8.33 -16.88
N GLU A 104 19.23 7.08 -16.44
CA GLU A 104 19.73 6.74 -15.09
C GLU A 104 21.24 6.83 -14.92
N ASN A 105 21.97 6.92 -16.02
CA ASN A 105 23.41 7.13 -15.98
C ASN A 105 23.89 8.60 -15.89
N VAL A 106 22.97 9.57 -15.95
CA VAL A 106 23.35 10.99 -15.82
C VAL A 106 23.46 11.31 -14.33
N PRO A 107 24.66 11.74 -13.86
CA PRO A 107 24.78 12.12 -12.45
C PRO A 107 23.85 13.28 -12.09
N THR A 108 23.21 13.18 -10.92
CA THR A 108 22.34 14.23 -10.44
C THR A 108 22.81 14.70 -9.06
N LEU A 109 22.19 15.77 -8.57
CA LEU A 109 22.47 16.23 -7.21
C LEU A 109 22.26 15.12 -6.21
N GLY A 110 21.13 14.45 -6.32
CA GLY A 110 20.77 13.36 -5.44
C GLY A 110 21.72 12.17 -5.54
N SER A 111 22.13 11.81 -6.73
CA SER A 111 23.04 10.64 -6.88
C SER A 111 24.40 10.93 -6.30
N LEU A 112 24.92 12.12 -6.59
CA LEU A 112 26.21 12.55 -6.07
C LEU A 112 26.25 12.61 -4.54
N PHE A 113 25.19 13.18 -3.94
CA PHE A 113 25.10 13.27 -2.48
C PHE A 113 24.87 11.91 -1.80
N SER A 114 23.93 11.11 -2.32
CA SER A 114 23.64 9.77 -1.81
C SER A 114 24.89 8.88 -1.85
N GLU A 115 25.55 8.86 -2.99
CA GLU A 115 26.77 8.02 -3.12
C GLU A 115 27.93 8.45 -2.24
N SER A 116 27.93 9.70 -1.75
CA SER A 116 28.92 10.17 -0.81
C SER A 116 28.53 10.02 0.67
N GLY A 117 27.43 9.33 0.96
CA GLY A 117 27.06 9.05 2.33
C GLY A 117 26.04 10.00 2.95
N TYR A 118 25.48 10.94 2.17
CA TYR A 118 24.43 11.82 2.70
C TYR A 118 23.09 11.12 2.69
N GLU A 119 22.26 11.44 3.67
CA GLU A 119 20.84 11.13 3.57
C GLU A 119 20.16 12.24 2.73
N ALA A 120 19.49 11.85 1.65
CA ALA A 120 18.93 12.78 0.66
C ALA A 120 17.45 12.59 0.62
N VAL A 121 16.71 13.62 1.04
CA VAL A 121 15.26 13.55 1.11
C VAL A 121 14.63 14.76 0.36
N HIS A 122 13.46 14.51 -0.20
CA HIS A 122 12.73 15.55 -0.90
C HIS A 122 11.26 15.54 -0.49
N PHE A 123 10.74 16.73 -0.25
CA PHE A 123 9.33 16.98 0.05
C PHE A 123 8.76 17.97 -0.95
N GLY A 124 7.45 17.85 -1.20
CA GLY A 124 6.68 18.79 -2.02
C GLY A 124 6.61 18.45 -3.50
N LYS A 125 6.61 19.50 -4.33
CA LYS A 125 6.45 19.37 -5.78
C LYS A 125 7.67 18.66 -6.42
N THR A 126 7.41 17.73 -7.33
CA THR A 126 8.47 17.05 -8.07
C THR A 126 8.67 17.71 -9.45
N HIS A 127 7.95 17.25 -10.46
CA HIS A 127 7.90 17.86 -11.81
C HIS A 127 9.29 17.96 -12.40
N ASP A 128 10.05 16.89 -12.14
CA ASP A 128 11.49 16.84 -12.36
C ASP A 128 11.89 15.96 -13.55
N MET A 129 10.95 15.15 -14.07
CA MET A 129 11.19 14.26 -15.20
C MET A 129 12.46 13.39 -14.96
N GLY A 130 12.60 12.92 -13.73
CA GLY A 130 13.72 12.04 -13.35
C GLY A 130 14.99 12.68 -12.81
N SER A 131 15.10 14.01 -12.82
CA SER A 131 16.30 14.65 -12.30
C SER A 131 16.47 14.58 -10.76
N LEU A 132 15.39 14.26 -10.04
CA LEU A 132 15.47 14.00 -8.60
C LEU A 132 15.95 12.61 -8.20
N ARG A 133 16.33 11.76 -9.15
CA ARG A 133 16.88 10.44 -8.84
CA ARG A 133 16.90 10.44 -8.85
C ARG A 133 17.96 10.57 -7.77
N GLY A 134 17.90 9.70 -6.78
CA GLY A 134 18.80 9.73 -5.65
C GLY A 134 18.24 10.34 -4.38
N PHE A 135 17.23 11.20 -4.48
CA PHE A 135 16.48 11.65 -3.32
C PHE A 135 15.35 10.65 -2.97
N LYS A 136 15.10 10.41 -1.68
CA LYS A 136 13.92 9.68 -1.23
C LYS A 136 12.77 10.69 -1.16
N HIS A 137 11.80 10.54 -2.04
CA HIS A 137 10.69 11.49 -2.15
C HIS A 137 9.50 11.07 -1.29
N LYS A 138 8.88 12.00 -0.58
CA LYS A 138 7.60 11.73 0.08
C LYS A 138 6.53 12.65 -0.50
N GLU A 139 5.43 12.07 -1.01
CA GLU A 139 4.38 12.86 -1.65
C GLU A 139 3.56 13.59 -0.59
N PRO A 140 3.35 14.91 -0.76
CA PRO A 140 2.53 15.60 0.22
C PRO A 140 1.03 15.25 0.01
N VAL A 141 0.26 15.41 1.06
CA VAL A 141 -1.18 15.24 1.05
C VAL A 141 -1.83 16.63 1.20
N ALA A 142 -2.79 16.90 0.33
CA ALA A 142 -3.51 18.19 0.34
C ALA A 142 -4.36 18.28 1.60
N LYS A 143 -4.24 19.41 2.30
CA LYS A 143 -4.97 19.72 3.53
C LYS A 143 -5.80 20.98 3.31
N PRO A 144 -7.05 20.81 2.86
CA PRO A 144 -7.80 22.02 2.46
C PRO A 144 -8.15 22.96 3.59
N PHE A 145 -8.30 24.24 3.26
CA PHE A 145 -8.69 25.26 4.22
C PHE A 145 -9.36 26.40 3.47
N THR A 146 -10.00 27.32 4.19
CA THR A 146 -10.76 28.37 3.55
C THR A 146 -10.03 29.68 3.81
N ASP A 147 -9.90 30.49 2.78
CA ASP A 147 -9.27 31.80 2.93
C ASP A 147 -10.37 32.86 2.80
N PRO A 148 -10.47 33.80 3.75
CA PRO A 148 -11.60 34.74 3.68
C PRO A 148 -11.53 35.77 2.52
N GLU A 149 -10.36 36.01 1.93
CA GLU A 149 -10.26 37.06 0.91
C GLU A 149 -9.74 36.67 -0.48
N PHE A 150 -8.97 35.59 -0.59
CA PHE A 150 -8.39 35.20 -1.88
C PHE A 150 -8.72 33.72 -2.17
N PRO A 151 -8.86 33.36 -3.45
CA PRO A 151 -9.13 31.95 -3.70
C PRO A 151 -7.90 31.12 -3.43
N VAL A 152 -8.10 29.93 -2.88
CA VAL A 152 -7.01 28.98 -2.59
C VAL A 152 -7.42 27.66 -3.18
N ASN A 153 -6.46 26.94 -3.72
CA ASN A 153 -6.75 25.69 -4.36
C ASN A 153 -5.72 24.63 -3.96
N ASN A 154 -5.65 23.53 -4.68
CA ASN A 154 -4.81 22.41 -4.27
C ASN A 154 -3.31 22.75 -4.19
N ASP A 155 -2.86 23.79 -4.90
CA ASP A 155 -1.49 24.33 -4.73
C ASP A 155 -1.24 24.71 -3.25
N SER A 156 -2.10 25.53 -2.71
CA SER A 156 -1.99 25.97 -1.32
C SER A 156 -2.23 24.82 -0.35
N PHE A 157 -3.18 23.94 -0.68
CA PHE A 157 -3.48 22.82 0.20
C PHE A 157 -2.31 21.82 0.29
N LEU A 158 -1.66 21.57 -0.84
CA LEU A 158 -0.45 20.72 -0.89
C LEU A 158 0.72 21.31 -0.08
N ASP A 159 0.91 22.62 -0.12
CA ASP A 159 1.94 23.26 0.69
C ASP A 159 1.78 22.99 2.17
N VAL A 160 0.54 22.83 2.65
CA VAL A 160 0.31 22.55 4.07
C VAL A 160 0.92 21.20 4.40
N GLY A 161 0.66 20.19 3.56
CA GLY A 161 1.23 18.86 3.69
C GLY A 161 2.73 18.87 3.60
N THR A 162 3.27 19.62 2.62
CA THR A 162 4.73 19.70 2.43
C THR A 162 5.38 20.27 3.68
N CYS A 163 4.79 21.32 4.23
CA CYS A 163 5.30 21.98 5.44
C CYS A 163 5.29 21.00 6.63
N GLU A 164 4.18 20.31 6.84
CA GLU A 164 4.09 19.25 7.87
C GLU A 164 5.18 18.18 7.77
N ASP A 165 5.41 17.68 6.55
CA ASP A 165 6.43 16.65 6.26
C ASP A 165 7.83 17.17 6.53
N ALA A 166 8.14 18.35 6.00
CA ALA A 166 9.47 18.94 6.23
C ALA A 166 9.69 19.24 7.71
N VAL A 167 8.70 19.77 8.41
CA VAL A 167 8.81 20.03 9.88
C VAL A 167 9.08 18.74 10.65
N ALA A 168 8.36 17.68 10.30
CA ALA A 168 8.47 16.39 10.97
C ALA A 168 9.89 15.85 10.80
N TYR A 169 10.41 15.95 9.57
CA TYR A 169 11.75 15.49 9.29
C TYR A 169 12.83 16.29 10.04
N LEU A 170 12.77 17.63 9.93
CA LEU A 170 13.82 18.48 10.49
C LEU A 170 13.75 18.54 12.02
N SER A 171 12.59 18.27 12.58
CA SER A 171 12.40 18.15 14.03
C SER A 171 13.10 16.95 14.66
N ASN A 172 13.36 15.90 13.88
CA ASN A 172 14.01 14.69 14.38
C ASN A 172 14.87 14.08 13.25
N PRO A 173 15.95 14.78 12.82
CA PRO A 173 16.68 14.31 11.64
C PRO A 173 17.31 12.94 11.96
N PRO A 174 16.97 11.88 11.19
CA PRO A 174 17.45 10.55 11.62
C PRO A 174 18.94 10.31 11.36
N LYS A 175 19.53 11.02 10.39
CA LYS A 175 20.95 10.86 10.10
C LYS A 175 21.54 12.17 9.61
N GLU A 176 22.70 12.49 10.14
CA GLU A 176 23.52 13.53 9.59
C GLU A 176 24.69 12.78 8.92
N PRO A 177 25.24 13.31 7.83
CA PRO A 177 24.75 14.57 7.24
C PRO A 177 23.55 14.32 6.33
N PHE A 178 22.65 15.30 6.23
CA PHE A 178 21.53 15.24 5.32
C PHE A 178 21.50 16.41 4.32
N ILE A 179 20.86 16.16 3.19
CA ILE A 179 20.43 17.19 2.22
C ILE A 179 18.91 17.00 2.04
N CYS A 180 18.16 18.06 2.34
CA CYS A 180 16.70 18.07 2.33
C CYS A 180 16.23 19.17 1.38
N ILE A 181 15.34 18.83 0.44
CA ILE A 181 14.66 19.81 -0.41
C ILE A 181 13.22 19.93 0.05
N ALA A 182 12.76 21.17 0.23
CA ALA A 182 11.35 21.48 0.46
C ALA A 182 10.88 22.29 -0.72
N ASP A 183 10.14 21.65 -1.64
CA ASP A 183 9.65 22.25 -2.87
C ASP A 183 8.18 22.74 -2.68
N PHE A 184 8.02 24.01 -2.36
CA PHE A 184 6.70 24.63 -2.18
C PHE A 184 6.09 25.09 -3.49
N GLN A 185 4.78 24.98 -3.59
CA GLN A 185 4.02 25.48 -4.75
C GLN A 185 3.84 26.97 -4.77
N ASN A 186 3.48 27.57 -3.65
CA ASN A 186 3.19 28.99 -3.66
C ASN A 186 4.45 29.82 -3.89
N PRO A 187 4.33 30.92 -4.63
CA PRO A 187 3.04 31.54 -4.98
C PRO A 187 2.35 31.10 -6.29
N HIS A 188 2.62 29.89 -6.77
CA HIS A 188 1.86 29.29 -7.90
C HIS A 188 0.29 29.38 -7.88
N ASN A 189 -0.34 29.50 -6.71
CA ASN A 189 -1.81 29.64 -6.61
C ASN A 189 -2.26 30.94 -7.35
N ILE A 190 -1.34 31.84 -7.67
CA ILE A 190 -1.68 32.96 -8.60
C ILE A 190 -2.33 32.50 -9.93
N CYS A 191 -1.96 31.30 -10.40
CA CYS A 191 -2.54 30.70 -11.59
C CYS A 191 -4.06 30.49 -11.43
N GLY A 192 -4.44 29.85 -10.32
CA GLY A 192 -5.82 29.71 -9.92
C GLY A 192 -6.55 31.04 -9.76
N PHE A 193 -5.89 32.03 -9.18
CA PHE A 193 -6.46 33.38 -9.10
C PHE A 193 -6.92 33.94 -10.44
N ILE A 194 -6.07 33.80 -11.45
CA ILE A 194 -6.34 34.32 -12.79
C ILE A 194 -7.58 33.63 -13.33
N GLY A 195 -7.65 32.30 -13.18
CA GLY A 195 -8.83 31.52 -13.56
C GLY A 195 -10.11 32.04 -12.92
N GLU A 196 -10.09 32.32 -11.62
CA GLU A 196 -11.30 32.85 -10.94
C GLU A 196 -11.67 34.29 -11.39
N ASN A 197 -10.74 35.00 -12.00
CA ASN A 197 -10.88 36.39 -12.39
C ASN A 197 -10.69 36.57 -13.88
N ALA A 198 -11.02 35.55 -14.67
CA ALA A 198 -10.78 35.58 -16.12
C ALA A 198 -11.73 36.57 -16.78
N GLY A 199 -11.23 37.23 -17.81
CA GLY A 199 -11.99 38.18 -18.63
C GLY A 199 -12.31 39.48 -17.91
N VAL A 200 -13.28 40.19 -18.49
CA VAL A 200 -13.74 41.44 -17.95
C VAL A 200 -14.49 41.14 -16.67
N HIS A 201 -14.19 41.84 -15.59
CA HIS A 201 -14.77 41.52 -14.30
C HIS A 201 -14.54 42.64 -13.30
N THR A 202 -15.35 42.66 -12.25
CA THR A 202 -15.12 43.49 -11.09
C THR A 202 -14.46 42.61 -10.02
N ASP A 203 -13.42 43.13 -9.38
CA ASP A 203 -12.67 42.36 -8.36
C ASP A 203 -13.41 42.26 -7.04
N ARG A 204 -13.24 41.12 -6.35
CA ARG A 204 -13.76 40.97 -5.00
C ARG A 204 -13.01 41.96 -4.11
N PRO A 205 -13.73 42.70 -3.21
CA PRO A 205 -13.00 43.68 -2.38
C PRO A 205 -12.02 43.00 -1.44
N ILE A 206 -10.89 43.63 -1.17
CA ILE A 206 -9.91 43.12 -0.21
C ILE A 206 -9.59 44.23 0.77
N SER A 207 -9.02 43.89 1.91
CA SER A 207 -8.88 44.84 3.00
C SER A 207 -7.49 45.47 3.09
N GLY A 208 -6.49 44.87 2.45
CA GLY A 208 -5.13 45.44 2.47
C GLY A 208 -5.03 46.75 1.70
N PRO A 209 -3.85 47.40 1.76
CA PRO A 209 -3.55 48.39 0.73
C PRO A 209 -3.31 47.67 -0.64
N LEU A 210 -3.70 48.30 -1.72
CA LEU A 210 -3.63 47.72 -3.05
C LEU A 210 -2.29 48.08 -3.69
N PRO A 211 -1.46 47.08 -4.08
CA PRO A 211 -0.15 47.43 -4.70
C PRO A 211 -0.29 48.25 -5.98
N GLU A 212 0.68 49.13 -6.22
CA GLU A 212 0.76 49.87 -7.48
C GLU A 212 1.19 48.98 -8.63
N LEU A 213 0.80 49.36 -9.85
CA LEU A 213 1.35 48.71 -11.03
C LEU A 213 2.84 49.02 -11.12
N PRO A 214 3.64 48.09 -11.70
CA PRO A 214 5.05 48.41 -11.84
C PRO A 214 5.29 49.49 -12.89
N ASP A 215 6.43 50.17 -12.83
CA ASP A 215 6.78 51.19 -13.82
C ASP A 215 6.93 50.69 -15.26
N ASN A 216 7.21 49.39 -15.44
CA ASN A 216 7.22 48.78 -16.77
C ASN A 216 5.97 47.98 -17.14
N PHE A 217 4.83 48.38 -16.61
CA PHE A 217 3.52 47.75 -16.88
C PHE A 217 3.20 47.76 -18.37
N ASP A 218 3.25 48.96 -18.96
CA ASP A 218 2.82 49.15 -20.34
C ASP A 218 3.88 48.74 -21.32
N VAL A 219 3.43 48.26 -22.47
CA VAL A 219 4.30 48.03 -23.60
C VAL A 219 4.20 49.29 -24.46
N GLU A 220 5.31 50.02 -24.58
CA GLU A 220 5.33 51.33 -25.30
C GLU A 220 5.03 51.16 -26.80
N ASP A 221 5.59 50.14 -27.43
CA ASP A 221 5.44 49.91 -28.87
C ASP A 221 5.40 48.41 -29.24
N TRP A 222 4.21 47.88 -29.46
CA TRP A 222 4.03 46.47 -29.82
C TRP A 222 4.76 46.02 -31.10
N SER A 223 4.94 46.94 -32.06
CA SER A 223 5.67 46.63 -33.30
C SER A 223 7.18 46.47 -33.12
N ASN A 224 7.70 46.86 -31.95
CA ASN A 224 9.09 46.69 -31.64
C ASN A 224 9.40 45.50 -30.67
N ILE A 225 8.55 44.48 -30.68
CA ILE A 225 8.85 43.26 -29.93
C ILE A 225 8.65 42.03 -30.83
N PRO A 226 9.36 40.92 -30.54
CA PRO A 226 9.26 39.72 -31.39
C PRO A 226 7.83 39.17 -31.50
N THR A 227 7.52 38.57 -32.64
CA THR A 227 6.21 37.99 -32.89
C THR A 227 5.69 37.09 -31.75
N PRO A 228 6.49 36.11 -31.29
CA PRO A 228 5.98 35.24 -30.21
C PRO A 228 5.57 36.02 -28.94
N VAL A 229 6.31 37.08 -28.61
CA VAL A 229 6.00 37.89 -27.43
C VAL A 229 4.74 38.75 -27.70
N GLN A 230 4.54 39.18 -28.95
CA GLN A 230 3.32 39.93 -29.32
C GLN A 230 2.00 39.17 -29.07
N TYR A 231 2.04 37.85 -29.28
CA TYR A 231 0.87 36.99 -29.26
C TYR A 231 0.85 35.97 -28.10
N ILE A 232 1.48 36.35 -26.98
CA ILE A 232 1.37 35.54 -25.77
C ILE A 232 -0.10 35.38 -25.34
N CYS A 233 -0.90 36.42 -25.56
CA CYS A 233 -2.36 36.37 -25.42
C CYS A 233 -3.08 35.24 -26.16
N CYS A 234 -2.56 34.79 -27.31
CA CYS A 234 -3.11 33.63 -28.02
C CYS A 234 -2.55 32.27 -27.53
N SER A 235 -1.25 32.21 -27.21
CA SER A 235 -0.58 30.93 -26.89
C SER A 235 -0.58 30.51 -25.38
N HIS A 236 -0.78 31.46 -24.49
CA HIS A 236 -0.69 31.24 -23.03
C HIS A 236 -2.09 31.41 -22.46
N ARG A 237 -2.70 30.33 -21.97
CA ARG A 237 -4.06 30.39 -21.44
C ARG A 237 -4.29 31.50 -20.41
N ARG A 238 -3.36 31.66 -19.48
CA ARG A 238 -3.54 32.71 -18.45
C ARG A 238 -3.51 34.10 -19.04
N MET A 239 -2.67 34.33 -20.05
CA MET A 239 -2.66 35.62 -20.73
C MET A 239 -3.97 35.85 -21.52
N THR A 240 -4.54 34.81 -22.12
CA THR A 240 -5.87 34.92 -22.74
C THR A 240 -6.88 35.41 -21.72
N GLN A 241 -6.82 34.85 -20.53
CA GLN A 241 -7.72 35.22 -19.44
C GLN A 241 -7.53 36.65 -18.96
N ALA A 242 -6.28 37.10 -18.93
CA ALA A 242 -5.98 38.45 -18.43
C ALA A 242 -5.90 39.52 -19.53
N ALA A 243 -6.01 39.15 -20.79
CA ALA A 243 -5.70 40.06 -21.90
C ALA A 243 -6.44 41.39 -21.84
N HIS A 244 -7.72 41.35 -21.47
CA HIS A 244 -8.57 42.54 -21.40
C HIS A 244 -8.72 43.13 -20.01
N TRP A 245 -7.90 42.68 -19.06
CA TRP A 245 -7.91 43.24 -17.73
C TRP A 245 -7.59 44.73 -17.73
N ASN A 246 -8.25 45.46 -16.84
CA ASN A 246 -7.96 46.84 -16.57
C ASN A 246 -6.94 46.98 -15.42
N GLU A 247 -6.61 48.23 -15.10
CA GLU A 247 -5.62 48.50 -14.06
C GLU A 247 -6.01 47.94 -12.71
N GLU A 248 -7.28 48.11 -12.32
CA GLU A 248 -7.79 47.54 -11.09
C GLU A 248 -7.56 46.02 -11.00
N ASN A 249 -7.93 45.32 -12.06
CA ASN A 249 -7.78 43.88 -12.16
C ASN A 249 -6.32 43.47 -11.92
N TYR A 250 -5.38 44.21 -12.50
CA TYR A 250 -3.98 43.84 -12.47
C TYR A 250 -3.36 44.15 -11.11
N ARG A 251 -3.83 45.19 -10.45
CA ARG A 251 -3.40 45.50 -9.10
C ARG A 251 -3.92 44.45 -8.08
N HIS A 252 -5.14 43.97 -8.27
CA HIS A 252 -5.66 42.87 -7.45
C HIS A 252 -4.86 41.59 -7.66
N TYR A 253 -4.42 41.38 -8.89
CA TYR A 253 -3.51 40.29 -9.24
C TYR A 253 -2.22 40.38 -8.43
N ILE A 254 -1.62 41.57 -8.43
CA ILE A 254 -0.39 41.78 -7.66
C ILE A 254 -0.64 41.54 -6.17
N ALA A 255 -1.77 42.05 -5.66
CA ALA A 255 -2.15 41.80 -4.25
C ALA A 255 -2.26 40.29 -3.89
N ALA A 256 -2.86 39.50 -4.80
CA ALA A 256 -3.04 38.07 -4.62
C ALA A 256 -1.67 37.40 -4.60
N PHE A 257 -0.81 37.80 -5.52
CA PHE A 257 0.56 37.28 -5.58
C PHE A 257 1.30 37.51 -4.26
N GLN A 258 1.21 38.72 -3.74
CA GLN A 258 1.78 39.05 -2.43
C GLN A 258 1.15 38.18 -1.30
N HIS A 259 -0.15 37.96 -1.33
CA HIS A 259 -0.82 37.13 -0.35
C HIS A 259 -0.28 35.68 -0.36
N TYR A 260 -0.17 35.08 -1.55
CA TYR A 260 0.31 33.71 -1.65
C TYR A 260 1.80 33.63 -1.24
N THR A 261 2.57 34.67 -1.52
CA THR A 261 3.96 34.76 -1.07
C THR A 261 4.02 34.84 0.46
N LYS A 262 3.15 35.63 1.09
CA LYS A 262 3.09 35.70 2.57
C LYS A 262 2.74 34.33 3.17
N MET A 263 1.79 33.62 2.52
CA MET A 263 1.40 32.28 2.94
C MET A 263 2.56 31.30 2.93
N VAL A 264 3.30 31.26 1.84
CA VAL A 264 4.44 30.36 1.78
C VAL A 264 5.60 30.80 2.72
N SER A 265 5.78 32.10 2.93
CA SER A 265 6.78 32.58 3.89
C SER A 265 6.49 32.16 5.34
N LYS A 266 5.22 32.09 5.73
CA LYS A 266 4.88 31.54 7.05
C LYS A 266 5.29 30.09 7.22
N GLN A 267 5.12 29.31 6.14
CA GLN A 267 5.57 27.93 6.10
C GLN A 267 7.09 27.82 6.12
N VAL A 268 7.78 28.70 5.40
CA VAL A 268 9.26 28.75 5.50
C VAL A 268 9.71 28.97 6.95
N ASP A 269 9.04 29.90 7.62
CA ASP A 269 9.25 30.18 9.06
C ASP A 269 9.11 28.90 9.89
N SER A 270 8.02 28.16 9.66
CA SER A 270 7.81 26.89 10.39
C SER A 270 8.90 25.88 10.14
N VAL A 271 9.31 25.76 8.88
CA VAL A 271 10.39 24.88 8.49
C VAL A 271 11.71 25.28 9.17
N LEU A 272 12.01 26.56 9.18
CA LEU A 272 13.25 27.05 9.84
C LEU A 272 13.23 26.84 11.36
N LYS A 273 12.06 27.03 11.99
CA LYS A 273 11.91 26.75 13.41
C LYS A 273 12.22 25.29 13.74
N ALA A 274 11.76 24.38 12.87
CA ALA A 274 12.02 22.97 13.04
C ALA A 274 13.52 22.70 12.86
N LEU A 275 14.10 23.27 11.82
CA LEU A 275 15.56 23.13 11.57
C LEU A 275 16.38 23.51 12.78
N TYR A 276 16.11 24.68 13.35
CA TYR A 276 16.92 25.18 14.46
C TYR A 276 16.45 24.69 15.82
N SER A 277 15.51 23.76 15.85
CA SER A 277 15.05 23.13 17.07
C SER A 277 15.98 22.03 17.54
N THR A 278 16.93 21.61 16.71
CA THR A 278 17.94 20.65 17.17
C THR A 278 19.32 21.18 16.85
N PRO A 279 20.36 20.54 17.43
CA PRO A 279 21.72 20.99 17.12
C PRO A 279 22.13 20.79 15.64
N ALA A 280 21.38 20.02 14.87
CA ALA A 280 21.61 19.93 13.43
C ALA A 280 21.49 21.28 12.70
N GLY A 281 20.62 22.17 13.18
CA GLY A 281 20.35 23.46 12.54
C GLY A 281 21.55 24.35 12.27
N ARG A 282 22.35 24.59 13.30
CA ARG A 282 23.55 25.44 13.17
C ARG A 282 24.62 24.85 12.25
N ASN A 283 24.56 23.55 12.03
CA ASN A 283 25.41 22.85 11.04
CA ASN A 283 25.41 22.89 11.03
C ASN A 283 24.77 22.78 9.64
N THR A 284 23.72 23.57 9.36
CA THR A 284 23.01 23.47 8.10
C THR A 284 23.13 24.71 7.22
N ILE A 285 23.50 24.49 5.95
CA ILE A 285 23.52 25.52 4.94
C ILE A 285 22.12 25.57 4.32
N VAL A 286 21.53 26.75 4.32
CA VAL A 286 20.18 26.99 3.80
C VAL A 286 20.29 27.72 2.50
N VAL A 287 19.63 27.22 1.47
CA VAL A 287 19.51 27.87 0.17
C VAL A 287 18.02 28.15 -0.11
N ILE A 288 17.70 29.37 -0.58
CA ILE A 288 16.33 29.76 -0.92
C ILE A 288 16.36 30.23 -2.38
N MET A 289 15.51 29.64 -3.21
CA MET A 289 15.47 29.98 -4.63
C MET A 289 14.08 29.73 -5.22
N ALA A 290 13.95 29.96 -6.51
CA ALA A 290 12.72 29.67 -7.23
C ALA A 290 13.08 29.00 -8.56
N ASP A 291 12.15 28.18 -9.08
CA ASP A 291 12.39 27.53 -10.37
C ASP A 291 12.23 28.55 -11.54
N HIS A 292 11.42 29.58 -11.33
CA HIS A 292 11.24 30.71 -12.23
C HIS A 292 10.38 31.71 -11.51
N GLY A 293 10.24 32.87 -12.11
CA GLY A 293 9.47 33.96 -11.52
C GLY A 293 8.07 34.07 -12.08
N ASP A 294 7.59 35.30 -12.14
CA ASP A 294 6.19 35.63 -12.47
C ASP A 294 6.22 37.03 -13.09
N GLY A 295 5.45 37.26 -14.14
CA GLY A 295 5.33 38.59 -14.74
C GLY A 295 5.03 39.73 -13.79
N MET A 296 4.17 39.47 -12.79
CA MET A 296 3.70 40.47 -11.82
C MET A 296 3.18 41.78 -12.52
N ALA A 297 2.54 41.59 -13.65
CA ALA A 297 2.00 42.67 -14.53
C ALA A 297 3.03 43.50 -15.31
N SER A 298 4.31 43.22 -15.15
CA SER A 298 5.31 43.86 -15.96
C SER A 298 5.12 43.43 -17.40
N HIS A 299 5.21 44.37 -18.33
CA HIS A 299 4.93 44.13 -19.76
C HIS A 299 3.55 43.52 -20.03
N ARG A 300 2.60 43.88 -19.17
CA ARG A 300 1.23 43.34 -19.14
C ARG A 300 1.14 41.85 -18.84
N MET A 301 2.25 41.25 -18.44
CA MET A 301 2.36 39.79 -18.38
C MET A 301 1.86 39.22 -17.05
N VAL A 302 1.17 38.08 -17.14
CA VAL A 302 0.84 37.25 -15.98
C VAL A 302 1.56 35.90 -16.11
N THR A 303 1.93 35.34 -14.96
CA THR A 303 2.70 34.06 -14.87
C THR A 303 3.95 34.02 -15.76
N LYS A 304 4.06 33.03 -16.64
CA LYS A 304 5.30 32.75 -17.38
C LYS A 304 4.94 31.98 -18.65
N HIS A 305 5.57 32.39 -19.74
CA HIS A 305 5.39 31.78 -21.08
C HIS A 305 6.14 32.63 -22.10
N ILE A 306 7.05 32.00 -22.84
CA ILE A 306 7.76 32.60 -23.98
C ILE A 306 8.77 33.68 -23.64
N SER A 307 8.39 34.70 -22.89
CA SER A 307 9.28 35.88 -22.72
C SER A 307 10.36 35.67 -21.66
N PHE A 308 11.41 36.50 -21.71
CA PHE A 308 12.60 36.28 -20.91
C PHE A 308 12.90 37.43 -19.94
N TYR A 309 11.91 38.26 -19.68
CA TYR A 309 12.07 39.48 -18.88
C TYR A 309 12.44 39.06 -17.49
N ASP A 310 13.19 39.94 -16.82
CA ASP A 310 13.79 39.63 -15.53
C ASP A 310 12.81 39.10 -14.47
N GLU A 311 11.59 39.60 -14.51
CA GLU A 311 10.62 39.22 -13.52
C GLU A 311 10.47 37.70 -13.53
N MET A 312 10.58 37.07 -14.70
CA MET A 312 10.38 35.66 -14.81
C MET A 312 11.67 34.85 -14.83
N THR A 313 12.73 35.41 -15.34
CA THR A 313 13.99 34.64 -15.48
C THR A 313 15.04 34.87 -14.40
N ASN A 314 14.96 36.00 -13.70
CA ASN A 314 15.98 36.36 -12.72
C ASN A 314 15.44 36.19 -11.32
N VAL A 315 15.81 35.08 -10.68
CA VAL A 315 15.12 34.58 -9.50
C VAL A 315 15.88 34.91 -8.21
N PRO A 316 15.21 34.78 -7.05
CA PRO A 316 15.92 34.93 -5.77
C PRO A 316 16.90 33.76 -5.65
N PHE A 317 18.07 34.01 -5.12
CA PHE A 317 19.09 32.99 -5.00
C PHE A 317 19.93 33.38 -3.76
N ILE A 318 19.67 32.68 -2.66
CA ILE A 318 20.11 33.11 -1.33
C ILE A 318 20.74 31.95 -0.61
N PHE A 319 21.90 32.20 0.01
CA PHE A 319 22.63 31.21 0.78
C PHE A 319 23.00 31.75 2.15
N ALA A 320 22.91 30.89 3.16
CA ALA A 320 23.44 31.24 4.49
C ALA A 320 23.77 29.97 5.22
N GLY A 321 24.69 30.04 6.18
CA GLY A 321 25.02 28.89 6.99
C GLY A 321 26.48 28.83 7.42
N PRO A 322 26.88 27.71 8.05
CA PRO A 322 28.26 27.62 8.55
C PRO A 322 29.29 27.68 7.42
N GLY A 323 30.29 28.53 7.59
CA GLY A 323 31.32 28.73 6.58
C GLY A 323 30.97 29.73 5.50
N ILE A 324 29.76 30.27 5.50
CA ILE A 324 29.31 31.23 4.50
C ILE A 324 29.36 32.62 5.12
N LYS A 325 30.12 33.52 4.50
CA LYS A 325 30.37 34.83 5.08
C LYS A 325 29.22 35.75 4.76
N GLN A 326 28.74 36.47 5.76
CA GLN A 326 27.65 37.45 5.59
C GLN A 326 28.12 38.58 4.67
N GLN A 327 27.28 38.98 3.72
CA GLN A 327 27.49 40.18 2.92
C GLN A 327 26.24 41.03 2.92
N LYS A 328 26.36 42.27 3.35
CA LYS A 328 25.21 43.17 3.41
C LYS A 328 24.71 43.53 2.03
N LYS A 329 25.61 43.81 1.10
CA LYS A 329 25.19 44.21 -0.25
C LYS A 329 24.95 42.97 -1.09
N PRO A 330 23.92 42.98 -1.92
CA PRO A 330 23.76 41.87 -2.89
C PRO A 330 24.95 41.76 -3.83
N VAL A 331 25.32 40.54 -4.19
CA VAL A 331 26.46 40.34 -5.09
C VAL A 331 25.97 40.67 -6.49
N ASP A 332 26.48 41.75 -7.05
CA ASP A 332 26.08 42.16 -8.39
C ASP A 332 27.21 42.21 -9.42
N HIS A 333 28.41 41.80 -9.04
CA HIS A 333 29.53 41.79 -9.98
C HIS A 333 29.70 40.44 -10.70
N LEU A 334 28.80 39.47 -10.45
CA LEU A 334 28.84 38.14 -11.04
C LEU A 334 27.50 37.85 -11.71
N LEU A 335 27.60 37.14 -12.82
CA LEU A 335 26.45 36.58 -13.49
C LEU A 335 26.37 35.11 -13.05
N THR A 336 25.26 34.74 -12.45
CA THR A 336 25.05 33.37 -11.99
C THR A 336 23.89 32.73 -12.73
N GLN A 337 23.93 31.41 -12.74
CA GLN A 337 22.92 30.58 -13.41
C GLN A 337 22.61 29.43 -12.47
N PRO A 338 21.64 29.61 -11.56
CA PRO A 338 21.32 28.58 -10.57
C PRO A 338 21.09 27.21 -11.16
N THR A 339 20.45 27.17 -12.34
CA THR A 339 20.17 25.92 -13.01
C THR A 339 21.45 25.10 -13.19
N LEU A 340 22.57 25.77 -13.51
CA LEU A 340 23.86 25.07 -13.67
C LEU A 340 24.73 25.08 -12.43
N ASP A 341 24.69 26.17 -11.68
CA ASP A 341 25.67 26.44 -10.64
C ASP A 341 25.32 25.82 -9.28
N LEU A 342 24.04 25.48 -9.04
CA LEU A 342 23.69 24.93 -7.73
C LEU A 342 24.38 23.59 -7.46
N LEU A 343 24.35 22.70 -8.43
CA LEU A 343 24.95 21.40 -8.26
C LEU A 343 26.44 21.48 -7.86
N PRO A 344 27.29 22.18 -8.64
CA PRO A 344 28.71 22.22 -8.24
C PRO A 344 28.99 23.03 -6.97
N THR A 345 28.17 24.06 -6.68
CA THR A 345 28.31 24.86 -5.46
C THR A 345 28.06 23.99 -4.22
N LEU A 346 26.98 23.20 -4.25
CA LEU A 346 26.67 22.36 -3.13
C LEU A 346 27.70 21.23 -2.97
N CYS A 347 28.12 20.65 -4.10
CA CYS A 347 29.18 19.63 -4.05
C CYS A 347 30.46 20.19 -3.44
N ASP A 348 30.82 21.39 -3.84
CA ASP A 348 32.03 22.05 -3.34
C ASP A 348 31.91 22.29 -1.80
N LEU A 349 30.78 22.79 -1.34
CA LEU A 349 30.55 22.97 0.11
C LEU A 349 30.55 21.67 0.91
N ALA A 350 30.14 20.56 0.29
CA ALA A 350 30.09 19.27 0.96
C ALA A 350 31.40 18.49 0.82
N GLY A 351 32.35 18.99 0.05
CA GLY A 351 33.57 18.24 -0.26
C GLY A 351 33.34 17.00 -1.17
N ILE A 352 32.42 17.13 -2.13
CA ILE A 352 32.08 16.03 -3.06
C ILE A 352 32.62 16.39 -4.43
N ALA A 353 33.26 15.45 -5.11
CA ALA A 353 33.81 15.72 -6.44
C ALA A 353 32.71 15.88 -7.49
N VAL A 354 32.85 16.87 -8.37
CA VAL A 354 31.88 17.16 -9.42
C VAL A 354 32.35 16.48 -10.71
N PRO A 355 31.47 15.70 -11.36
CA PRO A 355 31.83 15.15 -12.68
C PRO A 355 32.29 16.25 -13.65
N ALA A 356 33.35 15.96 -14.42
CA ALA A 356 33.92 16.97 -15.32
C ALA A 356 32.97 17.52 -16.38
N GLU A 357 32.00 16.72 -16.83
CA GLU A 357 31.06 17.20 -17.86
C GLU A 357 30.11 18.33 -17.40
N LYS A 358 29.94 18.54 -16.11
CA LYS A 358 28.99 19.59 -15.66
C LYS A 358 29.57 20.98 -15.94
N ALA A 359 28.76 21.85 -16.54
CA ALA A 359 29.18 23.14 -17.04
C ALA A 359 29.00 24.30 -16.03
N GLY A 360 28.39 24.02 -14.89
CA GLY A 360 28.23 25.06 -13.88
C GLY A 360 29.55 25.41 -13.21
N ILE A 361 29.52 26.55 -12.52
CA ILE A 361 30.66 27.06 -11.81
C ILE A 361 30.26 27.16 -10.35
N SER A 362 31.02 26.51 -9.47
CA SER A 362 30.84 26.65 -8.04
C SER A 362 30.98 28.09 -7.55
N LEU A 363 29.99 28.55 -6.82
CA LEU A 363 30.03 29.83 -6.12
C LEU A 363 30.60 29.76 -4.72
N ALA A 364 31.09 28.59 -4.31
CA ALA A 364 31.63 28.45 -2.97
C ALA A 364 32.76 29.45 -2.59
N PRO A 365 33.62 29.83 -3.55
CA PRO A 365 34.61 30.90 -3.26
C PRO A 365 33.97 32.22 -2.82
N THR A 366 32.96 32.68 -3.57
CA THR A 366 32.25 33.89 -3.19
C THR A 366 31.59 33.70 -1.83
N LEU A 367 30.97 32.56 -1.63
CA LEU A 367 30.26 32.29 -0.35
C LEU A 367 31.23 32.27 0.82
N ARG A 368 32.45 31.79 0.60
CA ARG A 368 33.50 31.76 1.63
C ARG A 368 34.23 33.10 1.87
N GLY A 369 33.96 34.12 1.08
CA GLY A 369 34.71 35.35 1.10
C GLY A 369 36.05 35.33 0.38
N GLU A 370 36.29 34.33 -0.49
CA GLU A 370 37.56 34.19 -1.26
C GLU A 370 37.38 34.79 -2.66
N LYS A 371 38.47 34.90 -3.43
CA LYS A 371 38.38 35.41 -4.78
C LYS A 371 37.65 34.39 -5.66
N GLN A 372 36.66 34.86 -6.39
CA GLN A 372 35.95 34.04 -7.38
C GLN A 372 36.74 34.11 -8.69
N LYS A 373 37.65 33.18 -8.88
CA LYS A 373 38.52 33.16 -10.05
C LYS A 373 37.83 32.78 -11.34
N LYS A 374 36.88 31.83 -11.26
CA LYS A 374 36.07 31.46 -12.40
C LYS A 374 34.67 32.07 -12.32
N SER A 375 34.22 32.67 -13.44
CA SER A 375 32.90 33.24 -13.54
C SER A 375 32.34 33.14 -14.97
N HIS A 376 31.01 33.18 -15.06
CA HIS A 376 30.33 33.11 -16.35
C HIS A 376 30.45 34.46 -17.03
N PRO A 377 30.96 34.50 -18.30
CA PRO A 377 31.00 35.78 -19.02
C PRO A 377 29.61 36.19 -19.51
N TYR A 378 28.70 35.22 -19.57
CA TYR A 378 27.31 35.46 -19.83
C TYR A 378 26.51 34.28 -19.32
N VAL A 379 25.22 34.48 -19.18
CA VAL A 379 24.32 33.37 -18.86
C VAL A 379 23.12 33.37 -19.82
N VAL A 380 22.41 32.26 -19.85
CA VAL A 380 21.46 31.95 -20.93
C VAL A 380 20.13 31.40 -20.41
N SER A 381 19.06 31.68 -21.14
CA SER A 381 17.77 31.01 -20.90
C SER A 381 17.22 30.51 -22.24
N GLU A 382 16.39 29.46 -22.16
CA GLU A 382 15.78 28.84 -23.34
C GLU A 382 14.24 28.80 -23.27
N TRP A 383 13.59 28.95 -24.41
CA TRP A 383 12.18 28.63 -24.56
C TRP A 383 12.02 27.64 -25.74
N HIS A 384 11.06 26.73 -25.61
CA HIS A 384 10.74 25.79 -26.70
C HIS A 384 9.20 25.73 -26.86
N SER A 385 8.50 25.15 -25.91
CA SER A 385 7.02 25.12 -25.92
C SER A 385 6.55 24.89 -24.50
N GLU A 386 5.26 25.07 -24.25
CA GLU A 386 4.68 24.72 -22.94
C GLU A 386 4.01 23.35 -23.00
N TYR A 387 3.07 23.20 -23.94
CA TYR A 387 2.34 21.92 -24.11
C TYR A 387 2.23 21.52 -25.57
N GLU A 388 3.14 22.00 -26.41
CA GLU A 388 3.14 21.73 -27.86
C GLU A 388 1.91 22.23 -28.64
N TYR A 389 1.11 23.13 -28.09
CA TYR A 389 0.15 23.84 -28.94
C TYR A 389 0.89 24.75 -29.91
N VAL A 390 1.82 25.52 -29.37
CA VAL A 390 2.66 26.40 -30.16
C VAL A 390 4.12 26.12 -29.76
N THR A 391 4.97 25.84 -30.76
CA THR A 391 6.40 25.60 -30.56
C THR A 391 7.11 26.75 -31.22
N THR A 392 7.73 27.61 -30.40
CA THR A 392 8.32 28.82 -30.91
C THR A 392 9.62 29.07 -30.18
N PRO A 393 10.68 28.34 -30.57
CA PRO A 393 11.92 28.39 -29.82
C PRO A 393 12.61 29.74 -29.80
N GLY A 394 13.26 30.03 -28.68
CA GLY A 394 14.00 31.28 -28.46
C GLY A 394 15.09 31.11 -27.44
N ARG A 395 15.98 32.09 -27.40
CA ARG A 395 17.13 32.06 -26.53
C ARG A 395 17.38 33.45 -26.02
N MET A 396 17.82 33.53 -24.76
CA MET A 396 18.21 34.74 -24.08
C MET A 396 19.68 34.64 -23.71
N VAL A 397 20.42 35.71 -23.95
CA VAL A 397 21.78 35.87 -23.48
C VAL A 397 21.88 37.16 -22.66
N ARG A 398 22.13 37.00 -21.36
CA ARG A 398 22.44 38.09 -20.46
C ARG A 398 23.96 38.20 -20.35
N GLY A 399 24.51 39.26 -20.91
CA GLY A 399 25.91 39.64 -20.67
C GLY A 399 26.01 40.52 -19.45
N PRO A 400 27.22 41.05 -19.17
CA PRO A 400 27.44 41.91 -18.00
C PRO A 400 26.51 43.12 -17.90
N ARG A 401 26.20 43.73 -19.04
CA ARG A 401 25.39 44.92 -19.08
C ARG A 401 24.08 44.78 -19.88
N TYR A 402 24.10 44.10 -21.03
CA TYR A 402 22.92 44.00 -21.88
C TYR A 402 22.30 42.61 -21.83
N LYS A 403 20.99 42.55 -22.03
CA LYS A 403 20.29 41.31 -22.31
C LYS A 403 19.85 41.30 -23.78
N TYR A 404 20.13 40.16 -24.44
CA TYR A 404 19.78 39.95 -25.82
C TYR A 404 18.80 38.79 -25.87
N THR A 405 17.76 38.90 -26.70
CA THR A 405 16.90 37.75 -26.98
C THR A 405 16.78 37.52 -28.48
N HIS A 406 16.57 36.27 -28.87
CA HIS A 406 16.35 35.89 -30.25
C HIS A 406 15.21 34.86 -30.29
N TYR A 407 14.32 34.99 -31.26
CA TYR A 407 13.31 33.95 -31.55
C TYR A 407 13.38 33.61 -33.03
N LEU A 408 13.43 32.31 -33.30
CA LEU A 408 13.32 31.74 -34.64
C LEU A 408 12.13 32.27 -35.43
N GLU A 409 10.97 32.38 -34.79
CA GLU A 409 9.76 32.85 -35.45
C GLU A 409 9.89 34.34 -35.77
N GLY A 410 10.11 34.60 -37.07
CA GLY A 410 10.35 35.96 -37.56
C GLY A 410 11.74 36.51 -37.35
N ASN A 411 12.69 35.70 -36.88
CA ASN A 411 14.01 36.17 -36.43
C ASN A 411 13.90 37.44 -35.59
N GLY A 412 12.95 37.46 -34.67
CA GLY A 412 12.76 38.60 -33.78
C GLY A 412 13.88 38.69 -32.77
N GLU A 413 14.24 39.92 -32.42
CA GLU A 413 15.32 40.16 -31.46
C GLU A 413 14.94 41.27 -30.48
N GLU A 414 15.45 41.12 -29.27
CA GLU A 414 15.43 42.21 -28.31
C GLU A 414 16.81 42.49 -27.77
N LEU A 415 17.00 43.72 -27.30
CA LEU A 415 18.24 44.15 -26.71
C LEU A 415 17.93 45.25 -25.70
N TYR A 416 18.30 45.00 -24.46
CA TYR A 416 17.99 45.90 -23.33
C TYR A 416 19.27 46.22 -22.57
N ASP A 417 19.48 47.51 -22.31
CA ASP A 417 20.49 47.97 -21.39
C ASP A 417 20.00 47.76 -19.93
N MET A 418 20.52 46.76 -19.25
CA MET A 418 20.05 46.41 -17.91
C MET A 418 20.54 47.39 -16.84
N LYS A 419 21.53 48.22 -17.16
CA LYS A 419 22.00 49.24 -16.24
C LYS A 419 21.07 50.46 -16.29
N LYS A 420 20.84 51.01 -17.46
CA LYS A 420 20.01 52.18 -17.58
C LYS A 420 18.51 51.90 -17.69
N ASP A 421 18.13 50.69 -18.12
CA ASP A 421 16.74 50.32 -18.33
C ASP A 421 16.48 48.93 -17.71
N PRO A 422 16.63 48.81 -16.38
CA PRO A 422 16.41 47.50 -15.70
C PRO A 422 15.02 46.94 -15.88
N GLY A 423 14.03 47.81 -16.15
CA GLY A 423 12.67 47.39 -16.45
C GLY A 423 12.44 46.90 -17.87
N GLU A 424 13.45 46.96 -18.73
CA GLU A 424 13.36 46.44 -20.12
C GLU A 424 12.20 47.06 -20.90
N ARG A 425 12.08 48.37 -20.78
CA ARG A 425 11.03 49.14 -21.44
C ARG A 425 11.38 49.58 -22.89
N LYS A 426 12.67 49.66 -23.23
CA LYS A 426 13.11 50.19 -24.54
C LYS A 426 13.94 49.16 -25.30
N ASN A 427 13.32 48.43 -26.20
CA ASN A 427 14.09 47.50 -27.03
C ASN A 427 14.96 48.30 -28.00
N LEU A 428 16.26 48.02 -27.97
CA LEU A 428 17.29 48.73 -28.70
C LEU A 428 17.72 48.01 -29.97
N ALA A 429 17.08 46.90 -30.33
CA ALA A 429 17.58 46.05 -31.41
C ALA A 429 17.49 46.69 -32.80
N LYS A 430 16.44 47.46 -33.05
CA LYS A 430 16.28 48.13 -34.36
C LYS A 430 16.99 49.49 -34.45
N ASP A 431 17.64 49.94 -33.39
CA ASP A 431 18.34 51.24 -33.37
C ASP A 431 19.77 51.04 -33.92
N PRO A 432 20.12 51.68 -35.08
CA PRO A 432 21.47 51.54 -35.67
C PRO A 432 22.62 51.93 -34.76
N LYS A 433 22.42 52.88 -33.86
CA LYS A 433 23.47 53.21 -32.89
C LYS A 433 23.88 52.01 -32.03
N TYR A 434 22.99 51.04 -31.84
CA TYR A 434 23.29 49.84 -31.02
C TYR A 434 23.67 48.61 -31.85
N SER A 435 23.79 48.77 -33.18
CA SER A 435 24.05 47.66 -34.08
C SER A 435 25.31 46.85 -33.72
N LYS A 436 26.36 47.49 -33.21
CA LYS A 436 27.58 46.80 -32.76
C LYS A 436 27.42 46.02 -31.44
N ILE A 437 26.63 46.59 -30.53
CA ILE A 437 26.28 45.89 -29.29
C ILE A 437 25.40 44.67 -29.63
N LEU A 438 24.43 44.87 -30.52
CA LEU A 438 23.56 43.78 -30.96
C LEU A 438 24.39 42.64 -31.56
N ALA A 439 25.30 42.98 -32.48
CA ALA A 439 26.19 41.98 -33.10
C ALA A 439 27.02 41.23 -32.07
N GLU A 440 27.53 41.97 -31.10
CA GLU A 440 28.37 41.44 -30.02
C GLU A 440 27.63 40.37 -29.15
N HIS A 441 26.33 40.58 -28.93
CA HIS A 441 25.54 39.62 -28.12
C HIS A 441 25.05 38.42 -28.96
N ARG A 442 24.71 38.68 -30.23
CA ARG A 442 24.53 37.61 -31.22
C ARG A 442 25.71 36.67 -31.22
N ALA A 443 26.90 37.24 -31.09
CA ALA A 443 28.10 36.43 -30.99
C ALA A 443 28.23 35.59 -29.72
N LEU A 444 27.72 36.09 -28.60
CA LEU A 444 27.66 35.29 -27.37
C LEU A 444 26.74 34.08 -27.59
N LEU A 445 25.61 34.26 -28.28
CA LEU A 445 24.73 33.14 -28.57
C LEU A 445 25.43 32.10 -29.46
N ASP A 446 26.17 32.57 -30.48
CA ASP A 446 26.96 31.65 -31.32
C ASP A 446 27.95 30.83 -30.48
N ASP A 447 28.63 31.48 -29.56
CA ASP A 447 29.53 30.78 -28.69
C ASP A 447 28.79 29.73 -27.82
N TYR A 448 27.68 30.14 -27.23
CA TYR A 448 26.87 29.20 -26.42
C TYR A 448 26.45 27.94 -27.22
N ILE A 449 25.97 28.18 -28.43
CA ILE A 449 25.50 27.09 -29.31
C ILE A 449 26.61 26.09 -29.53
N THR A 450 27.81 26.61 -29.83
CA THR A 450 28.96 25.78 -30.06
C THR A 450 29.36 25.03 -28.83
N ARG A 451 29.64 25.72 -27.74
CA ARG A 451 30.10 25.05 -26.54
C ARG A 451 29.09 24.13 -25.81
N SER A 452 27.79 24.40 -25.92
CA SER A 452 26.77 23.60 -25.29
C SER A 452 26.16 22.57 -26.23
N LYS A 453 26.54 22.59 -27.51
CA LYS A 453 25.96 21.69 -28.52
C LYS A 453 24.46 21.89 -28.63
N ASP A 454 24.05 23.15 -28.76
CA ASP A 454 22.67 23.50 -28.85
C ASP A 454 22.25 23.23 -30.29
N ASP A 455 21.09 22.59 -30.46
CA ASP A 455 20.47 22.35 -31.78
C ASP A 455 19.54 23.49 -32.22
N TYR A 456 19.56 24.62 -31.48
CA TYR A 456 18.67 25.76 -31.73
C TYR A 456 18.49 26.11 -33.21
N ARG A 457 19.60 26.29 -33.92
CA ARG A 457 19.54 26.78 -35.32
C ARG A 457 18.75 25.83 -36.25
N SER A 458 18.74 24.54 -35.92
CA SER A 458 17.97 23.50 -36.65
C SER A 458 16.50 23.31 -36.30
N LEU A 459 16.02 23.94 -35.23
CA LEU A 459 14.65 23.70 -34.76
C LEU A 459 13.58 24.30 -35.63
N LYS A 460 12.39 23.72 -35.60
CA LYS A 460 11.25 24.13 -36.45
C LYS A 460 10.25 24.93 -35.62
N VAL A 461 9.71 26.01 -36.20
CA VAL A 461 8.59 26.74 -35.61
C VAL A 461 7.28 26.04 -36.00
N ASP A 462 6.37 25.87 -35.03
CA ASP A 462 5.00 25.38 -35.27
C ASP A 462 4.03 26.37 -34.62
N ALA A 463 3.55 27.31 -35.41
CA ALA A 463 2.73 28.39 -34.85
C ALA A 463 1.58 28.66 -35.78
N ASP A 464 0.42 28.11 -35.45
CA ASP A 464 -0.76 28.30 -36.28
C ASP A 464 -1.07 29.78 -36.50
N PRO A 465 -1.27 30.20 -37.78
CA PRO A 465 -1.50 31.62 -38.02
C PRO A 465 -2.82 32.17 -37.39
N ARG A 466 -3.75 31.31 -37.02
CA ARG A 466 -4.93 31.75 -36.23
C ARG A 466 -4.57 32.30 -34.83
N CYS A 467 -3.37 31.97 -34.36
CA CYS A 467 -2.79 32.54 -33.12
C CYS A 467 -1.88 33.75 -33.33
N ARG A 468 -1.98 34.36 -34.52
CA ARG A 468 -1.16 35.49 -34.89
C ARG A 468 -2.06 36.42 -35.73
N ASN A 469 -3.35 36.48 -35.38
CA ASN A 469 -4.42 36.97 -36.26
C ASN A 469 -5.28 38.05 -35.57
N HIS A 470 -4.61 39.08 -35.11
CA HIS A 470 -5.25 40.31 -34.64
C HIS A 470 -4.12 41.31 -34.53
N THR A 471 -4.48 42.57 -34.33
CA THR A 471 -3.49 43.65 -34.20
C THR A 471 -2.56 43.29 -33.02
N PRO A 472 -1.23 43.46 -33.18
CA PRO A 472 -0.35 42.97 -32.12
C PRO A 472 -0.69 43.54 -30.72
N GLY A 473 -0.58 42.70 -29.69
CA GLY A 473 -0.71 43.16 -28.32
C GLY A 473 -1.92 42.62 -27.64
N TYR A 474 -1.80 42.45 -26.33
CA TYR A 474 -2.80 41.67 -25.58
C TYR A 474 -4.17 42.37 -25.52
N PRO A 475 -4.22 43.73 -25.37
CA PRO A 475 -5.53 44.40 -25.34
C PRO A 475 -6.35 44.21 -26.62
N SER A 476 -5.70 43.99 -27.75
CA SER A 476 -6.42 43.73 -29.00
C SER A 476 -6.76 42.25 -29.23
N HIS A 477 -6.46 41.37 -28.26
CA HIS A 477 -6.76 39.95 -28.41
C HIS A 477 -8.25 39.69 -28.61
N GLU A 478 -8.57 38.86 -29.60
CA GLU A 478 -9.93 38.40 -29.90
C GLU A 478 -9.91 36.87 -29.88
N GLY A 479 -10.97 36.25 -29.37
CA GLY A 479 -11.17 34.80 -29.52
C GLY A 479 -10.70 33.99 -28.32
N PRO A 480 -10.81 32.66 -28.41
CA PRO A 480 -10.52 31.82 -27.22
C PRO A 480 -9.05 31.36 -27.00
N GLY A 481 -8.12 31.66 -27.90
CA GLY A 481 -6.72 31.21 -27.71
C GLY A 481 -6.43 29.78 -28.13
N ALA A 482 -5.13 29.46 -28.20
CA ALA A 482 -4.62 28.26 -28.85
C ALA A 482 -5.20 26.94 -28.34
N ARG A 483 -5.25 26.77 -27.01
CA ARG A 483 -5.76 25.52 -26.38
C ARG A 483 -7.21 25.22 -26.78
N GLU A 484 -7.99 26.24 -27.12
CA GLU A 484 -9.38 26.05 -27.57
C GLU A 484 -9.52 25.69 -29.05
N ILE A 485 -8.61 26.12 -29.93
CA ILE A 485 -8.72 25.83 -31.39
C ILE A 485 -7.72 24.84 -31.98
N ARG B 19 30.09 -44.35 16.15
CA ARG B 19 29.48 -43.36 15.20
C ARG B 19 28.99 -44.04 13.91
N GLN B 20 29.91 -44.52 13.06
CA GLN B 20 29.56 -45.07 11.72
C GLN B 20 28.44 -46.14 11.70
N GLN B 21 28.47 -47.07 12.68
CA GLN B 21 27.39 -48.07 12.87
C GLN B 21 26.08 -47.58 13.57
N GLU B 22 26.07 -46.35 14.13
CA GLU B 22 24.86 -45.73 14.76
C GLU B 22 24.06 -44.96 13.70
N LYS B 23 23.11 -45.63 13.07
CA LYS B 23 22.52 -45.10 11.84
C LYS B 23 21.31 -44.21 12.19
N PRO B 24 21.02 -43.21 11.36
CA PRO B 24 19.80 -42.43 11.63
C PRO B 24 18.54 -43.13 11.12
N ASN B 25 17.39 -42.79 11.69
CA ASN B 25 16.10 -43.17 11.10
C ASN B 25 15.68 -42.10 10.11
N PHE B 26 14.71 -42.40 9.25
CA PHE B 26 14.18 -41.44 8.29
C PHE B 26 12.66 -41.44 8.35
N LEU B 27 12.07 -40.25 8.36
CA LEU B 27 10.63 -40.06 8.23
C LEU B 27 10.45 -39.09 7.07
N ILE B 28 9.82 -39.58 6.02
CA ILE B 28 9.55 -38.79 4.82
C ILE B 28 8.05 -38.52 4.79
N ILE B 29 7.69 -37.24 4.83
CA ILE B 29 6.30 -36.84 4.79
C ILE B 29 6.07 -36.16 3.46
N GLN B 30 5.15 -36.69 2.68
CA GLN B 30 4.85 -36.16 1.36
C GLN B 30 3.36 -35.90 1.27
N CYS B 31 3.02 -34.71 0.78
CA CYS B 31 1.66 -34.20 0.73
C CYS B 31 1.34 -33.86 -0.71
N ASP B 32 0.26 -34.43 -1.22
CA ASP B 32 -0.15 -34.30 -2.62
C ASP B 32 -0.72 -32.91 -2.87
N HIS B 33 -0.21 -32.21 -3.88
CA HIS B 33 -0.57 -30.80 -4.24
C HIS B 33 0.07 -29.71 -3.38
N LEU B 34 0.87 -30.04 -2.38
CA LEU B 34 1.37 -29.00 -1.48
C LEU B 34 2.35 -28.09 -2.23
N THR B 35 2.23 -26.79 -2.01
CA THR B 35 3.00 -25.78 -2.75
C THR B 35 3.93 -25.01 -1.85
N GLN B 36 4.99 -24.46 -2.44
CA GLN B 36 5.82 -23.52 -1.71
C GLN B 36 5.01 -22.31 -1.19
N ARG B 37 4.12 -21.79 -2.03
CA ARG B 37 3.38 -20.56 -1.65
C ARG B 37 2.62 -20.71 -0.33
N VAL B 38 2.02 -21.88 -0.11
CA VAL B 38 1.23 -22.10 1.08
C VAL B 38 2.06 -22.45 2.34
N VAL B 39 3.30 -22.89 2.15
CA VAL B 39 4.19 -23.29 3.25
C VAL B 39 4.90 -22.04 3.79
N GLY B 40 4.62 -21.70 5.04
CA GLY B 40 5.13 -20.47 5.67
C GLY B 40 6.64 -20.30 5.67
N ALA B 41 7.37 -21.42 5.73
CA ALA B 41 8.82 -21.40 5.65
C ALA B 41 9.34 -20.72 4.40
N TYR B 42 8.56 -20.77 3.33
CA TYR B 42 8.92 -20.13 2.08
C TYR B 42 8.56 -18.62 2.01
N GLY B 43 7.89 -18.09 3.03
CA GLY B 43 7.73 -16.64 3.21
C GLY B 43 6.59 -15.90 2.51
N GLN B 44 5.61 -16.61 1.92
CA GLN B 44 4.51 -15.95 1.17
C GLN B 44 3.15 -15.97 1.87
N THR B 45 2.86 -17.02 2.61
CA THR B 45 1.55 -17.21 3.25
C THR B 45 1.85 -17.55 4.71
N GLN B 46 1.18 -16.87 5.64
CA GLN B 46 1.28 -17.18 7.09
C GLN B 46 0.12 -18.08 7.51
N GLY B 47 0.43 -19.01 8.41
CA GLY B 47 -0.56 -19.67 9.22
C GLY B 47 -1.15 -20.98 8.72
N CYS B 48 -0.75 -21.49 7.54
CA CYS B 48 -1.31 -22.76 7.04
C CYS B 48 -0.53 -24.01 7.37
N THR B 49 0.75 -23.87 7.73
CA THR B 49 1.66 -25.01 7.87
C THR B 49 2.64 -24.86 9.05
N LEU B 50 2.14 -24.42 10.21
CA LEU B 50 3.03 -24.16 11.37
CA LEU B 50 3.02 -24.15 11.35
C LEU B 50 3.91 -25.35 11.73
N PRO B 51 3.34 -26.57 11.79
CA PRO B 51 4.21 -27.70 12.15
C PRO B 51 5.33 -28.00 11.16
N ILE B 52 5.08 -27.77 9.88
CA ILE B 52 6.09 -27.95 8.84
C ILE B 52 7.16 -26.84 8.94
N ASP B 53 6.70 -25.62 9.21
CA ASP B 53 7.62 -24.49 9.39
C ASP B 53 8.56 -24.70 10.57
N GLU B 54 8.05 -25.34 11.61
CA GLU B 54 8.89 -25.63 12.77
C GLU B 54 10.02 -26.62 12.45
N VAL B 55 9.73 -27.63 11.61
CA VAL B 55 10.77 -28.55 11.11
C VAL B 55 11.77 -27.76 10.28
N ALA B 56 11.24 -26.98 9.33
CA ALA B 56 12.09 -26.15 8.51
C ALA B 56 13.03 -25.26 9.32
N SER B 57 12.54 -24.66 10.41
CA SER B 57 13.38 -23.80 11.26
C SER B 57 14.55 -24.53 11.91
N ARG B 58 14.46 -25.84 12.07
CA ARG B 58 15.55 -26.66 12.63
C ARG B 58 16.53 -27.17 11.56
N GLY B 59 16.18 -27.02 10.28
CA GLY B 59 17.01 -27.55 9.22
C GLY B 59 17.19 -26.59 8.06
N VAL B 60 16.91 -27.11 6.85
CA VAL B 60 17.28 -26.50 5.59
C VAL B 60 16.09 -26.63 4.63
N ILE B 61 15.78 -25.55 3.91
CA ILE B 61 14.80 -25.61 2.81
C ILE B 61 15.45 -25.20 1.48
N PHE B 62 15.01 -25.83 0.39
CA PHE B 62 15.50 -25.56 -0.94
C PHE B 62 14.49 -24.74 -1.72
N SER B 63 14.93 -23.59 -2.24
CA SER B 63 14.08 -22.70 -3.06
C SER B 63 13.75 -23.28 -4.45
N ASN B 64 14.69 -24.05 -5.01
CA ASN B 64 14.58 -24.57 -6.39
C ASN B 64 14.59 -26.07 -6.32
N ALA B 65 13.40 -26.64 -6.36
CA ALA B 65 13.17 -28.05 -6.13
C ALA B 65 12.14 -28.58 -7.09
N TYR B 66 12.61 -28.90 -8.30
CA TYR B 66 11.69 -29.21 -9.40
C TYR B 66 11.44 -30.69 -9.53
N VAL B 67 10.17 -31.04 -9.65
CA VAL B 67 9.76 -32.41 -9.83
C VAL B 67 9.81 -32.79 -11.33
N GLY B 68 9.97 -34.07 -11.58
CA GLY B 68 10.17 -34.57 -12.95
C GLY B 68 8.93 -34.58 -13.83
N CYS B 69 7.75 -34.39 -13.23
CA CYS B 69 6.48 -34.29 -13.95
C CYS B 69 5.43 -33.74 -12.99
N PRO B 70 4.61 -32.78 -13.41
CA PRO B 70 3.52 -32.28 -12.54
C PRO B 70 2.28 -33.19 -12.53
N LEU B 71 2.47 -34.42 -12.10
CA LEU B 71 1.36 -35.39 -12.06
C LEU B 71 1.79 -36.51 -11.14
N SER B 72 0.84 -37.04 -10.37
CA SER B 72 1.15 -37.94 -9.24
C SER B 72 1.82 -39.29 -9.62
N GLN B 73 1.22 -40.05 -10.54
CA GLN B 73 1.79 -41.36 -10.82
C GLN B 73 3.19 -41.25 -11.43
N PRO B 74 3.40 -40.37 -12.42
CA PRO B 74 4.76 -40.26 -12.97
C PRO B 74 5.78 -39.75 -11.97
N SER B 75 5.36 -38.80 -11.13
CA SER B 75 6.24 -38.20 -10.15
C SER B 75 6.66 -39.25 -9.13
N ARG B 76 5.71 -40.04 -8.64
CA ARG B 76 6.02 -41.05 -7.61
C ARG B 76 6.81 -42.26 -8.17
N ALA B 77 6.48 -42.72 -9.35
CA ALA B 77 7.23 -43.82 -9.97
C ALA B 77 8.70 -43.41 -10.20
N ALA B 78 8.88 -42.15 -10.60
CA ALA B 78 10.19 -41.58 -10.80
C ALA B 78 10.93 -41.30 -9.47
N LEU B 79 10.22 -40.71 -8.49
CA LEU B 79 10.79 -40.39 -7.19
C LEU B 79 11.41 -41.59 -6.45
N TRP B 80 10.65 -42.65 -6.26
CA TRP B 80 11.12 -43.70 -5.41
C TRP B 80 12.17 -44.61 -6.09
N SER B 81 12.30 -44.46 -7.42
CA SER B 81 13.33 -45.13 -8.21
C SER B 81 14.50 -44.21 -8.57
N GLY B 82 14.40 -42.92 -8.28
CA GLY B 82 15.43 -41.96 -8.61
C GLY B 82 15.74 -41.87 -10.10
N MET B 83 14.70 -41.91 -10.93
CA MET B 83 14.85 -41.81 -12.39
C MET B 83 13.89 -40.73 -12.92
N MET B 84 13.87 -40.51 -14.24
CA MET B 84 12.95 -39.57 -14.86
C MET B 84 11.78 -40.34 -15.52
N PRO B 85 10.66 -39.65 -15.78
CA PRO B 85 9.49 -40.38 -16.31
C PRO B 85 9.68 -41.12 -17.63
N HIS B 86 10.46 -40.58 -18.54
CA HIS B 86 10.69 -41.29 -19.79
C HIS B 86 11.51 -42.57 -19.58
N GLN B 87 12.23 -42.67 -18.46
CA GLN B 87 13.06 -43.85 -18.13
C GLN B 87 12.32 -44.92 -17.40
N THR B 88 11.41 -44.54 -16.47
CA THR B 88 10.50 -45.52 -15.90
C THR B 88 9.45 -46.01 -16.91
N ASN B 89 9.19 -45.16 -17.90
CA ASN B 89 8.08 -45.29 -18.84
CA ASN B 89 8.09 -45.32 -18.85
C ASN B 89 6.70 -45.26 -18.19
N VAL B 90 6.62 -44.64 -17.01
CA VAL B 90 5.32 -44.33 -16.38
C VAL B 90 5.13 -42.82 -16.61
N ARG B 91 4.38 -42.49 -17.67
CA ARG B 91 4.29 -41.14 -18.17
C ARG B 91 2.91 -40.50 -17.97
N SER B 92 1.96 -41.23 -17.45
CA SER B 92 0.61 -40.71 -17.26
C SER B 92 0.04 -41.35 -15.99
N ASN B 93 -1.21 -41.01 -15.64
CA ASN B 93 -1.92 -41.64 -14.53
C ASN B 93 -2.67 -42.95 -14.88
N SER B 94 -2.60 -43.41 -16.13
CA SER B 94 -3.34 -44.63 -16.49
C SER B 94 -2.75 -45.85 -15.81
N SER B 95 -3.61 -46.79 -15.46
CA SER B 95 -3.19 -48.06 -14.88
C SER B 95 -2.66 -48.99 -15.98
N GLU B 96 -2.25 -50.19 -15.58
CA GLU B 96 -1.91 -51.24 -16.56
C GLU B 96 -3.17 -51.61 -17.37
N PRO B 97 -3.01 -51.97 -18.64
CA PRO B 97 -1.70 -52.18 -19.30
C PRO B 97 -1.08 -50.97 -19.95
N VAL B 98 -1.68 -49.79 -19.86
CA VAL B 98 -1.13 -48.61 -20.54
C VAL B 98 0.22 -48.23 -19.96
N ASN B 99 0.31 -48.29 -18.64
CA ASN B 99 1.56 -48.15 -17.93
C ASN B 99 1.84 -49.49 -17.26
N THR B 100 3.10 -49.87 -17.20
CA THR B 100 3.44 -51.17 -16.61
C THR B 100 4.41 -50.99 -15.43
N ARG B 101 4.32 -51.90 -14.46
CA ARG B 101 5.06 -51.83 -13.21
C ARG B 101 6.57 -51.80 -13.41
N LEU B 102 7.24 -50.98 -12.60
CA LEU B 102 8.68 -50.91 -12.64
C LEU B 102 9.25 -52.35 -12.52
N PRO B 103 10.13 -52.75 -13.42
CA PRO B 103 10.70 -54.11 -13.29
C PRO B 103 11.42 -54.36 -11.95
N GLU B 104 11.37 -55.59 -11.45
CA GLU B 104 11.90 -55.89 -10.10
C GLU B 104 13.43 -55.84 -9.96
N ASN B 105 14.13 -55.70 -11.08
CA ASN B 105 15.57 -55.54 -11.09
C ASN B 105 16.05 -54.09 -11.04
N VAL B 106 15.13 -53.11 -11.06
CA VAL B 106 15.53 -51.70 -10.95
C VAL B 106 15.69 -51.37 -9.46
N PRO B 107 16.88 -50.93 -9.02
CA PRO B 107 17.03 -50.53 -7.60
C PRO B 107 16.11 -49.37 -7.22
N THR B 108 15.50 -49.47 -6.04
CA THR B 108 14.64 -48.43 -5.55
C THR B 108 15.12 -47.95 -4.19
N LEU B 109 14.51 -46.88 -3.68
CA LEU B 109 14.80 -46.42 -2.33
C LEU B 109 14.61 -47.55 -1.34
N GLY B 110 13.47 -48.22 -1.47
CA GLY B 110 13.10 -49.30 -0.59
C GLY B 110 13.98 -50.53 -0.69
N SER B 111 14.37 -50.92 -1.88
CA SER B 111 15.27 -52.06 -2.05
C SER B 111 16.66 -51.76 -1.49
N LEU B 112 17.18 -50.57 -1.77
CA LEU B 112 18.47 -50.17 -1.23
C LEU B 112 18.49 -50.14 0.29
N PHE B 113 17.48 -49.54 0.92
CA PHE B 113 17.41 -49.46 2.37
C PHE B 113 17.14 -50.83 3.05
N SER B 114 16.18 -51.59 2.55
CA SER B 114 15.88 -52.95 3.03
C SER B 114 17.08 -53.87 3.00
N GLU B 115 17.80 -53.81 1.91
CA GLU B 115 18.96 -54.71 1.73
C GLU B 115 20.16 -54.29 2.57
N SER B 116 20.17 -53.05 3.07
CA SER B 116 21.14 -52.61 4.04
C SER B 116 20.70 -52.77 5.49
N GLY B 117 19.58 -53.43 5.75
CA GLY B 117 19.19 -53.76 7.12
C GLY B 117 18.24 -52.77 7.79
N TYR B 118 17.70 -51.80 7.04
CA TYR B 118 16.64 -50.92 7.55
C TYR B 118 15.29 -51.63 7.50
N GLU B 119 14.45 -51.35 8.48
CA GLU B 119 13.04 -51.62 8.36
C GLU B 119 12.39 -50.48 7.56
N ALA B 120 11.72 -50.82 6.48
CA ALA B 120 11.20 -49.86 5.52
C ALA B 120 9.68 -50.04 5.47
N VAL B 121 8.95 -49.03 5.92
CA VAL B 121 7.50 -49.06 5.96
C VAL B 121 6.90 -47.83 5.26
N HIS B 122 5.73 -48.05 4.67
CA HIS B 122 5.01 -47.02 3.94
C HIS B 122 3.55 -46.98 4.38
N PHE B 123 3.06 -45.76 4.65
CA PHE B 123 1.65 -45.53 4.95
C PHE B 123 1.09 -44.53 3.97
N GLY B 124 -0.21 -44.67 3.67
CA GLY B 124 -0.95 -43.67 2.86
C GLY B 124 -1.00 -44.00 1.39
N LYS B 125 -0.99 -42.96 0.57
CA LYS B 125 -1.18 -43.07 -0.89
C LYS B 125 -0.01 -43.74 -1.56
N THR B 126 -0.29 -44.69 -2.46
CA THR B 126 0.77 -45.39 -3.17
C THR B 126 0.97 -44.78 -4.53
N HIS B 127 0.21 -45.23 -5.55
CA HIS B 127 0.23 -44.59 -6.89
C HIS B 127 1.65 -44.55 -7.47
N ASP B 128 2.40 -45.62 -7.22
CA ASP B 128 3.85 -45.66 -7.47
C ASP B 128 4.20 -46.56 -8.66
N MET B 129 3.25 -47.38 -9.12
CA MET B 129 3.46 -48.25 -10.29
C MET B 129 4.76 -49.09 -10.12
N GLY B 130 4.95 -49.59 -8.90
CA GLY B 130 6.07 -50.47 -8.52
C GLY B 130 7.33 -49.85 -7.94
N SER B 131 7.41 -48.53 -7.91
CA SER B 131 8.62 -47.86 -7.39
C SER B 131 8.74 -47.94 -5.89
N LEU B 132 7.64 -48.28 -5.18
CA LEU B 132 7.70 -48.55 -3.74
C LEU B 132 8.18 -49.95 -3.34
N ARG B 133 8.59 -50.78 -4.30
CA ARG B 133 9.20 -52.09 -4.01
CA ARG B 133 9.19 -52.09 -4.01
C ARG B 133 10.27 -51.99 -2.92
N GLY B 134 10.21 -52.92 -1.98
CA GLY B 134 11.05 -52.93 -0.80
C GLY B 134 10.48 -52.30 0.47
N PHE B 135 9.48 -51.42 0.36
CA PHE B 135 8.73 -50.94 1.53
C PHE B 135 7.60 -51.89 1.85
N LYS B 136 7.38 -52.16 3.13
CA LYS B 136 6.17 -52.87 3.58
C LYS B 136 5.07 -51.83 3.65
N HIS B 137 4.04 -52.00 2.83
CA HIS B 137 2.95 -51.05 2.74
C HIS B 137 1.78 -51.45 3.62
N LYS B 138 1.19 -50.50 4.34
CA LYS B 138 -0.12 -50.72 4.99
C LYS B 138 -1.16 -49.78 4.37
N GLU B 139 -2.27 -50.36 3.90
CA GLU B 139 -3.33 -49.58 3.28
C GLU B 139 -4.12 -48.82 4.35
N PRO B 140 -4.32 -47.49 4.16
CA PRO B 140 -5.08 -46.72 5.14
C PRO B 140 -6.59 -46.99 5.01
N VAL B 141 -7.30 -46.85 6.12
CA VAL B 141 -8.77 -46.95 6.16
C VAL B 141 -9.36 -45.56 6.31
N ALA B 142 -10.30 -45.24 5.39
CA ALA B 142 -11.02 -43.97 5.38
C ALA B 142 -11.81 -43.80 6.65
N LYS B 143 -11.69 -42.64 7.30
CA LYS B 143 -12.42 -42.33 8.51
C LYS B 143 -13.25 -41.08 8.28
N PRO B 144 -14.52 -41.24 7.84
CA PRO B 144 -15.27 -40.04 7.44
C PRO B 144 -15.61 -39.10 8.59
N PHE B 145 -15.80 -37.84 8.24
CA PHE B 145 -16.24 -36.83 9.18
C PHE B 145 -16.88 -35.69 8.40
N THR B 146 -17.61 -34.83 9.11
CA THR B 146 -18.28 -33.71 8.44
C THR B 146 -17.53 -32.44 8.69
N ASP B 147 -17.45 -31.60 7.66
CA ASP B 147 -16.82 -30.28 7.75
C ASP B 147 -17.90 -29.23 7.50
N PRO B 148 -18.10 -28.31 8.46
CA PRO B 148 -19.20 -27.37 8.30
C PRO B 148 -19.01 -26.31 7.19
N GLU B 149 -17.79 -26.05 6.73
CA GLU B 149 -17.54 -24.99 5.73
C GLU B 149 -17.06 -25.39 4.33
N PHE B 150 -16.31 -26.49 4.21
CA PHE B 150 -15.74 -26.88 2.93
C PHE B 150 -16.09 -28.34 2.65
N PRO B 151 -16.32 -28.71 1.37
CA PRO B 151 -16.53 -30.12 1.07
C PRO B 151 -15.29 -30.98 1.38
N VAL B 152 -15.51 -32.14 1.97
CA VAL B 152 -14.47 -33.13 2.23
C VAL B 152 -14.91 -34.46 1.60
N ASN B 153 -13.94 -35.25 1.14
CA ASN B 153 -14.26 -36.53 0.52
C ASN B 153 -13.23 -37.56 0.98
N ASN B 154 -13.20 -38.71 0.30
CA ASN B 154 -12.34 -39.82 0.71
C ASN B 154 -10.85 -39.45 0.79
N ASP B 155 -10.41 -38.45 0.04
CA ASP B 155 -9.04 -37.93 0.19
C ASP B 155 -8.76 -37.52 1.65
N SER B 156 -9.62 -36.67 2.18
CA SER B 156 -9.50 -36.20 3.58
C SER B 156 -9.72 -37.35 4.55
N PHE B 157 -10.66 -38.25 4.21
CA PHE B 157 -10.98 -39.34 5.11
C PHE B 157 -9.83 -40.35 5.21
N LEU B 158 -9.17 -40.62 4.09
CA LEU B 158 -8.04 -41.55 4.01
C LEU B 158 -6.85 -41.02 4.84
N ASP B 159 -6.67 -39.71 4.83
CA ASP B 159 -5.60 -39.08 5.61
C ASP B 159 -5.76 -39.28 7.09
N VAL B 160 -7.01 -39.33 7.57
CA VAL B 160 -7.24 -39.62 8.97
C VAL B 160 -6.68 -41.01 9.33
N GLY B 161 -6.92 -41.99 8.47
CA GLY B 161 -6.41 -43.34 8.67
C GLY B 161 -4.89 -43.44 8.51
N THR B 162 -4.35 -42.73 7.53
CA THR B 162 -2.90 -42.66 7.34
C THR B 162 -2.17 -42.13 8.60
N CYS B 163 -2.72 -41.07 9.17
CA CYS B 163 -2.19 -40.47 10.39
C CYS B 163 -2.24 -41.47 11.56
N GLU B 164 -3.38 -42.10 11.77
CA GLU B 164 -3.53 -43.15 12.79
C GLU B 164 -2.45 -44.27 12.70
N ASP B 165 -2.24 -44.78 11.49
CA ASP B 165 -1.22 -45.81 11.20
C ASP B 165 0.20 -45.31 11.47
N ALA B 166 0.55 -44.12 10.98
CA ALA B 166 1.90 -43.56 11.22
C ALA B 166 2.12 -43.24 12.71
N VAL B 167 1.11 -42.72 13.40
CA VAL B 167 1.21 -42.45 14.83
C VAL B 167 1.44 -43.73 15.64
N ALA B 168 0.68 -44.77 15.30
CA ALA B 168 0.85 -46.07 15.97
C ALA B 168 2.26 -46.64 15.75
N TYR B 169 2.75 -46.56 14.52
CA TYR B 169 4.07 -47.08 14.19
C TYR B 169 5.17 -46.31 14.95
N LEU B 170 5.16 -44.99 14.78
CA LEU B 170 6.22 -44.13 15.33
C LEU B 170 6.21 -44.05 16.84
N SER B 171 5.04 -44.22 17.44
CA SER B 171 4.93 -44.33 18.91
C SER B 171 5.51 -45.60 19.52
N ASN B 172 5.68 -46.64 18.72
CA ASN B 172 6.18 -47.96 19.14
C ASN B 172 7.15 -48.53 18.05
N PRO B 173 8.27 -47.86 17.76
CA PRO B 173 9.03 -48.21 16.54
C PRO B 173 9.79 -49.54 16.66
N GLU B 176 14.54 -50.36 14.60
CA GLU B 176 15.59 -49.39 14.36
C GLU B 176 16.87 -50.03 13.76
N PRO B 177 17.45 -49.47 12.71
CA PRO B 177 17.03 -48.21 12.14
C PRO B 177 15.85 -48.42 11.21
N PHE B 178 14.99 -47.41 11.08
CA PHE B 178 13.86 -47.46 10.17
C PHE B 178 13.84 -46.30 9.16
N ILE B 179 13.14 -46.53 8.06
CA ILE B 179 12.75 -45.50 7.10
C ILE B 179 11.25 -45.66 6.90
N CYS B 180 10.50 -44.59 7.20
CA CYS B 180 9.04 -44.52 7.18
C CYS B 180 8.61 -43.44 6.24
N ILE B 181 7.72 -43.76 5.29
CA ILE B 181 7.05 -42.78 4.49
C ILE B 181 5.58 -42.65 4.96
N ALA B 182 5.13 -41.39 5.11
CA ALA B 182 3.71 -41.07 5.34
C ALA B 182 3.25 -40.21 4.17
N ASP B 183 2.51 -40.85 3.26
CA ASP B 183 2.03 -40.24 2.01
C ASP B 183 0.60 -39.72 2.19
N PHE B 184 0.47 -38.44 2.51
CA PHE B 184 -0.81 -37.81 2.72
C PHE B 184 -1.40 -37.32 1.39
N GLN B 185 -2.73 -37.39 1.29
CA GLN B 185 -3.47 -36.90 0.08
C GLN B 185 -3.65 -35.38 0.06
N ASN B 186 -4.02 -34.78 1.19
CA ASN B 186 -4.28 -33.34 1.19
C ASN B 186 -3.02 -32.50 0.91
N PRO B 187 -3.16 -31.40 0.19
CA PRO B 187 -4.45 -30.76 -0.11
C PRO B 187 -5.17 -31.20 -1.41
N HIS B 188 -4.90 -32.41 -1.90
CA HIS B 188 -5.60 -33.00 -3.05
C HIS B 188 -7.15 -32.87 -3.00
N ASN B 189 -7.76 -32.76 -1.81
CA ASN B 189 -9.24 -32.59 -1.72
C ASN B 189 -9.71 -31.33 -2.47
N ILE B 190 -8.80 -30.40 -2.77
CA ILE B 190 -9.12 -29.32 -3.67
C ILE B 190 -9.78 -29.80 -4.99
N CYS B 191 -9.38 -30.96 -5.50
CA CYS B 191 -10.02 -31.55 -6.68
C CYS B 191 -11.54 -31.70 -6.48
N GLY B 192 -11.96 -32.31 -5.37
CA GLY B 192 -13.39 -32.44 -5.03
C GLY B 192 -14.11 -31.09 -4.83
N PHE B 193 -13.40 -30.09 -4.29
CA PHE B 193 -13.92 -28.75 -4.16
C PHE B 193 -14.34 -28.16 -5.51
N ILE B 194 -13.46 -28.27 -6.51
CA ILE B 194 -13.73 -27.77 -7.86
C ILE B 194 -14.98 -28.47 -8.40
N GLY B 195 -15.09 -29.78 -8.19
CA GLY B 195 -16.25 -30.57 -8.60
C GLY B 195 -17.54 -30.05 -8.02
N GLU B 196 -17.51 -29.66 -6.75
CA GLU B 196 -18.68 -29.14 -6.06
C GLU B 196 -19.03 -27.72 -6.46
N ASN B 197 -18.07 -27.01 -7.06
CA ASN B 197 -18.18 -25.65 -7.48
C ASN B 197 -18.04 -25.44 -8.99
N ALA B 198 -18.40 -26.46 -9.75
CA ALA B 198 -18.21 -26.43 -11.21
C ALA B 198 -19.11 -25.39 -11.92
N GLY B 199 -18.58 -24.72 -12.94
CA GLY B 199 -19.36 -23.82 -13.76
C GLY B 199 -19.61 -22.48 -13.08
N VAL B 200 -20.52 -21.69 -13.67
CA VAL B 200 -20.89 -20.38 -13.13
C VAL B 200 -21.65 -20.62 -11.85
N HIS B 201 -21.31 -19.90 -10.79
CA HIS B 201 -21.89 -20.21 -9.49
C HIS B 201 -21.58 -19.13 -8.46
N THR B 202 -22.44 -19.08 -7.44
CA THR B 202 -22.28 -18.25 -6.27
C THR B 202 -21.68 -19.13 -5.17
N ASP B 203 -20.63 -18.64 -4.52
CA ASP B 203 -19.90 -19.47 -3.57
C ASP B 203 -20.64 -19.53 -2.28
N ARG B 204 -20.58 -20.69 -1.63
CA ARG B 204 -21.09 -20.83 -0.27
C ARG B 204 -20.30 -19.86 0.63
N PRO B 205 -20.98 -19.08 1.48
CA PRO B 205 -20.18 -18.20 2.37
C PRO B 205 -19.32 -18.99 3.34
N ILE B 206 -18.19 -18.40 3.72
CA ILE B 206 -17.26 -18.98 4.67
C ILE B 206 -16.85 -17.91 5.69
N SER B 207 -16.19 -18.33 6.76
CA SER B 207 -15.88 -17.42 7.88
C SER B 207 -14.73 -16.44 7.65
N GLY B 208 -13.59 -16.92 7.16
CA GLY B 208 -12.42 -16.05 7.01
C GLY B 208 -12.66 -14.82 6.14
N PRO B 209 -11.76 -13.81 6.23
CA PRO B 209 -11.63 -12.95 5.06
C PRO B 209 -11.12 -13.79 3.89
N LEU B 210 -11.36 -13.32 2.67
CA LEU B 210 -11.02 -14.08 1.47
C LEU B 210 -9.58 -13.80 1.07
N PRO B 211 -8.83 -14.84 0.69
CA PRO B 211 -7.46 -14.53 0.22
C PRO B 211 -7.41 -13.68 -1.05
N GLU B 212 -6.30 -12.98 -1.27
CA GLU B 212 -6.06 -12.25 -2.51
C GLU B 212 -5.74 -13.22 -3.65
N LEU B 213 -6.06 -12.86 -4.87
CA LEU B 213 -5.56 -13.56 -6.06
C LEU B 213 -4.07 -13.29 -6.22
N PRO B 214 -3.33 -14.25 -6.83
CA PRO B 214 -1.89 -13.96 -7.01
C PRO B 214 -1.66 -12.87 -8.06
N ASP B 215 -0.50 -12.22 -8.02
CA ASP B 215 -0.15 -11.22 -9.03
C ASP B 215 -0.11 -11.74 -10.48
N ASN B 216 0.12 -13.03 -10.65
CA ASN B 216 0.14 -13.66 -11.97
C ASN B 216 -1.16 -14.39 -12.32
N PHE B 217 -2.28 -13.96 -11.71
CA PHE B 217 -3.58 -14.56 -11.91
C PHE B 217 -3.93 -14.58 -13.39
N ASP B 218 -3.84 -13.43 -14.05
CA ASP B 218 -4.40 -13.33 -15.39
C ASP B 218 -3.36 -13.64 -16.43
N VAL B 219 -3.82 -14.14 -17.56
CA VAL B 219 -2.96 -14.43 -18.70
C VAL B 219 -3.11 -13.24 -19.60
N GLU B 220 -2.05 -12.45 -19.72
CA GLU B 220 -2.06 -11.16 -20.44
C GLU B 220 -2.33 -11.32 -21.95
N ASP B 221 -1.71 -12.34 -22.57
CA ASP B 221 -1.79 -12.51 -24.03
C ASP B 221 -1.89 -13.99 -24.38
N TRP B 222 -3.11 -14.47 -24.56
CA TRP B 222 -3.34 -15.86 -24.92
C TRP B 222 -2.67 -16.33 -26.22
N SER B 223 -2.37 -15.41 -27.13
CA SER B 223 -1.67 -15.74 -28.39
C SER B 223 -0.18 -15.97 -28.20
N ASN B 224 0.37 -15.64 -27.04
CA ASN B 224 1.78 -15.79 -26.74
C ASN B 224 2.10 -16.99 -25.81
N ILE B 225 1.24 -18.01 -25.80
CA ILE B 225 1.52 -19.24 -25.07
C ILE B 225 1.24 -20.46 -25.95
N PRO B 226 1.91 -21.60 -25.67
CA PRO B 226 1.76 -22.79 -26.52
C PRO B 226 0.35 -23.33 -26.58
N THR B 227 0.06 -23.96 -27.71
CA THR B 227 -1.26 -24.53 -28.00
C THR B 227 -1.78 -25.44 -26.91
N PRO B 228 -0.95 -26.35 -26.40
CA PRO B 228 -1.48 -27.22 -25.35
C PRO B 228 -1.88 -26.49 -24.06
N VAL B 229 -1.16 -25.43 -23.73
CA VAL B 229 -1.45 -24.58 -22.55
C VAL B 229 -2.68 -23.73 -22.81
N GLN B 230 -2.81 -23.19 -24.02
CA GLN B 230 -4.02 -22.48 -24.43
C GLN B 230 -5.31 -23.26 -24.22
N TYR B 231 -5.27 -24.58 -24.40
CA TYR B 231 -6.47 -25.40 -24.36
C TYR B 231 -6.54 -26.41 -23.20
N ILE B 232 -5.88 -26.13 -22.08
CA ILE B 232 -6.05 -26.94 -20.87
C ILE B 232 -7.55 -27.01 -20.47
N CYS B 233 -8.30 -25.94 -20.73
CA CYS B 233 -9.77 -25.93 -20.53
C CYS B 233 -10.51 -27.09 -21.23
N CYS B 234 -9.97 -27.58 -22.36
CA CYS B 234 -10.56 -28.72 -23.09
C CYS B 234 -10.02 -30.09 -22.62
N SER B 235 -8.70 -30.16 -22.33
CA SER B 235 -8.06 -31.46 -21.96
C SER B 235 -8.14 -31.88 -20.47
N HIS B 236 -8.32 -30.92 -19.57
CA HIS B 236 -8.21 -31.17 -18.12
C HIS B 236 -9.58 -30.95 -17.53
N ARG B 237 -10.23 -32.02 -17.10
CA ARG B 237 -11.58 -31.92 -16.51
C ARG B 237 -11.78 -30.80 -15.45
N ARG B 238 -10.82 -30.56 -14.58
CA ARG B 238 -10.99 -29.54 -13.53
C ARG B 238 -10.93 -28.11 -14.09
N MET B 239 -10.08 -27.89 -15.09
CA MET B 239 -10.06 -26.60 -15.77
C MET B 239 -11.34 -26.39 -16.57
N THR B 240 -11.92 -27.46 -17.11
CA THR B 240 -13.25 -27.33 -17.76
C THR B 240 -14.25 -26.79 -16.77
N GLN B 241 -14.23 -27.37 -15.58
CA GLN B 241 -15.14 -26.99 -14.52
C GLN B 241 -14.92 -25.57 -14.06
N ALA B 242 -13.67 -25.12 -14.03
CA ALA B 242 -13.32 -23.77 -13.54
C ALA B 242 -13.21 -22.70 -14.61
N ALA B 243 -13.40 -23.08 -15.88
CA ALA B 243 -13.09 -22.19 -17.00
C ALA B 243 -13.77 -20.82 -16.93
N HIS B 244 -15.03 -20.83 -16.53
CA HIS B 244 -15.87 -19.61 -16.48
C HIS B 244 -16.00 -19.02 -15.10
N TRP B 245 -15.16 -19.46 -14.17
CA TRP B 245 -15.14 -18.89 -12.82
C TRP B 245 -14.80 -17.42 -12.84
N ASN B 246 -15.47 -16.62 -12.00
CA ASN B 246 -15.08 -15.21 -11.85
C ASN B 246 -14.03 -15.09 -10.74
N GLU B 247 -13.59 -13.87 -10.45
CA GLU B 247 -12.54 -13.66 -9.44
C GLU B 247 -12.89 -14.16 -8.05
N GLU B 248 -14.13 -13.94 -7.63
CA GLU B 248 -14.59 -14.40 -6.33
C GLU B 248 -14.57 -15.93 -6.23
N ASN B 249 -14.97 -16.61 -7.30
CA ASN B 249 -14.92 -18.05 -7.36
C ASN B 249 -13.49 -18.55 -7.12
N TYR B 250 -12.51 -17.89 -7.71
CA TYR B 250 -11.11 -18.29 -7.56
C TYR B 250 -10.59 -17.96 -6.13
N ARG B 251 -11.00 -16.82 -5.56
CA ARG B 251 -10.65 -16.54 -4.14
C ARG B 251 -11.15 -17.64 -3.22
N HIS B 252 -12.36 -18.15 -3.44
CA HIS B 252 -12.89 -19.25 -2.64
C HIS B 252 -12.09 -20.54 -2.83
N TYR B 253 -11.65 -20.76 -4.05
CA TYR B 253 -10.71 -21.87 -4.39
C TYR B 253 -9.46 -21.78 -3.52
N ILE B 254 -8.83 -20.62 -3.48
CA ILE B 254 -7.62 -20.42 -2.68
C ILE B 254 -7.92 -20.67 -1.19
N ALA B 255 -8.99 -20.06 -0.67
CA ALA B 255 -9.46 -20.35 0.72
C ALA B 255 -9.59 -21.85 1.00
N ALA B 256 -10.23 -22.62 0.08
CA ALA B 256 -10.40 -24.06 0.29
C ALA B 256 -9.04 -24.77 0.28
N PHE B 257 -8.17 -24.36 -0.61
CA PHE B 257 -6.82 -24.94 -0.69
C PHE B 257 -6.06 -24.71 0.64
N GLN B 258 -6.18 -23.53 1.17
CA GLN B 258 -5.57 -23.19 2.46
C GLN B 258 -6.17 -24.07 3.57
N HIS B 259 -7.48 -24.31 3.51
CA HIS B 259 -8.16 -25.15 4.51
C HIS B 259 -7.68 -26.59 4.52
N TYR B 260 -7.60 -27.19 3.33
CA TYR B 260 -7.11 -28.56 3.23
C TYR B 260 -5.61 -28.64 3.65
N THR B 261 -4.85 -27.61 3.37
CA THR B 261 -3.45 -27.54 3.84
C THR B 261 -3.39 -27.48 5.38
N LYS B 262 -4.23 -26.63 5.99
CA LYS B 262 -4.31 -26.60 7.48
C LYS B 262 -4.66 -27.98 8.06
N MET B 263 -5.56 -28.69 7.37
CA MET B 263 -6.00 -29.98 7.82
C MET B 263 -4.86 -31.00 7.86
N VAL B 264 -4.11 -31.09 6.77
CA VAL B 264 -3.01 -32.06 6.69
C VAL B 264 -1.89 -31.60 7.62
N SER B 265 -1.72 -30.29 7.81
CA SER B 265 -0.73 -29.81 8.76
C SER B 265 -0.96 -30.29 10.19
N LYS B 266 -2.22 -30.40 10.62
CA LYS B 266 -2.52 -30.89 11.97
C LYS B 266 -2.17 -32.38 12.14
N GLN B 267 -2.34 -33.12 11.05
CA GLN B 267 -1.89 -34.53 10.98
C GLN B 267 -0.38 -34.66 10.96
N VAL B 268 0.29 -33.74 10.28
CA VAL B 268 1.76 -33.68 10.39
C VAL B 268 2.22 -33.48 11.83
N ASP B 269 1.58 -32.53 12.50
CA ASP B 269 1.79 -32.31 13.93
C ASP B 269 1.62 -33.60 14.73
N SER B 270 0.51 -34.32 14.53
CA SER B 270 0.29 -35.59 15.23
C SER B 270 1.39 -36.60 14.94
N VAL B 271 1.79 -36.72 13.68
CA VAL B 271 2.85 -37.68 13.30
C VAL B 271 4.15 -37.32 14.02
N LEU B 272 4.49 -36.03 14.01
CA LEU B 272 5.74 -35.59 14.67
C LEU B 272 5.70 -35.78 16.19
N LYS B 273 4.55 -35.56 16.84
CA LYS B 273 4.40 -35.85 18.28
C LYS B 273 4.68 -37.32 18.59
N ALA B 274 4.21 -38.20 17.71
CA ALA B 274 4.46 -39.61 17.88
C ALA B 274 5.95 -39.90 17.69
N LEU B 275 6.56 -39.30 16.66
CA LEU B 275 7.98 -39.51 16.40
C LEU B 275 8.83 -39.15 17.61
N TYR B 276 8.54 -37.99 18.19
CA TYR B 276 9.35 -37.51 19.28
C TYR B 276 8.89 -38.02 20.67
N SER B 277 7.94 -38.95 20.72
CA SER B 277 7.50 -39.52 21.99
C SER B 277 8.41 -40.67 22.45
N THR B 278 9.37 -41.10 21.62
CA THR B 278 10.39 -42.08 22.05
C THR B 278 11.76 -41.56 21.72
N PRO B 279 12.81 -42.19 22.31
CA PRO B 279 14.18 -41.79 21.97
C PRO B 279 14.56 -41.95 20.48
N ALA B 280 13.83 -42.75 19.70
CA ALA B 280 14.15 -42.84 18.28
C ALA B 280 13.97 -41.50 17.51
N GLY B 281 13.06 -40.66 17.99
CA GLY B 281 12.76 -39.33 17.39
C GLY B 281 13.94 -38.41 17.13
N ARG B 282 14.73 -38.15 18.17
CA ARG B 282 15.94 -37.35 18.00
C ARG B 282 17.01 -37.98 17.10
N ASN B 283 16.91 -39.28 16.83
CA ASN B 283 17.80 -39.98 15.90
CA ASN B 283 17.80 -40.00 15.90
C ASN B 283 17.21 -40.07 14.49
N THR B 284 16.16 -39.26 14.21
CA THR B 284 15.47 -39.30 12.92
C THR B 284 15.62 -38.02 12.07
N ILE B 285 15.96 -38.24 10.82
CA ILE B 285 15.97 -37.23 9.79
C ILE B 285 14.59 -37.13 9.16
N VAL B 286 14.03 -35.92 9.13
CA VAL B 286 12.67 -35.70 8.67
C VAL B 286 12.78 -34.94 7.35
N VAL B 287 12.11 -35.43 6.33
CA VAL B 287 12.01 -34.79 5.02
C VAL B 287 10.54 -34.48 4.77
N ILE B 288 10.25 -33.26 4.34
CA ILE B 288 8.90 -32.85 3.98
C ILE B 288 8.92 -32.31 2.55
N MET B 289 8.01 -32.82 1.72
CA MET B 289 7.97 -32.50 0.29
C MET B 289 6.57 -32.77 -0.29
N ALA B 290 6.44 -32.54 -1.60
CA ALA B 290 5.21 -32.80 -2.37
C ALA B 290 5.61 -33.52 -3.68
N ASP B 291 4.71 -34.37 -4.19
CA ASP B 291 4.88 -34.98 -5.51
C ASP B 291 4.75 -33.95 -6.65
N HIS B 292 3.98 -32.90 -6.41
CA HIS B 292 3.81 -31.74 -7.31
C HIS B 292 2.93 -30.75 -6.56
N GLY B 293 2.84 -29.55 -7.11
CA GLY B 293 2.04 -28.48 -6.54
C GLY B 293 0.66 -28.37 -7.19
N ASP B 294 0.20 -27.13 -7.29
CA ASP B 294 -1.21 -26.81 -7.63
C ASP B 294 -1.18 -25.43 -8.22
N GLY B 295 -1.98 -25.16 -9.24
CA GLY B 295 -1.92 -23.82 -9.86
C GLY B 295 -2.25 -22.66 -8.94
N MET B 296 -3.17 -22.89 -7.99
CA MET B 296 -3.57 -21.89 -6.97
C MET B 296 -4.07 -20.60 -7.64
N ALA B 297 -4.75 -20.78 -8.78
CA ALA B 297 -5.28 -19.68 -9.59
C ALA B 297 -4.25 -18.86 -10.39
N SER B 298 -2.96 -19.16 -10.25
CA SER B 298 -1.94 -18.51 -11.02
C SER B 298 -2.13 -18.96 -12.50
N HIS B 299 -2.08 -17.98 -13.41
CA HIS B 299 -2.36 -18.23 -14.84
C HIS B 299 -3.73 -18.84 -15.09
N ARG B 300 -4.69 -18.49 -14.22
CA ARG B 300 -6.06 -19.02 -14.23
C ARG B 300 -6.18 -20.50 -13.94
N MET B 301 -5.09 -21.11 -13.49
CA MET B 301 -5.01 -22.57 -13.45
C MET B 301 -5.52 -23.13 -12.13
N VAL B 302 -6.16 -24.27 -12.22
CA VAL B 302 -6.52 -25.07 -11.05
C VAL B 302 -5.84 -26.44 -11.18
N THR B 303 -5.51 -27.04 -10.04
CA THR B 303 -4.77 -28.32 -9.96
C THR B 303 -3.50 -28.36 -10.85
N LYS B 304 -3.35 -29.39 -11.69
CA LYS B 304 -2.11 -29.57 -12.46
C LYS B 304 -2.50 -30.36 -13.69
N HIS B 305 -1.86 -30.02 -14.81
CA HIS B 305 -2.10 -30.64 -16.13
C HIS B 305 -1.33 -29.83 -17.18
N ILE B 306 -0.39 -30.48 -17.86
CA ILE B 306 0.33 -29.88 -19.00
C ILE B 306 1.38 -28.80 -18.71
N SER B 307 1.01 -27.76 -17.96
CA SER B 307 1.89 -26.63 -17.78
C SER B 307 2.96 -26.84 -16.72
N PHE B 308 4.02 -26.04 -16.79
CA PHE B 308 5.24 -26.26 -16.01
C PHE B 308 5.53 -25.10 -15.05
N TYR B 309 4.57 -24.19 -14.85
CA TYR B 309 4.81 -23.00 -14.03
C TYR B 309 5.14 -23.42 -12.61
N ASP B 310 5.93 -22.58 -11.96
CA ASP B 310 6.49 -22.89 -10.63
C ASP B 310 5.52 -23.40 -9.58
N GLU B 311 4.31 -22.88 -9.59
CA GLU B 311 3.31 -23.27 -8.63
C GLU B 311 3.13 -24.78 -8.62
N MET B 312 3.23 -25.39 -9.80
CA MET B 312 3.01 -26.81 -9.94
C MET B 312 4.27 -27.63 -9.94
N THR B 313 5.37 -27.09 -10.45
CA THR B 313 6.62 -27.89 -10.60
C THR B 313 7.68 -27.68 -9.54
N ASN B 314 7.63 -26.54 -8.85
CA ASN B 314 8.63 -26.19 -7.86
C ASN B 314 8.04 -26.35 -6.45
N VAL B 315 8.36 -27.48 -5.84
CA VAL B 315 7.72 -27.97 -4.62
C VAL B 315 8.48 -27.64 -3.34
N PRO B 316 7.81 -27.75 -2.18
CA PRO B 316 8.54 -27.64 -0.90
C PRO B 316 9.47 -28.82 -0.75
N PHE B 317 10.67 -28.55 -0.23
CA PHE B 317 11.72 -29.59 -0.09
C PHE B 317 12.55 -29.21 1.13
N ILE B 318 12.25 -29.88 2.25
CA ILE B 318 12.67 -29.48 3.60
C ILE B 318 13.31 -30.66 4.32
N PHE B 319 14.47 -30.46 4.93
CA PHE B 319 15.20 -31.49 5.68
C PHE B 319 15.55 -30.95 7.07
N ALA B 320 15.41 -31.78 8.10
CA ALA B 320 15.96 -31.48 9.43
C ALA B 320 16.29 -32.78 10.15
N GLY B 321 17.22 -32.71 11.11
CA GLY B 321 17.54 -33.87 11.88
C GLY B 321 18.99 -33.96 12.29
N PRO B 322 19.36 -35.08 12.93
CA PRO B 322 20.75 -35.24 13.40
C PRO B 322 21.77 -35.14 12.29
N GLY B 323 22.78 -34.31 12.51
CA GLY B 323 23.83 -34.05 11.54
C GLY B 323 23.47 -33.09 10.42
N ILE B 324 22.25 -32.56 10.42
CA ILE B 324 21.83 -31.56 9.45
C ILE B 324 21.90 -30.19 10.11
N LYS B 325 22.69 -29.30 9.54
CA LYS B 325 22.93 -28.00 10.12
C LYS B 325 21.80 -27.07 9.78
N GLN B 326 21.35 -26.31 10.77
CA GLN B 326 20.31 -25.34 10.58
C GLN B 326 20.78 -24.21 9.66
N GLN B 327 19.92 -23.78 8.73
CA GLN B 327 20.17 -22.59 7.89
C GLN B 327 18.97 -21.67 7.86
N LYS B 328 19.18 -20.43 8.31
CA LYS B 328 18.13 -19.41 8.36
C LYS B 328 17.53 -19.13 6.98
N LYS B 329 18.41 -18.90 6.02
CA LYS B 329 17.99 -18.46 4.70
C LYS B 329 17.69 -19.70 3.83
N PRO B 330 16.65 -19.64 2.99
CA PRO B 330 16.44 -20.76 2.05
C PRO B 330 17.65 -20.92 1.12
N VAL B 331 18.02 -22.15 0.78
CA VAL B 331 19.15 -22.40 -0.14
C VAL B 331 18.69 -22.05 -1.56
N ASP B 332 19.20 -20.98 -2.13
CA ASP B 332 18.77 -20.60 -3.49
C ASP B 332 19.88 -20.60 -4.54
N HIS B 333 21.09 -21.00 -4.18
CA HIS B 333 22.22 -21.05 -5.12
C HIS B 333 22.35 -22.40 -5.82
N LEU B 334 21.45 -23.35 -5.54
CA LEU B 334 21.43 -24.66 -6.15
C LEU B 334 20.10 -24.89 -6.83
N LEU B 335 20.17 -25.59 -7.97
CA LEU B 335 18.99 -26.12 -8.63
C LEU B 335 18.92 -27.58 -8.20
N THR B 336 17.83 -27.95 -7.54
CA THR B 336 17.64 -29.31 -7.09
C THR B 336 16.47 -29.95 -7.79
N GLN B 337 16.52 -31.28 -7.81
CA GLN B 337 15.56 -32.09 -8.50
C GLN B 337 15.19 -33.24 -7.55
N PRO B 338 14.19 -33.02 -6.65
CA PRO B 338 13.82 -34.04 -5.66
C PRO B 338 13.64 -35.44 -6.24
N THR B 339 12.99 -35.48 -7.40
CA THR B 339 12.67 -36.71 -8.11
C THR B 339 13.94 -37.57 -8.32
N LEU B 340 15.03 -36.93 -8.67
CA LEU B 340 16.33 -37.63 -8.80
C LEU B 340 17.19 -37.62 -7.55
N ASP B 341 17.15 -36.52 -6.78
CA ASP B 341 18.12 -36.28 -5.75
C ASP B 341 17.80 -36.89 -4.39
N LEU B 342 16.52 -37.24 -4.15
CA LEU B 342 16.13 -37.76 -2.86
C LEU B 342 16.83 -39.11 -2.56
N LEU B 343 16.80 -39.99 -3.55
CA LEU B 343 17.36 -41.31 -3.39
C LEU B 343 18.84 -41.25 -2.96
N PRO B 344 19.70 -40.60 -3.78
CA PRO B 344 21.12 -40.56 -3.38
C PRO B 344 21.40 -39.72 -2.10
N THR B 345 20.63 -38.67 -1.85
CA THR B 345 20.74 -37.93 -0.56
C THR B 345 20.51 -38.80 0.68
N LEU B 346 19.41 -39.52 0.69
CA LEU B 346 19.07 -40.39 1.78
C LEU B 346 20.09 -41.55 1.94
N CYS B 347 20.48 -42.15 0.83
CA CYS B 347 21.53 -43.17 0.85
C CYS B 347 22.84 -42.62 1.44
N ASP B 348 23.25 -41.42 1.01
CA ASP B 348 24.41 -40.73 1.54
C ASP B 348 24.29 -40.56 3.06
N LEU B 349 23.14 -40.10 3.54
CA LEU B 349 22.96 -39.87 4.96
C LEU B 349 22.98 -41.17 5.78
N ALA B 350 22.56 -42.28 5.17
CA ALA B 350 22.52 -43.60 5.80
C ALA B 350 23.79 -44.41 5.68
N GLY B 351 24.77 -43.94 4.91
CA GLY B 351 25.98 -44.71 4.58
C GLY B 351 25.74 -45.93 3.70
N ILE B 352 24.83 -45.79 2.73
CA ILE B 352 24.46 -46.82 1.78
C ILE B 352 24.97 -46.44 0.39
N ALA B 353 25.65 -47.37 -0.27
CA ALA B 353 26.18 -47.12 -1.62
C ALA B 353 25.04 -46.96 -2.64
N VAL B 354 25.17 -45.97 -3.53
CA VAL B 354 24.15 -45.73 -4.58
C VAL B 354 24.64 -46.34 -5.90
N PRO B 355 23.77 -47.09 -6.58
CA PRO B 355 24.13 -47.59 -7.93
C PRO B 355 24.64 -46.47 -8.85
N ALA B 356 25.68 -46.80 -9.62
CA ALA B 356 26.28 -45.88 -10.54
C ALA B 356 25.29 -45.30 -11.56
N GLU B 357 24.30 -46.09 -11.95
CA GLU B 357 23.29 -45.67 -12.97
C GLU B 357 22.40 -44.45 -12.53
N LYS B 358 22.24 -44.23 -11.23
CA LYS B 358 21.35 -43.13 -10.77
C LYS B 358 21.97 -41.79 -11.08
N ALA B 359 21.20 -40.91 -11.72
CA ALA B 359 21.68 -39.60 -12.17
C ALA B 359 21.50 -38.45 -11.16
N GLY B 360 20.82 -38.74 -10.05
CA GLY B 360 20.69 -37.72 -9.02
C GLY B 360 22.00 -37.41 -8.34
N ILE B 361 21.99 -36.30 -7.63
CA ILE B 361 23.14 -35.79 -6.93
C ILE B 361 22.76 -35.68 -5.46
N SER B 362 23.57 -36.26 -4.58
CA SER B 362 23.35 -36.11 -3.14
C SER B 362 23.47 -34.67 -2.65
N LEU B 363 22.44 -34.21 -1.92
CA LEU B 363 22.48 -32.94 -1.21
C LEU B 363 23.08 -32.99 0.21
N ALA B 364 23.59 -34.16 0.61
CA ALA B 364 24.11 -34.37 1.97
C ALA B 364 25.23 -33.38 2.33
N PRO B 365 26.11 -33.01 1.37
CA PRO B 365 27.12 -31.95 1.70
C PRO B 365 26.50 -30.62 2.13
N THR B 366 25.51 -30.15 1.38
CA THR B 366 24.78 -28.94 1.74
C THR B 366 24.13 -29.10 3.10
N LEU B 367 23.44 -30.22 3.31
CA LEU B 367 22.78 -30.50 4.56
C LEU B 367 23.73 -30.54 5.77
N ARG B 368 24.93 -31.08 5.58
CA ARG B 368 25.97 -31.13 6.62
C ARG B 368 26.76 -29.82 6.83
N GLY B 369 26.50 -28.80 6.03
CA GLY B 369 27.26 -27.56 6.06
C GLY B 369 28.62 -27.62 5.36
N GLU B 370 28.83 -28.60 4.49
CA GLU B 370 30.07 -28.74 3.72
C GLU B 370 29.88 -28.15 2.32
N LYS B 371 30.98 -28.05 1.58
CA LYS B 371 30.95 -27.50 0.23
C LYS B 371 30.18 -28.46 -0.70
N GLN B 372 29.20 -27.96 -1.43
CA GLN B 372 28.47 -28.74 -2.43
C GLN B 372 29.25 -28.71 -3.75
N LYS B 373 30.11 -29.69 -3.93
CA LYS B 373 31.03 -29.69 -5.08
C LYS B 373 30.36 -30.11 -6.38
N LYS B 374 29.36 -30.99 -6.30
CA LYS B 374 28.60 -31.45 -7.45
C LYS B 374 27.21 -30.82 -7.44
N SER B 375 26.80 -30.25 -8.56
CA SER B 375 25.46 -29.66 -8.66
C SER B 375 24.91 -29.73 -10.09
N HIS B 376 23.59 -29.64 -10.20
CA HIS B 376 22.91 -29.68 -11.49
C HIS B 376 23.06 -28.32 -12.19
N PRO B 377 23.55 -28.29 -13.45
CA PRO B 377 23.62 -27.04 -14.17
C PRO B 377 22.22 -26.58 -14.64
N TYR B 378 21.29 -27.52 -14.74
CA TYR B 378 19.90 -27.21 -15.01
C TYR B 378 19.06 -28.37 -14.50
N VAL B 379 17.76 -28.16 -14.37
CA VAL B 379 16.86 -29.25 -14.01
C VAL B 379 15.66 -29.28 -14.96
N VAL B 380 14.97 -30.41 -14.98
CA VAL B 380 14.02 -30.72 -16.04
C VAL B 380 12.68 -31.25 -15.52
N SER B 381 11.60 -30.96 -16.24
CA SER B 381 10.32 -31.64 -16.01
C SER B 381 9.73 -32.08 -17.37
N GLU B 382 8.89 -33.10 -17.31
CA GLU B 382 8.28 -33.74 -18.48
C GLU B 382 6.75 -33.74 -18.38
N TRP B 383 6.06 -33.63 -19.51
CA TRP B 383 4.65 -33.89 -19.64
C TRP B 383 4.47 -34.88 -20.82
N HIS B 384 3.53 -35.81 -20.67
CA HIS B 384 3.18 -36.74 -21.74
C HIS B 384 1.66 -36.73 -21.94
N SER B 385 0.93 -37.30 -20.99
CA SER B 385 -0.53 -37.31 -20.99
C SER B 385 -1.01 -37.47 -19.57
N GLU B 386 -2.31 -37.29 -19.34
CA GLU B 386 -2.93 -37.64 -18.04
C GLU B 386 -3.60 -39.01 -18.06
N TYR B 387 -4.56 -39.18 -18.96
CA TYR B 387 -5.28 -40.45 -19.13
C TYR B 387 -5.37 -40.92 -20.58
N GLU B 388 -4.50 -40.39 -21.43
CA GLU B 388 -4.44 -40.66 -22.89
C GLU B 388 -5.70 -40.17 -23.66
N TYR B 389 -6.34 -39.11 -23.19
CA TYR B 389 -7.37 -38.44 -23.97
C TYR B 389 -6.69 -37.51 -24.96
N VAL B 390 -5.69 -36.78 -24.46
CA VAL B 390 -4.84 -35.96 -25.28
C VAL B 390 -3.41 -36.28 -24.86
N THR B 391 -2.58 -36.65 -25.83
CA THR B 391 -1.16 -36.85 -25.66
C THR B 391 -0.45 -35.70 -26.34
N THR B 392 0.17 -34.86 -25.54
CA THR B 392 0.81 -33.66 -26.05
C THR B 392 2.13 -33.42 -25.30
N PRO B 393 3.20 -34.18 -25.68
CA PRO B 393 4.43 -34.17 -24.91
C PRO B 393 5.11 -32.83 -24.86
N GLY B 394 5.70 -32.52 -23.71
CA GLY B 394 6.47 -31.33 -23.54
C GLY B 394 7.58 -31.52 -22.54
N ARG B 395 8.50 -30.59 -22.54
CA ARG B 395 9.64 -30.60 -21.65
C ARG B 395 9.90 -29.21 -21.13
N MET B 396 10.32 -29.13 -19.86
CA MET B 396 10.80 -27.90 -19.23
C MET B 396 12.25 -28.01 -18.86
N VAL B 397 13.00 -26.94 -19.06
CA VAL B 397 14.35 -26.79 -18.54
C VAL B 397 14.43 -25.52 -17.72
N ARG B 398 14.81 -25.71 -16.45
CA ARG B 398 15.12 -24.64 -15.57
C ARG B 398 16.63 -24.53 -15.49
N GLY B 399 17.14 -23.44 -16.01
CA GLY B 399 18.56 -23.06 -15.85
C GLY B 399 18.70 -22.15 -14.64
N PRO B 400 19.90 -21.61 -14.40
CA PRO B 400 20.18 -20.75 -13.26
C PRO B 400 19.28 -19.52 -13.18
N ARG B 401 18.95 -18.94 -14.32
CA ARG B 401 18.11 -17.74 -14.37
C ARG B 401 16.78 -17.84 -15.15
N TYR B 402 16.79 -18.53 -16.28
CA TYR B 402 15.64 -18.64 -17.13
C TYR B 402 15.02 -20.03 -17.08
N LYS B 403 13.71 -20.05 -17.28
CA LYS B 403 12.99 -21.29 -17.48
C LYS B 403 12.56 -21.32 -18.93
N TYR B 404 12.77 -22.47 -19.57
CA TYR B 404 12.43 -22.67 -20.97
C TYR B 404 11.44 -23.81 -21.03
N THR B 405 10.44 -23.71 -21.90
CA THR B 405 9.56 -24.85 -22.12
C THR B 405 9.39 -25.08 -23.62
N HIS B 406 9.15 -26.33 -23.97
CA HIS B 406 8.91 -26.74 -25.35
C HIS B 406 7.79 -27.72 -25.38
N TYR B 407 6.91 -27.59 -26.37
CA TYR B 407 5.89 -28.61 -26.67
C TYR B 407 5.93 -29.01 -28.14
N LEU B 408 5.81 -30.31 -28.38
CA LEU B 408 5.76 -30.86 -29.76
C LEU B 408 4.58 -30.29 -30.56
N GLU B 409 3.40 -30.20 -29.93
CA GLU B 409 2.20 -29.64 -30.59
C GLU B 409 2.38 -28.16 -30.92
N GLY B 410 2.55 -27.89 -32.21
CA GLY B 410 2.78 -26.55 -32.72
C GLY B 410 4.19 -26.04 -32.51
N ASN B 411 5.11 -26.90 -32.08
CA ASN B 411 6.44 -26.45 -31.68
C ASN B 411 6.42 -25.21 -30.74
N GLY B 412 5.53 -25.22 -29.75
CA GLY B 412 5.36 -24.07 -28.86
C GLY B 412 6.49 -23.96 -27.86
N GLU B 413 6.93 -22.73 -27.59
CA GLU B 413 7.98 -22.47 -26.61
C GLU B 413 7.62 -21.35 -25.63
N GLU B 414 8.10 -21.48 -24.38
CA GLU B 414 8.08 -20.38 -23.44
C GLU B 414 9.46 -20.15 -22.93
N LEU B 415 9.71 -18.90 -22.54
CA LEU B 415 10.96 -18.50 -21.94
C LEU B 415 10.68 -17.40 -20.91
N TYR B 416 11.06 -17.64 -19.66
CA TYR B 416 10.72 -16.75 -18.54
C TYR B 416 11.98 -16.42 -17.77
N ASP B 417 12.16 -15.14 -17.47
CA ASP B 417 13.26 -14.68 -16.63
C ASP B 417 12.81 -14.85 -15.17
N MET B 418 13.32 -15.88 -14.50
CA MET B 418 12.83 -16.21 -13.14
C MET B 418 13.32 -15.22 -12.08
N LYS B 419 14.37 -14.45 -12.36
CA LYS B 419 14.83 -13.40 -11.44
C LYS B 419 13.93 -12.14 -11.50
N LYS B 420 13.63 -11.65 -12.69
CA LYS B 420 12.85 -10.41 -12.83
C LYS B 420 11.37 -10.67 -13.01
N ASP B 421 10.98 -11.89 -13.40
CA ASP B 421 9.58 -12.21 -13.62
C ASP B 421 9.28 -13.58 -12.97
N PRO B 422 9.44 -13.71 -11.63
CA PRO B 422 9.26 -15.02 -10.95
C PRO B 422 7.86 -15.62 -11.08
N GLY B 423 6.86 -14.77 -11.35
CA GLY B 423 5.52 -15.22 -11.61
C GLY B 423 5.24 -15.63 -13.03
N GLU B 424 6.25 -15.57 -13.91
CA GLU B 424 6.14 -16.12 -15.27
C GLU B 424 4.98 -15.51 -16.05
N ARG B 425 4.92 -14.18 -16.02
CA ARG B 425 3.87 -13.38 -16.66
C ARG B 425 4.18 -12.96 -18.10
N LYS B 426 5.47 -12.87 -18.46
CA LYS B 426 5.91 -12.40 -19.79
C LYS B 426 6.76 -13.41 -20.53
N ASN B 427 6.14 -14.16 -21.43
CA ASN B 427 6.88 -15.10 -22.27
C ASN B 427 7.79 -14.35 -23.23
N LEU B 428 9.08 -14.62 -23.18
CA LEU B 428 10.09 -13.89 -23.94
C LEU B 428 10.48 -14.57 -25.26
N ALA B 429 9.86 -15.69 -25.59
CA ALA B 429 10.43 -16.58 -26.61
C ALA B 429 10.40 -15.93 -28.00
N LYS B 430 9.36 -15.15 -28.29
CA LYS B 430 9.25 -14.41 -29.57
C LYS B 430 9.96 -13.08 -29.62
N ASP B 431 10.41 -12.57 -28.48
CA ASP B 431 11.15 -11.30 -28.45
C ASP B 431 12.59 -11.51 -29.00
N PRO B 432 12.95 -10.83 -30.13
CA PRO B 432 14.26 -11.08 -30.72
C PRO B 432 15.43 -10.62 -29.85
N LYS B 433 15.21 -9.73 -28.88
CA LYS B 433 16.23 -9.38 -27.91
C LYS B 433 16.74 -10.64 -27.16
N TYR B 434 15.91 -11.67 -27.03
CA TYR B 434 16.21 -12.89 -26.26
C TYR B 434 16.54 -14.08 -27.16
N SER B 435 16.86 -13.82 -28.43
CA SER B 435 17.20 -14.89 -29.37
CA SER B 435 17.23 -14.87 -29.39
C SER B 435 18.39 -15.73 -28.89
N LYS B 436 19.47 -15.11 -28.42
CA LYS B 436 20.62 -15.91 -27.96
C LYS B 436 20.30 -16.74 -26.68
N ILE B 437 19.51 -16.13 -25.78
CA ILE B 437 19.07 -16.79 -24.57
C ILE B 437 18.17 -17.97 -24.90
N LEU B 438 17.20 -17.78 -25.78
CA LEU B 438 16.37 -18.88 -26.24
C LEU B 438 17.21 -20.02 -26.80
N ALA B 439 18.14 -19.66 -27.68
CA ALA B 439 19.00 -20.66 -28.30
C ALA B 439 19.77 -21.45 -27.23
N GLU B 440 20.33 -20.77 -26.24
CA GLU B 440 21.13 -21.50 -25.23
C GLU B 440 20.30 -22.43 -24.38
N HIS B 441 19.02 -22.13 -24.18
CA HIS B 441 18.15 -23.02 -23.39
C HIS B 441 17.61 -24.18 -24.21
N ARG B 442 17.38 -23.97 -25.50
CA ARG B 442 17.15 -25.12 -26.39
C ARG B 442 18.32 -26.09 -26.33
N ALA B 443 19.54 -25.54 -26.25
CA ALA B 443 20.76 -26.35 -26.20
C ALA B 443 20.84 -27.20 -24.93
N LEU B 444 20.32 -26.67 -23.81
CA LEU B 444 20.20 -27.45 -22.58
C LEU B 444 19.25 -28.63 -22.75
N LEU B 445 18.11 -28.43 -23.40
CA LEU B 445 17.21 -29.55 -23.66
C LEU B 445 17.90 -30.60 -24.56
N ASP B 446 18.68 -30.14 -25.53
CA ASP B 446 19.42 -31.06 -26.42
C ASP B 446 20.43 -31.89 -25.59
N ASP B 447 21.18 -31.23 -24.70
CA ASP B 447 22.06 -31.91 -23.75
C ASP B 447 21.33 -32.96 -22.91
N TYR B 448 20.20 -32.56 -22.35
CA TYR B 448 19.38 -33.49 -21.57
C TYR B 448 18.95 -34.73 -22.35
N ILE B 449 18.47 -34.48 -23.55
CA ILE B 449 17.99 -35.57 -24.41
C ILE B 449 19.13 -36.55 -24.67
N THR B 450 20.30 -36.01 -24.98
CA THR B 450 21.46 -36.88 -25.21
C THR B 450 21.81 -37.67 -23.97
N ARG B 451 22.08 -36.98 -22.87
CA ARG B 451 22.58 -37.65 -21.68
C ARG B 451 21.58 -38.59 -20.97
N SER B 452 20.28 -38.33 -21.11
CA SER B 452 19.25 -39.11 -20.45
C SER B 452 18.60 -40.10 -21.42
N LYS B 453 19.01 -40.08 -22.70
CA LYS B 453 18.41 -40.94 -23.72
C LYS B 453 16.89 -40.77 -23.80
N ASP B 454 16.47 -39.53 -23.86
CA ASP B 454 15.07 -39.19 -23.91
C ASP B 454 14.64 -39.41 -25.38
N ASP B 455 13.47 -40.00 -25.57
CA ASP B 455 12.88 -40.23 -26.91
C ASP B 455 11.96 -39.07 -27.39
N TYR B 456 12.00 -37.95 -26.67
CA TYR B 456 11.05 -36.86 -26.85
C TYR B 456 10.88 -36.48 -28.31
N ARG B 457 12.00 -36.31 -29.02
CA ARG B 457 11.95 -35.85 -30.44
C ARG B 457 11.11 -36.79 -31.36
N SER B 458 11.06 -38.07 -31.05
CA SER B 458 10.33 -39.08 -31.81
CA SER B 458 10.30 -39.02 -31.86
C SER B 458 8.88 -39.33 -31.34
N LEU B 459 8.42 -38.65 -30.31
CA LEU B 459 7.06 -38.93 -29.81
C LEU B 459 6.01 -38.28 -30.72
N LYS B 460 4.82 -38.84 -30.74
CA LYS B 460 3.73 -38.33 -31.57
C LYS B 460 2.66 -37.64 -30.72
N VAL B 461 2.12 -36.54 -31.24
CA VAL B 461 0.98 -35.86 -30.63
C VAL B 461 -0.35 -36.50 -31.03
N ASP B 462 -1.25 -36.66 -30.06
CA ASP B 462 -2.62 -37.16 -30.29
C ASP B 462 -3.56 -36.15 -29.63
N ALA B 463 -4.06 -35.21 -30.43
CA ALA B 463 -4.92 -34.11 -29.94
C ALA B 463 -6.05 -33.81 -30.92
N ASP B 464 -7.20 -34.40 -30.65
CA ASP B 464 -8.40 -34.17 -31.45
C ASP B 464 -8.65 -32.67 -31.68
N PRO B 465 -8.85 -32.24 -32.94
CA PRO B 465 -9.04 -30.79 -33.17
C PRO B 465 -10.33 -30.21 -32.52
N ARG B 466 -11.28 -31.04 -32.12
CA ARG B 466 -12.42 -30.54 -31.34
C ARG B 466 -12.04 -29.98 -29.96
N CYS B 467 -10.85 -30.34 -29.46
CA CYS B 467 -10.28 -29.82 -28.22
C CYS B 467 -9.31 -28.63 -28.43
N ARG B 468 -9.27 -28.10 -29.66
CA ARG B 468 -8.48 -26.90 -30.01
C ARG B 468 -9.35 -26.01 -30.92
N ASN B 469 -10.64 -25.96 -30.63
CA ASN B 469 -11.63 -25.42 -31.56
C ASN B 469 -11.91 -23.92 -31.30
N HIS B 470 -12.25 -23.60 -30.07
CA HIS B 470 -12.69 -22.24 -29.69
C HIS B 470 -11.56 -21.20 -29.68
N THR B 471 -11.92 -19.93 -29.49
CA THR B 471 -10.93 -18.85 -29.30
C THR B 471 -10.00 -19.16 -28.12
N PRO B 472 -8.67 -18.97 -28.30
CA PRO B 472 -7.73 -19.33 -27.22
C PRO B 472 -8.02 -18.68 -25.86
N GLY B 473 -7.96 -19.48 -24.78
CA GLY B 473 -8.14 -18.99 -23.41
C GLY B 473 -9.31 -19.64 -22.73
N TYR B 474 -9.18 -19.82 -21.42
CA TYR B 474 -10.16 -20.59 -20.65
C TYR B 474 -11.54 -19.91 -20.56
N PRO B 475 -11.60 -18.55 -20.39
CA PRO B 475 -12.92 -17.86 -20.40
C PRO B 475 -13.76 -18.06 -21.68
N SER B 476 -13.09 -18.25 -22.81
CA SER B 476 -13.76 -18.53 -24.09
C SER B 476 -14.13 -20.01 -24.28
N HIS B 477 -13.82 -20.87 -23.32
CA HIS B 477 -14.10 -22.27 -23.49
C HIS B 477 -15.61 -22.54 -23.71
N GLU B 478 -15.87 -23.46 -24.64
CA GLU B 478 -17.20 -23.96 -24.93
C GLU B 478 -17.13 -25.46 -25.08
N GLY B 479 -18.16 -26.14 -24.58
CA GLY B 479 -18.30 -27.57 -24.70
C GLY B 479 -17.97 -28.29 -23.40
N PRO B 480 -18.21 -29.63 -23.35
CA PRO B 480 -17.97 -30.45 -22.18
C PRO B 480 -16.53 -31.03 -22.01
N GLY B 481 -15.58 -30.68 -22.89
CA GLY B 481 -14.19 -31.11 -22.70
C GLY B 481 -13.92 -32.52 -23.19
N ALA B 482 -12.63 -32.85 -23.29
CA ALA B 482 -12.16 -34.09 -23.96
C ALA B 482 -12.75 -35.38 -23.42
N ARG B 483 -12.85 -35.50 -22.10
CA ARG B 483 -13.36 -36.72 -21.44
C ARG B 483 -14.82 -37.06 -21.82
N GLU B 484 -15.64 -36.04 -22.11
CA GLU B 484 -16.99 -36.25 -22.65
C GLU B 484 -16.98 -36.59 -24.14
N ILE B 485 -16.19 -35.89 -24.94
CA ILE B 485 -16.19 -36.06 -26.41
C ILE B 485 -15.58 -37.41 -26.86
N GLU C 22 41.01 -13.82 42.10
CA GLU C 22 40.78 -12.43 42.61
C GLU C 22 39.46 -11.86 42.09
N LYS C 23 39.30 -11.87 40.77
CA LYS C 23 38.08 -11.34 40.15
C LYS C 23 37.02 -12.44 40.01
N PRO C 24 35.76 -12.12 40.28
CA PRO C 24 34.72 -13.17 40.24
C PRO C 24 34.38 -13.57 38.81
N ASN C 25 33.80 -14.74 38.66
CA ASN C 25 33.14 -15.13 37.42
C ASN C 25 31.69 -14.65 37.52
N PHE C 26 30.98 -14.73 36.41
CA PHE C 26 29.58 -14.27 36.34
C PHE C 26 28.78 -15.25 35.54
N LEU C 27 27.59 -15.57 36.04
CA LEU C 27 26.65 -16.43 35.33
C LEU C 27 25.37 -15.65 35.28
N ILE C 28 24.89 -15.30 34.09
CA ILE C 28 23.66 -14.51 33.95
C ILE C 28 22.63 -15.42 33.30
N ILE C 29 21.58 -15.72 34.04
CA ILE C 29 20.53 -16.61 33.57
C ILE C 29 19.33 -15.73 33.29
N GLN C 30 18.93 -15.68 32.03
CA GLN C 30 17.81 -14.86 31.62
C GLN C 30 16.76 -15.73 30.93
N CYS C 31 15.51 -15.53 31.34
CA CYS C 31 14.38 -16.40 30.92
C CYS C 31 13.30 -15.48 30.32
N ASP C 32 12.88 -15.78 29.10
CA ASP C 32 11.92 -14.97 28.34
C ASP C 32 10.47 -15.13 28.90
N HIS C 33 9.80 -14.02 29.25
CA HIS C 33 8.43 -14.01 29.80
C HIS C 33 8.36 -14.32 31.30
N LEU C 34 9.47 -14.65 31.95
CA LEU C 34 9.39 -15.03 33.38
C LEU C 34 8.90 -13.84 34.21
N THR C 35 7.99 -14.10 35.14
CA THR C 35 7.36 -13.05 35.94
C THR C 35 7.71 -13.17 37.41
N GLN C 36 7.62 -12.05 38.11
CA GLN C 36 7.69 -12.04 39.56
C GLN C 36 6.61 -12.96 40.15
N ARG C 37 5.38 -12.86 39.65
CA ARG C 37 4.27 -13.65 40.19
C ARG C 37 4.56 -15.17 40.29
N VAL C 38 5.20 -15.74 39.28
CA VAL C 38 5.46 -17.18 39.24
C VAL C 38 6.73 -17.58 40.01
N VAL C 39 7.61 -16.64 40.34
CA VAL C 39 8.86 -16.95 41.03
C VAL C 39 8.65 -16.96 42.54
N GLY C 40 8.79 -18.14 43.18
CA GLY C 40 8.44 -18.28 44.61
C GLY C 40 9.12 -17.32 45.57
N ALA C 41 10.33 -16.89 45.24
CA ALA C 41 11.05 -15.89 46.03
C ALA C 41 10.27 -14.59 46.21
N TYR C 42 9.37 -14.28 45.29
CA TYR C 42 8.53 -13.07 45.37
C TYR C 42 7.24 -13.25 46.19
N GLY C 43 6.96 -14.44 46.67
CA GLY C 43 5.90 -14.65 47.65
C GLY C 43 4.47 -14.83 47.16
N GLN C 44 4.24 -14.86 45.85
CA GLN C 44 2.89 -15.01 45.27
C GLN C 44 2.54 -16.49 44.88
N THR C 45 3.49 -17.27 44.34
CA THR C 45 3.23 -18.62 43.82
C THR C 45 4.23 -19.63 44.41
N GLN C 46 3.72 -20.78 44.87
CA GLN C 46 4.55 -21.85 45.41
C GLN C 46 4.81 -22.91 44.33
N GLY C 47 5.99 -23.50 44.35
CA GLY C 47 6.29 -24.72 43.61
C GLY C 47 6.82 -24.65 42.18
N CYS C 48 6.96 -23.47 41.57
CA CYS C 48 7.38 -23.42 40.15
C CYS C 48 8.86 -23.15 39.91
N THR C 49 9.58 -22.61 40.89
CA THR C 49 10.91 -22.08 40.67
C THR C 49 11.85 -22.37 41.85
N LEU C 50 11.75 -23.56 42.44
CA LEU C 50 12.58 -23.82 43.62
C LEU C 50 14.10 -23.54 43.46
N PRO C 51 14.74 -23.94 42.34
CA PRO C 51 16.18 -23.63 42.19
C PRO C 51 16.48 -22.13 42.16
N ILE C 52 15.59 -21.35 41.57
CA ILE C 52 15.73 -19.91 41.56
C ILE C 52 15.56 -19.34 42.98
N ASP C 53 14.54 -19.84 43.68
CA ASP C 53 14.30 -19.42 45.06
C ASP C 53 15.50 -19.71 45.97
N GLU C 54 16.23 -20.80 45.73
CA GLU C 54 17.40 -21.17 46.56
C GLU C 54 18.52 -20.18 46.38
N VAL C 55 18.73 -19.77 45.12
CA VAL C 55 19.66 -18.70 44.82
C VAL C 55 19.23 -17.42 45.50
N ALA C 56 17.94 -17.06 45.40
CA ALA C 56 17.41 -15.82 46.00
C ALA C 56 17.70 -15.77 47.50
N SER C 57 17.49 -16.91 48.14
CA SER C 57 17.71 -17.06 49.59
C SER C 57 19.13 -16.81 50.05
N ARG C 58 20.13 -17.04 49.17
CA ARG C 58 21.52 -16.72 49.45
C ARG C 58 21.89 -15.32 49.16
N GLY C 59 20.99 -14.53 48.57
CA GLY C 59 21.37 -13.25 48.01
C GLY C 59 20.30 -12.21 48.20
N VAL C 60 20.04 -11.46 47.13
CA VAL C 60 19.22 -10.25 47.18
C VAL C 60 18.26 -10.27 46.00
N ILE C 61 16.98 -9.97 46.26
CA ILE C 61 15.98 -9.76 45.20
C ILE C 61 15.45 -8.35 45.26
N PHE C 62 15.17 -7.82 44.07
CA PHE C 62 14.63 -6.48 43.87
C PHE C 62 13.15 -6.52 43.52
N SER C 63 12.37 -5.81 44.32
CA SER C 63 10.92 -5.71 44.11
C SER C 63 10.54 -4.87 42.89
N ASN C 64 11.30 -3.81 42.65
CA ASN C 64 11.00 -2.85 41.58
C ASN C 64 12.12 -2.95 40.56
N ALA C 65 11.86 -3.70 39.48
CA ALA C 65 12.87 -3.99 38.48
C ALA C 65 12.26 -3.90 37.10
N TYR C 66 12.20 -2.68 36.60
CA TYR C 66 11.50 -2.38 35.32
C TYR C 66 12.37 -2.45 34.07
N VAL C 67 11.88 -3.15 33.06
CA VAL C 67 12.57 -3.26 31.80
C VAL C 67 12.21 -2.07 30.89
N GLY C 68 13.10 -1.74 29.98
CA GLY C 68 12.93 -0.57 29.10
C GLY C 68 11.91 -0.70 28.01
N CYS C 69 11.48 -1.93 27.73
CA CYS C 69 10.43 -2.16 26.76
C CYS C 69 9.93 -3.58 26.97
N PRO C 70 8.59 -3.78 27.02
CA PRO C 70 8.00 -5.13 27.20
C PRO C 70 7.99 -5.92 25.86
N LEU C 71 9.17 -6.09 25.31
CA LEU C 71 9.36 -6.77 24.03
C LEU C 71 10.79 -7.21 23.90
N SER C 72 10.98 -8.40 23.33
CA SER C 72 12.26 -9.07 23.41
C SER C 72 13.40 -8.34 22.72
N GLN C 73 13.25 -7.99 21.45
CA GLN C 73 14.44 -7.43 20.75
C GLN C 73 14.84 -6.07 21.31
N PRO C 74 13.88 -5.16 21.51
CA PRO C 74 14.24 -3.90 22.12
C PRO C 74 14.81 -4.04 23.53
N SER C 75 14.27 -4.99 24.32
CA SER C 75 14.73 -5.15 25.70
C SER C 75 16.16 -5.63 25.70
N ARG C 76 16.45 -6.59 24.84
CA ARG C 76 17.78 -7.19 24.79
C ARG C 76 18.83 -6.26 24.17
N ALA C 77 18.46 -5.54 23.11
CA ALA C 77 19.41 -4.63 22.48
C ALA C 77 19.84 -3.55 23.47
N ALA C 78 18.87 -3.08 24.25
CA ALA C 78 19.06 -2.11 25.32
C ALA C 78 19.83 -2.68 26.51
N LEU C 79 19.45 -3.88 26.94
CA LEU C 79 20.11 -4.52 28.08
C LEU C 79 21.63 -4.68 27.93
N TRP C 80 22.10 -5.32 26.88
CA TRP C 80 23.50 -5.64 26.77
C TRP C 80 24.40 -4.43 26.39
N SER C 81 23.78 -3.35 25.95
CA SER C 81 24.44 -2.08 25.66
C SER C 81 24.30 -1.10 26.83
N GLY C 82 23.44 -1.40 27.80
CA GLY C 82 23.12 -0.48 28.90
C GLY C 82 22.53 0.85 28.48
N MET C 83 21.62 0.82 27.51
CA MET C 83 20.98 2.03 26.96
C MET C 83 19.47 1.84 26.97
N MET C 84 18.74 2.86 26.52
CA MET C 84 17.30 2.74 26.34
C MET C 84 16.96 2.52 24.84
N PRO C 85 15.74 1.99 24.55
CA PRO C 85 15.44 1.59 23.17
C PRO C 85 15.45 2.75 22.12
N HIS C 86 15.01 3.94 22.50
CA HIS C 86 15.10 5.08 21.59
C HIS C 86 16.56 5.46 21.26
N GLN C 87 17.52 5.03 22.09
CA GLN C 87 18.96 5.29 21.93
C GLN C 87 19.71 4.29 21.12
N THR C 88 19.38 2.99 21.28
CA THR C 88 19.88 1.97 20.39
C THR C 88 19.23 2.16 19.01
N ASN C 89 18.04 2.74 19.04
CA ASN C 89 17.14 2.81 17.93
C ASN C 89 16.60 1.45 17.48
N VAL C 90 16.66 0.43 18.35
CA VAL C 90 16.02 -0.86 18.09
C VAL C 90 14.73 -0.87 18.92
N ARG C 91 13.63 -0.54 18.27
CA ARG C 91 12.40 -0.23 18.96
C ARG C 91 11.30 -1.22 18.66
N SER C 92 11.59 -2.22 17.85
CA SER C 92 10.60 -3.23 17.54
C SER C 92 11.31 -4.57 17.38
N ASN C 93 10.53 -5.61 17.10
CA ASN C 93 11.05 -6.92 16.78
C ASN C 93 11.44 -7.13 15.28
N SER C 94 11.26 -6.13 14.43
CA SER C 94 11.61 -6.29 13.01
C SER C 94 13.11 -6.40 12.79
N SER C 95 13.51 -7.14 11.76
CA SER C 95 14.94 -7.32 11.47
C SER C 95 15.43 -6.20 10.52
N GLU C 96 16.66 -6.32 10.01
CA GLU C 96 17.17 -5.40 8.95
C GLU C 96 16.22 -5.41 7.73
N PRO C 97 15.86 -4.26 7.15
CA PRO C 97 16.48 -2.96 7.34
C PRO C 97 15.75 -2.02 8.30
N VAL C 98 14.62 -2.45 8.86
CA VAL C 98 13.84 -1.57 9.73
C VAL C 98 14.65 -1.25 10.99
N ASN C 99 15.34 -2.28 11.50
CA ASN C 99 16.25 -2.08 12.62
C ASN C 99 17.67 -2.38 12.17
N THR C 100 18.61 -1.60 12.69
CA THR C 100 20.03 -1.67 12.28
C THR C 100 20.85 -2.17 13.48
N ARG C 101 21.88 -2.96 13.22
CA ARG C 101 22.79 -3.41 14.27
C ARG C 101 23.41 -2.25 15.01
N LEU C 102 23.59 -2.42 16.32
CA LEU C 102 24.25 -1.42 17.15
C LEU C 102 25.67 -1.16 16.57
N PRO C 103 26.04 0.13 16.37
CA PRO C 103 27.37 0.42 15.80
C PRO C 103 28.51 -0.16 16.63
N GLU C 104 29.55 -0.66 15.96
CA GLU C 104 30.71 -1.30 16.60
C GLU C 104 31.51 -0.44 17.60
N ASN C 105 31.36 0.88 17.58
CA ASN C 105 32.05 1.76 18.56
C ASN C 105 31.27 2.01 19.85
N VAL C 106 30.05 1.49 19.94
CA VAL C 106 29.27 1.62 21.18
C VAL C 106 29.72 0.52 22.18
N PRO C 107 30.19 0.93 23.38
CA PRO C 107 30.60 -0.10 24.35
C PRO C 107 29.40 -0.97 24.80
N THR C 108 29.65 -2.26 24.94
CA THR C 108 28.66 -3.21 25.42
C THR C 108 29.22 -3.99 26.61
N LEU C 109 28.35 -4.77 27.25
CA LEU C 109 28.76 -5.63 28.35
C LEU C 109 29.90 -6.54 27.91
N GLY C 110 29.74 -7.17 26.74
CA GLY C 110 30.74 -8.08 26.20
C GLY C 110 32.09 -7.38 25.87
N SER C 111 32.03 -6.17 25.31
CA SER C 111 33.24 -5.44 24.94
C SER C 111 34.03 -5.01 26.20
N LEU C 112 33.32 -4.46 27.18
CA LEU C 112 33.93 -4.05 28.45
C LEU C 112 34.59 -5.20 29.17
N PHE C 113 33.92 -6.36 29.23
CA PHE C 113 34.50 -7.57 29.87
C PHE C 113 35.65 -8.20 29.08
N SER C 114 35.48 -8.38 27.77
CA SER C 114 36.54 -8.94 26.91
C SER C 114 37.82 -8.11 26.96
N GLU C 115 37.67 -6.80 26.96
CA GLU C 115 38.78 -5.86 27.07
C GLU C 115 39.42 -5.82 28.45
N SER C 116 38.75 -6.35 29.48
CA SER C 116 39.33 -6.45 30.81
C SER C 116 39.82 -7.86 31.18
N GLY C 117 40.07 -8.70 30.20
CA GLY C 117 40.65 -10.00 30.46
C GLY C 117 39.68 -11.14 30.74
N TYR C 118 38.38 -10.93 30.60
CA TYR C 118 37.40 -12.03 30.78
C TYR C 118 37.18 -12.82 29.52
N GLU C 119 36.98 -14.12 29.68
CA GLU C 119 36.42 -14.94 28.61
C GLU C 119 34.91 -14.71 28.67
N ALA C 120 34.31 -14.28 27.55
CA ALA C 120 32.88 -13.89 27.51
C ALA C 120 32.15 -14.84 26.57
N VAL C 121 31.22 -15.65 27.08
CA VAL C 121 30.49 -16.64 26.28
C VAL C 121 28.97 -16.44 26.44
N HIS C 122 28.23 -16.71 25.36
CA HIS C 122 26.78 -16.57 25.33
C HIS C 122 26.18 -17.85 24.74
N PHE C 123 25.20 -18.40 25.47
CA PHE C 123 24.41 -19.52 25.00
C PHE C 123 22.95 -19.14 24.93
N GLY C 124 22.24 -19.75 23.99
CA GLY C 124 20.80 -19.56 23.87
C GLY C 124 20.35 -18.47 22.92
N LYS C 125 19.20 -17.89 23.25
CA LYS C 125 18.52 -16.90 22.43
C LYS C 125 19.37 -15.62 22.33
N THR C 126 19.52 -15.12 21.11
CA THR C 126 20.25 -13.86 20.91
C THR C 126 19.29 -12.69 20.82
N HIS C 127 18.75 -12.38 19.61
CA HIS C 127 17.67 -11.39 19.45
C HIS C 127 18.08 -10.03 20.04
N ASP C 128 19.35 -9.70 19.78
CA ASP C 128 20.09 -8.60 20.41
C ASP C 128 20.46 -7.47 19.45
N MET C 129 20.28 -7.68 18.14
CA MET C 129 20.55 -6.64 17.11
C MET C 129 21.95 -6.03 17.34
N GLY C 130 22.94 -6.91 17.54
CA GLY C 130 24.34 -6.49 17.76
C GLY C 130 24.80 -6.08 19.16
N SER C 131 23.91 -5.99 20.15
CA SER C 131 24.34 -5.59 21.49
C SER C 131 25.13 -6.65 22.28
N LEU C 132 25.08 -7.92 21.82
CA LEU C 132 25.95 -8.99 22.34
C LEU C 132 27.39 -8.99 21.77
N ARG C 133 27.77 -7.95 21.01
CA ARG C 133 29.15 -7.81 20.56
C ARG C 133 30.11 -7.94 21.75
N GLY C 134 31.17 -8.70 21.57
CA GLY C 134 32.10 -8.95 22.67
C GLY C 134 31.98 -10.37 23.21
N PHE C 135 30.78 -10.97 23.11
CA PHE C 135 30.57 -12.34 23.55
C PHE C 135 30.86 -13.27 22.40
N LYS C 136 31.47 -14.42 22.68
CA LYS C 136 31.52 -15.54 21.75
C LYS C 136 30.20 -16.31 21.91
N HIS C 137 29.36 -16.30 20.89
CA HIS C 137 28.05 -16.93 20.91
C HIS C 137 28.11 -18.34 20.33
N LYS C 138 27.51 -19.31 21.00
CA LYS C 138 27.29 -20.60 20.43
C LYS C 138 25.79 -20.78 20.22
N GLU C 139 25.41 -21.14 19.00
CA GLU C 139 24.00 -21.34 18.66
C GLU C 139 23.54 -22.68 19.23
N PRO C 140 22.41 -22.67 19.96
CA PRO C 140 21.92 -23.94 20.49
C PRO C 140 21.30 -24.83 19.41
N VAL C 141 21.37 -26.14 19.61
CA VAL C 141 20.70 -27.12 18.75
C VAL C 141 19.38 -27.58 19.37
N ALA C 142 18.27 -27.35 18.67
CA ALA C 142 16.94 -27.79 19.10
C ALA C 142 16.88 -29.30 19.25
N LYS C 143 16.44 -29.77 20.41
CA LYS C 143 16.28 -31.22 20.68
C LYS C 143 14.82 -31.56 20.98
N PRO C 144 14.04 -31.93 19.94
CA PRO C 144 12.61 -32.06 20.17
C PRO C 144 12.21 -33.23 21.08
N PHE C 145 11.03 -33.10 21.68
CA PHE C 145 10.45 -34.11 22.53
C PHE C 145 8.96 -33.82 22.54
N THR C 146 8.20 -34.74 23.12
CA THR C 146 6.76 -34.63 23.17
C THR C 146 6.36 -34.55 24.67
N ASP C 147 5.44 -33.65 24.99
CA ASP C 147 4.93 -33.46 26.38
C ASP C 147 3.51 -34.03 26.39
N PRO C 148 3.16 -34.85 27.39
CA PRO C 148 1.84 -35.50 27.34
C PRO C 148 0.62 -34.58 27.59
N GLU C 149 0.83 -33.41 28.23
CA GLU C 149 -0.28 -32.52 28.58
C GLU C 149 -0.28 -31.12 27.98
N PHE C 150 0.91 -30.61 27.60
CA PHE C 150 0.97 -29.28 27.04
C PHE C 150 1.73 -29.30 25.73
N PRO C 151 1.33 -28.46 24.77
CA PRO C 151 2.09 -28.40 23.53
C PRO C 151 3.47 -27.76 23.77
N VAL C 152 4.46 -28.28 23.06
CA VAL C 152 5.85 -27.80 23.14
C VAL C 152 6.28 -27.58 21.73
N ASN C 153 7.13 -26.59 21.52
CA ASN C 153 7.66 -26.29 20.20
C ASN C 153 9.17 -25.94 20.26
N ASN C 154 9.70 -25.31 19.21
CA ASN C 154 11.13 -24.98 19.15
C ASN C 154 11.66 -24.15 20.32
N ASP C 155 10.82 -23.35 20.96
CA ASP C 155 11.21 -22.65 22.21
C ASP C 155 11.73 -23.63 23.28
N SER C 156 10.90 -24.61 23.62
CA SER C 156 11.30 -25.65 24.55
C SER C 156 12.44 -26.52 24.01
N PHE C 157 12.44 -26.79 22.71
CA PHE C 157 13.46 -27.66 22.14
C PHE C 157 14.85 -27.00 22.15
N LEU C 158 14.89 -25.70 21.89
CA LEU C 158 16.10 -24.93 21.91
C LEU C 158 16.69 -24.87 23.29
N ASP C 159 15.83 -24.77 24.31
CA ASP C 159 16.28 -24.78 25.71
C ASP C 159 17.01 -26.02 26.13
N VAL C 160 16.64 -27.15 25.56
CA VAL C 160 17.33 -28.40 25.83
C VAL C 160 18.77 -28.26 25.36
N GLY C 161 18.98 -27.70 24.16
CA GLY C 161 20.30 -27.41 23.63
C GLY C 161 21.11 -26.35 24.39
N THR C 162 20.46 -25.27 24.75
CA THR C 162 21.07 -24.22 25.54
C THR C 162 21.58 -24.77 26.90
N CYS C 163 20.75 -25.58 27.55
CA CYS C 163 21.14 -26.23 28.81
C CYS C 163 22.38 -27.16 28.62
N GLU C 164 22.37 -28.02 27.59
CA GLU C 164 23.53 -28.89 27.29
C GLU C 164 24.81 -28.06 27.13
N ASP C 165 24.71 -26.97 26.38
CA ASP C 165 25.84 -26.13 26.06
C ASP C 165 26.39 -25.46 27.33
N ALA C 166 25.50 -24.88 28.13
CA ALA C 166 25.89 -24.22 29.35
C ALA C 166 26.52 -25.19 30.36
N VAL C 167 25.94 -26.38 30.44
CA VAL C 167 26.41 -27.43 31.32
C VAL C 167 27.82 -27.89 30.92
N ALA C 168 28.00 -28.15 29.63
CA ALA C 168 29.29 -28.51 29.06
C ALA C 168 30.35 -27.44 29.34
N TYR C 169 30.01 -26.18 29.19
CA TYR C 169 30.93 -25.09 29.44
C TYR C 169 31.34 -24.99 30.95
N LEU C 170 30.33 -24.94 31.82
CA LEU C 170 30.55 -24.72 33.26
C LEU C 170 31.16 -25.93 33.95
N SER C 171 30.95 -27.11 33.40
CA SER C 171 31.51 -28.35 33.93
C SER C 171 33.02 -28.41 33.73
N ASN C 172 33.54 -27.64 32.78
CA ASN C 172 34.98 -27.45 32.71
C ASN C 172 35.38 -26.08 32.17
N PRO C 173 35.29 -25.03 32.99
CA PRO C 173 35.46 -23.68 32.46
C PRO C 173 36.92 -23.49 32.06
N PRO C 174 37.20 -23.38 30.74
CA PRO C 174 38.60 -23.49 30.24
C PRO C 174 39.49 -22.28 30.57
N LYS C 175 38.88 -21.17 30.98
CA LYS C 175 39.60 -20.02 31.50
C LYS C 175 38.71 -19.30 32.49
N GLU C 176 39.28 -18.96 33.64
CA GLU C 176 38.73 -17.95 34.54
C GLU C 176 39.60 -16.70 34.36
N PRO C 177 39.08 -15.52 34.63
CA PRO C 177 37.65 -15.29 34.96
C PRO C 177 36.77 -15.30 33.72
N PHE C 178 35.51 -15.71 33.89
CA PHE C 178 34.54 -15.80 32.78
C PHE C 178 33.28 -15.05 33.12
N ILE C 179 32.59 -14.62 32.07
CA ILE C 179 31.21 -14.16 32.15
C ILE C 179 30.43 -14.97 31.12
N CYS C 180 29.40 -15.65 31.61
CA CYS C 180 28.62 -16.58 30.83
C CYS C 180 27.16 -16.16 30.86
N ILE C 181 26.53 -16.02 29.68
CA ILE C 181 25.09 -15.76 29.60
C ILE C 181 24.42 -17.06 29.14
N ALA C 182 23.38 -17.47 29.86
CA ALA C 182 22.49 -18.52 29.39
C ALA C 182 21.10 -17.90 29.21
N ASP C 183 20.74 -17.70 27.96
CA ASP C 183 19.51 -17.04 27.55
C ASP C 183 18.50 -18.11 27.19
N PHE C 184 17.62 -18.41 28.15
CA PHE C 184 16.57 -19.41 27.93
C PHE C 184 15.31 -18.81 27.33
N GLN C 185 14.66 -19.60 26.46
CA GLN C 185 13.36 -19.25 25.87
C GLN C 185 12.18 -19.36 26.83
N ASN C 186 12.08 -20.43 27.58
CA ASN C 186 10.88 -20.62 28.41
C ASN C 186 10.80 -19.61 29.59
N PRO C 187 9.60 -19.17 29.97
CA PRO C 187 8.32 -19.74 29.54
C PRO C 187 7.67 -19.15 28.26
N HIS C 188 8.46 -18.62 27.32
CA HIS C 188 7.96 -18.16 26.01
C HIS C 188 7.11 -19.19 25.22
N ASN C 189 7.23 -20.51 25.46
CA ASN C 189 6.34 -21.50 24.81
C ASN C 189 4.83 -21.25 25.12
N ILE C 190 4.52 -20.42 26.12
CA ILE C 190 3.16 -19.94 26.31
C ILE C 190 2.56 -19.34 25.02
N CYS C 191 3.38 -18.72 24.17
CA CYS C 191 2.90 -18.20 22.89
C CYS C 191 2.32 -19.30 21.99
N GLY C 192 3.06 -20.38 21.80
CA GLY C 192 2.57 -21.57 21.08
C GLY C 192 1.31 -22.15 21.69
N PHE C 193 1.23 -22.19 23.03
CA PHE C 193 0.02 -22.67 23.71
C PHE C 193 -1.23 -21.88 23.28
N ILE C 194 -1.08 -20.56 23.16
CA ILE C 194 -2.20 -19.72 22.77
C ILE C 194 -2.65 -20.09 21.35
N GLY C 195 -1.70 -20.23 20.44
CA GLY C 195 -1.99 -20.63 19.09
C GLY C 195 -2.76 -21.96 18.99
N GLU C 196 -2.38 -22.94 19.79
CA GLU C 196 -3.08 -24.22 19.83
C GLU C 196 -4.46 -24.14 20.48
N ASN C 197 -4.73 -23.07 21.23
CA ASN C 197 -5.98 -22.87 21.95
C ASN C 197 -6.70 -21.60 21.48
N ALA C 198 -6.48 -21.22 20.23
CA ALA C 198 -7.06 -20.02 19.66
C ALA C 198 -8.59 -20.09 19.56
N GLY C 199 -9.25 -18.96 19.80
CA GLY C 199 -10.71 -18.89 19.70
C GLY C 199 -11.50 -19.55 20.82
N VAL C 200 -12.80 -19.69 20.56
CA VAL C 200 -13.71 -20.37 21.46
C VAL C 200 -13.34 -21.85 21.42
N HIS C 201 -13.13 -22.49 22.57
CA HIS C 201 -12.64 -23.87 22.58
C HIS C 201 -12.86 -24.53 23.92
N THR C 202 -12.92 -25.84 23.89
CA THR C 202 -12.92 -26.61 25.11
C THR C 202 -11.48 -26.98 25.39
N ASP C 203 -11.01 -26.73 26.61
CA ASP C 203 -9.62 -27.05 26.96
C ASP C 203 -9.37 -28.55 27.01
N ARG C 204 -8.20 -28.97 26.53
CA ARG C 204 -7.74 -30.33 26.73
C ARG C 204 -7.56 -30.52 28.25
N PRO C 205 -8.08 -31.64 28.80
CA PRO C 205 -7.95 -31.84 30.25
C PRO C 205 -6.49 -32.01 30.70
N ILE C 206 -6.18 -31.53 31.89
CA ILE C 206 -4.86 -31.71 32.46
C ILE C 206 -5.02 -32.24 33.88
N SER C 207 -3.97 -32.83 34.44
CA SER C 207 -4.07 -33.43 35.78
C SER C 207 -3.87 -32.37 36.88
N GLY C 208 -4.58 -32.55 38.00
CA GLY C 208 -4.50 -31.63 39.13
C GLY C 208 -5.38 -30.40 38.91
N PRO C 209 -5.51 -29.56 39.96
CA PRO C 209 -6.44 -28.42 39.92
C PRO C 209 -5.90 -27.23 39.12
N LEU C 210 -6.79 -26.42 38.58
CA LEU C 210 -6.42 -25.26 37.79
C LEU C 210 -6.05 -24.11 38.71
N PRO C 211 -5.01 -23.34 38.38
CA PRO C 211 -4.73 -22.14 39.14
C PRO C 211 -5.92 -21.16 39.10
N GLU C 212 -6.01 -20.30 40.13
CA GLU C 212 -7.04 -19.26 40.20
C GLU C 212 -6.68 -18.11 39.25
N LEU C 213 -7.70 -17.44 38.71
CA LEU C 213 -7.51 -16.17 37.99
C LEU C 213 -7.02 -15.10 38.94
N PRO C 214 -6.21 -14.15 38.44
CA PRO C 214 -5.80 -13.07 39.32
C PRO C 214 -6.95 -12.12 39.65
N ASP C 215 -6.78 -11.35 40.73
CA ASP C 215 -7.82 -10.41 41.20
C ASP C 215 -8.07 -9.27 40.21
N ASN C 216 -7.08 -8.98 39.38
CA ASN C 216 -7.20 -7.97 38.36
C ASN C 216 -7.47 -8.51 36.95
N PHE C 217 -8.08 -9.70 36.89
CA PHE C 217 -8.46 -10.35 35.63
C PHE C 217 -9.35 -9.45 34.78
N ASP C 218 -10.45 -9.01 35.36
CA ASP C 218 -11.41 -8.14 34.65
C ASP C 218 -11.00 -6.67 34.62
N VAL C 219 -11.36 -5.98 33.54
CA VAL C 219 -11.12 -4.53 33.37
C VAL C 219 -12.41 -3.85 33.77
N GLU C 220 -12.40 -3.00 34.79
CA GLU C 220 -13.68 -2.40 35.32
C GLU C 220 -14.34 -1.41 34.35
N ASP C 221 -13.55 -0.68 33.57
CA ASP C 221 -14.11 0.40 32.73
C ASP C 221 -13.20 0.62 31.52
N TRP C 222 -13.54 0.02 30.39
CA TRP C 222 -12.75 0.14 29.15
C TRP C 222 -12.63 1.57 28.62
N SER C 223 -13.60 2.42 28.93
CA SER C 223 -13.55 3.83 28.52
C SER C 223 -12.50 4.64 29.28
N ASN C 224 -11.95 4.11 30.37
CA ASN C 224 -10.96 4.81 31.15
C ASN C 224 -9.57 4.18 30.99
N ILE C 225 -9.30 3.59 29.82
CA ILE C 225 -7.95 3.20 29.50
C ILE C 225 -7.57 3.71 28.09
N PRO C 226 -6.28 3.97 27.86
CA PRO C 226 -5.88 4.55 26.57
C PRO C 226 -6.22 3.70 25.32
N THR C 227 -6.48 4.41 24.21
CA THR C 227 -6.83 3.76 22.97
C THR C 227 -5.94 2.60 22.54
N PRO C 228 -4.61 2.75 22.58
CA PRO C 228 -3.81 1.60 22.14
C PRO C 228 -4.08 0.32 22.99
N VAL C 229 -4.33 0.51 24.30
CA VAL C 229 -4.57 -0.62 25.22
C VAL C 229 -5.96 -1.23 24.98
N GLN C 230 -6.94 -0.40 24.66
CA GLN C 230 -8.28 -0.84 24.33
C GLN C 230 -8.36 -1.82 23.15
N TYR C 231 -7.40 -1.71 22.26
CA TYR C 231 -7.43 -2.43 21.01
C TYR C 231 -6.24 -3.35 20.82
N ILE C 232 -5.66 -3.80 21.92
CA ILE C 232 -4.60 -4.81 21.86
C ILE C 232 -5.10 -6.06 21.13
N CYS C 233 -6.38 -6.39 21.29
CA CYS C 233 -7.04 -7.47 20.53
C CYS C 233 -6.92 -7.33 19.00
N CYS C 234 -6.81 -6.11 18.48
CA CYS C 234 -6.64 -5.90 17.04
C CYS C 234 -5.16 -5.92 16.60
N SER C 235 -4.28 -5.27 17.37
CA SER C 235 -2.85 -5.16 16.99
C SER C 235 -1.92 -6.31 17.44
N HIS C 236 -2.34 -7.14 18.40
CA HIS C 236 -1.49 -8.19 19.00
C HIS C 236 -2.12 -9.52 18.67
N ARG C 237 -1.47 -10.30 17.81
CA ARG C 237 -2.04 -11.57 17.32
C ARG C 237 -2.51 -12.53 18.43
N ARG C 238 -1.71 -12.64 19.50
CA ARG C 238 -2.07 -13.52 20.63
C ARG C 238 -3.32 -13.06 21.34
N MET C 239 -3.49 -11.74 21.47
CA MET C 239 -4.74 -11.20 22.04
C MET C 239 -5.92 -11.42 21.12
N THR C 240 -5.72 -11.35 19.80
CA THR C 240 -6.79 -11.71 18.89
C THR C 240 -7.28 -13.14 19.17
N GLN C 241 -6.32 -14.06 19.38
CA GLN C 241 -6.64 -15.46 19.59
C GLN C 241 -7.35 -15.71 20.93
N ALA C 242 -6.99 -14.96 21.97
CA ALA C 242 -7.56 -15.15 23.33
C ALA C 242 -8.76 -14.22 23.67
N ALA C 243 -9.17 -13.36 22.74
CA ALA C 243 -10.09 -12.26 23.06
C ALA C 243 -11.44 -12.77 23.59
N HIS C 244 -11.93 -13.88 23.03
CA HIS C 244 -13.21 -14.48 23.46
C HIS C 244 -13.09 -15.69 24.39
N TRP C 245 -11.91 -15.86 25.00
CA TRP C 245 -11.73 -16.88 26.02
C TRP C 245 -12.58 -16.63 27.27
N ASN C 246 -13.07 -17.73 27.83
CA ASN C 246 -13.82 -17.72 29.08
C ASN C 246 -12.89 -18.01 30.28
N GLU C 247 -13.44 -18.01 31.49
CA GLU C 247 -12.61 -18.17 32.68
C GLU C 247 -11.79 -19.49 32.69
N GLU C 248 -12.39 -20.60 32.27
CA GLU C 248 -11.70 -21.88 32.28
C GLU C 248 -10.55 -21.86 31.24
N ASN C 249 -10.79 -21.28 30.07
CA ASN C 249 -9.72 -21.10 29.07
C ASN C 249 -8.52 -20.34 29.66
N TYR C 250 -8.76 -19.25 30.37
CA TYR C 250 -7.68 -18.48 30.95
C TYR C 250 -6.99 -19.22 32.11
N ARG C 251 -7.76 -19.98 32.89
CA ARG C 251 -7.14 -20.79 33.94
C ARG C 251 -6.17 -21.87 33.38
N HIS C 252 -6.50 -22.49 32.25
CA HIS C 252 -5.59 -23.42 31.56
C HIS C 252 -4.35 -22.69 30.98
N TYR C 253 -4.53 -21.45 30.54
CA TYR C 253 -3.42 -20.59 30.15
C TYR C 253 -2.40 -20.43 31.29
N ILE C 254 -2.91 -20.11 32.48
CA ILE C 254 -2.05 -19.97 33.67
C ILE C 254 -1.37 -21.27 34.04
N ALA C 255 -2.10 -22.38 33.95
CA ALA C 255 -1.49 -23.69 34.22
C ALA C 255 -0.35 -23.99 33.24
N ALA C 256 -0.57 -23.68 31.96
CA ALA C 256 0.46 -23.90 30.94
C ALA C 256 1.69 -23.00 31.21
N PHE C 257 1.44 -21.74 31.57
CA PHE C 257 2.54 -20.82 31.93
C PHE C 257 3.36 -21.39 33.12
N GLN C 258 2.68 -21.90 34.13
CA GLN C 258 3.37 -22.56 35.26
C GLN C 258 4.16 -23.78 34.82
N HIS C 259 3.59 -24.58 33.93
CA HIS C 259 4.28 -25.75 33.39
C HIS C 259 5.60 -25.41 32.64
N TYR C 260 5.56 -24.40 31.77
CA TYR C 260 6.76 -24.00 31.04
C TYR C 260 7.78 -23.39 31.99
N THR C 261 7.31 -22.72 33.06
CA THR C 261 8.20 -22.18 34.09
C THR C 261 8.91 -23.30 34.85
N LYS C 262 8.17 -24.34 35.23
CA LYS C 262 8.77 -25.51 35.88
C LYS C 262 9.79 -26.17 35.00
N MET C 263 9.53 -26.20 33.70
CA MET C 263 10.46 -26.82 32.75
C MET C 263 11.79 -26.10 32.68
N VAL C 264 11.75 -24.78 32.57
CA VAL C 264 12.97 -24.01 32.56
C VAL C 264 13.69 -24.00 33.92
N SER C 265 12.92 -24.01 35.01
CA SER C 265 13.51 -24.16 36.35
C SER C 265 14.38 -25.40 36.51
N LYS C 266 13.96 -26.50 35.96
CA LYS C 266 14.76 -27.74 36.01
C LYS C 266 16.09 -27.60 35.25
N GLN C 267 16.07 -26.83 34.15
CA GLN C 267 17.29 -26.51 33.41
C GLN C 267 18.20 -25.52 34.13
N VAL C 268 17.61 -24.56 34.85
CA VAL C 268 18.38 -23.69 35.73
C VAL C 268 19.09 -24.56 36.77
N ASP C 269 18.35 -25.51 37.34
CA ASP C 269 18.95 -26.46 38.31
C ASP C 269 20.15 -27.21 37.71
N SER C 270 20.00 -27.77 36.51
CA SER C 270 21.13 -28.41 35.83
C SER C 270 22.32 -27.52 35.62
N VAL C 271 22.07 -26.29 35.21
CA VAL C 271 23.13 -25.32 34.98
C VAL C 271 23.88 -24.98 36.28
N LEU C 272 23.15 -24.78 37.36
CA LEU C 272 23.78 -24.50 38.67
C LEU C 272 24.54 -25.72 39.19
N LYS C 273 24.05 -26.93 38.95
CA LYS C 273 24.80 -28.13 39.32
C LYS C 273 26.12 -28.17 38.59
N ALA C 274 26.10 -27.79 37.29
CA ALA C 274 27.35 -27.66 36.51
C ALA C 274 28.32 -26.61 37.08
N LEU C 275 27.80 -25.40 37.36
CA LEU C 275 28.57 -24.33 37.93
C LEU C 275 29.31 -24.78 39.20
N TYR C 276 28.59 -25.43 40.11
CA TYR C 276 29.15 -25.72 41.43
C TYR C 276 29.88 -27.05 41.46
N SER C 277 30.06 -27.67 40.29
CA SER C 277 30.76 -28.95 40.18
C SER C 277 32.29 -28.75 40.13
N THR C 278 32.76 -27.52 39.97
CA THR C 278 34.21 -27.22 40.00
C THR C 278 34.42 -26.09 40.98
N PRO C 279 35.67 -25.87 41.39
CA PRO C 279 35.93 -24.72 42.30
C PRO C 279 35.62 -23.34 41.72
N ALA C 280 35.47 -23.21 40.40
CA ALA C 280 35.00 -21.92 39.82
C ALA C 280 33.67 -21.44 40.41
N GLY C 281 32.78 -22.37 40.78
CA GLY C 281 31.40 -21.99 41.16
C GLY C 281 31.28 -21.04 42.34
N ARG C 282 32.00 -21.36 43.40
CA ARG C 282 31.94 -20.50 44.58
C ARG C 282 32.50 -19.13 44.33
N ASN C 283 33.34 -19.00 43.31
CA ASN C 283 33.79 -17.67 42.94
C ASN C 283 32.94 -17.02 41.85
N THR C 284 31.67 -17.44 41.72
CA THR C 284 30.81 -16.94 40.66
C THR C 284 29.63 -16.20 41.20
N ILE C 285 29.40 -15.03 40.62
CA ILE C 285 28.22 -14.25 40.92
C ILE C 285 27.13 -14.67 39.94
N VAL C 286 25.95 -15.01 40.48
CA VAL C 286 24.83 -15.50 39.71
C VAL C 286 23.73 -14.42 39.67
N VAL C 287 23.24 -14.13 38.47
CA VAL C 287 22.15 -13.18 38.27
C VAL C 287 21.02 -13.90 37.52
N ILE C 288 19.79 -13.72 37.98
CA ILE C 288 18.62 -14.32 37.36
C ILE C 288 17.65 -13.18 37.06
N MET C 289 17.16 -13.14 35.83
CA MET C 289 16.27 -12.07 35.41
C MET C 289 15.46 -12.48 34.18
N ALA C 290 14.63 -11.57 33.70
CA ALA C 290 13.84 -11.78 32.50
C ALA C 290 13.92 -10.55 31.62
N ASP C 291 13.87 -10.74 30.30
CA ASP C 291 13.79 -9.63 29.33
C ASP C 291 12.45 -8.86 29.44
N HIS C 292 11.39 -9.54 29.88
CA HIS C 292 10.09 -8.94 30.17
C HIS C 292 9.20 -10.08 30.71
N GLY C 293 8.01 -9.71 31.19
CA GLY C 293 7.08 -10.63 31.79
C GLY C 293 6.02 -11.08 30.81
N ASP C 294 4.81 -11.28 31.32
CA ASP C 294 3.69 -11.91 30.67
C ASP C 294 2.42 -11.48 31.39
N GLY C 295 1.37 -11.19 30.64
CA GLY C 295 0.07 -10.76 31.22
C GLY C 295 -0.51 -11.69 32.28
N MET C 296 -0.33 -13.01 32.09
CA MET C 296 -0.82 -14.03 33.04
C MET C 296 -2.33 -13.87 33.36
N ALA C 297 -3.08 -13.41 32.36
CA ALA C 297 -4.53 -13.11 32.45
C ALA C 297 -4.94 -11.84 33.19
N SER C 298 -4.00 -11.11 33.79
CA SER C 298 -4.32 -9.84 34.42
C SER C 298 -4.72 -8.79 33.35
N HIS C 299 -5.80 -8.06 33.57
CA HIS C 299 -6.34 -7.12 32.58
C HIS C 299 -6.67 -7.83 31.26
N ARG C 300 -7.09 -9.10 31.38
CA ARG C 300 -7.41 -9.98 30.25
C ARG C 300 -6.21 -10.27 29.31
N MET C 301 -5.02 -9.85 29.69
CA MET C 301 -3.90 -9.86 28.77
C MET C 301 -3.23 -11.22 28.71
N VAL C 302 -2.85 -11.57 27.49
CA VAL C 302 -1.88 -12.64 27.28
C VAL C 302 -0.57 -12.06 26.70
N THR C 303 0.54 -12.74 27.03
CA THR C 303 1.88 -12.33 26.63
C THR C 303 2.19 -10.87 26.91
N LYS C 304 2.65 -10.13 25.89
CA LYS C 304 3.17 -8.76 26.05
C LYS C 304 2.94 -8.06 24.72
N HIS C 305 2.54 -6.79 24.80
CA HIS C 305 2.29 -5.90 23.60
C HIS C 305 1.62 -4.63 24.12
N ILE C 306 2.24 -3.45 23.88
CA ILE C 306 1.68 -2.13 24.16
C ILE C 306 1.60 -1.69 25.64
N SER C 307 0.96 -2.49 26.49
CA SER C 307 0.68 -2.04 27.85
C SER C 307 1.90 -2.16 28.79
N PHE C 308 1.84 -1.43 29.90
CA PHE C 308 2.96 -1.29 30.78
C PHE C 308 2.70 -1.86 32.19
N TYR C 309 1.68 -2.70 32.33
CA TYR C 309 1.29 -3.26 33.63
C TYR C 309 2.44 -4.12 34.19
N ASP C 310 2.54 -4.12 35.53
CA ASP C 310 3.62 -4.79 36.27
C ASP C 310 3.91 -6.22 35.85
N GLU C 311 2.85 -6.97 35.54
CA GLU C 311 3.02 -8.39 35.12
C GLU C 311 4.04 -8.48 33.97
N MET C 312 4.03 -7.51 33.06
CA MET C 312 4.94 -7.52 31.92
C MET C 312 6.21 -6.67 32.04
N THR C 313 6.15 -5.56 32.79
CA THR C 313 7.31 -4.63 32.89
C THR C 313 8.21 -4.81 34.13
N ASN C 314 7.66 -5.38 35.18
CA ASN C 314 8.37 -5.52 36.45
C ASN C 314 8.80 -6.97 36.66
N VAL C 315 10.08 -7.24 36.40
CA VAL C 315 10.58 -8.60 36.18
C VAL C 315 11.33 -9.12 37.40
N PRO C 316 11.59 -10.42 37.46
CA PRO C 316 12.44 -10.90 38.53
C PRO C 316 13.89 -10.42 38.31
N PHE C 317 14.59 -10.10 39.39
CA PHE C 317 15.93 -9.53 39.33
C PHE C 317 16.67 -9.92 40.63
N ILE C 318 17.54 -10.90 40.52
CA ILE C 318 18.04 -11.67 41.67
C ILE C 318 19.55 -11.76 41.54
N PHE C 319 20.27 -11.50 42.63
CA PHE C 319 21.74 -11.61 42.65
C PHE C 319 22.16 -12.47 43.86
N ALA C 320 23.21 -13.25 43.66
CA ALA C 320 23.85 -13.97 44.74
C ALA C 320 25.29 -14.27 44.34
N GLY C 321 26.17 -14.38 45.34
CA GLY C 321 27.52 -14.86 45.09
C GLY C 321 28.54 -14.22 46.01
N PRO C 322 29.82 -14.39 45.70
CA PRO C 322 30.86 -13.93 46.63
C PRO C 322 30.86 -12.43 46.78
N GLY C 323 30.83 -11.97 48.03
CA GLY C 323 30.81 -10.56 48.34
C GLY C 323 29.43 -9.96 48.40
N ILE C 324 28.39 -10.73 48.07
CA ILE C 324 27.03 -10.23 48.05
C ILE C 324 26.33 -10.72 49.29
N LYS C 325 25.91 -9.78 50.12
CA LYS C 325 25.35 -10.12 51.43
C LYS C 325 23.89 -10.48 51.29
N GLN C 326 23.53 -11.61 51.88
CA GLN C 326 22.18 -12.07 51.92
C GLN C 326 21.25 -11.04 52.57
N GLN C 327 20.07 -10.85 52.00
CA GLN C 327 18.99 -10.08 52.63
C GLN C 327 17.70 -10.88 52.60
N LYS C 328 17.12 -11.17 53.76
CA LYS C 328 15.84 -11.90 53.85
C LYS C 328 14.66 -11.17 53.19
N LYS C 329 14.58 -9.86 53.33
CA LYS C 329 13.43 -9.13 52.76
C LYS C 329 13.79 -8.64 51.34
N PRO C 330 12.84 -8.73 50.39
CA PRO C 330 13.06 -8.09 49.09
C PRO C 330 13.42 -6.62 49.25
N VAL C 331 14.34 -6.12 48.44
CA VAL C 331 14.65 -4.67 48.41
C VAL C 331 13.50 -3.94 47.74
N ASP C 332 12.73 -3.17 48.49
CA ASP C 332 11.64 -2.38 47.91
C ASP C 332 11.77 -0.86 48.08
N HIS C 333 12.86 -0.43 48.71
CA HIS C 333 13.15 0.98 48.91
C HIS C 333 13.84 1.64 47.69
N LEU C 334 14.21 0.86 46.66
CA LEU C 334 14.86 1.36 45.45
C LEU C 334 14.03 1.04 44.21
N LEU C 335 14.08 1.94 43.23
CA LEU C 335 13.58 1.63 41.88
C LEU C 335 14.74 1.24 41.02
N THR C 336 14.70 0.03 40.44
CA THR C 336 15.80 -0.47 39.62
C THR C 336 15.35 -0.64 38.18
N GLN C 337 16.29 -0.51 37.29
CA GLN C 337 16.03 -0.54 35.86
C GLN C 337 17.06 -1.47 35.30
N PRO C 338 16.77 -2.80 35.31
CA PRO C 338 17.77 -3.82 34.88
C PRO C 338 18.40 -3.51 33.52
N THR C 339 17.56 -3.06 32.59
CA THR C 339 17.98 -2.69 31.24
C THR C 339 19.19 -1.73 31.26
N LEU C 340 19.13 -0.71 32.11
CA LEU C 340 20.27 0.22 32.31
C LEU C 340 21.30 -0.26 33.36
N ASP C 341 20.85 -0.90 34.45
CA ASP C 341 21.65 -1.06 35.67
C ASP C 341 22.51 -2.29 35.70
N LEU C 342 22.22 -3.28 34.86
CA LEU C 342 22.98 -4.51 34.86
C LEU C 342 24.44 -4.26 34.45
N LEU C 343 24.63 -3.49 33.40
CA LEU C 343 25.97 -3.29 32.86
C LEU C 343 26.93 -2.66 33.88
N PRO C 344 26.53 -1.53 34.50
CA PRO C 344 27.44 -0.93 35.49
C PRO C 344 27.55 -1.71 36.78
N THR C 345 26.49 -2.44 37.15
CA THR C 345 26.49 -3.25 38.38
C THR C 345 27.53 -4.30 38.20
N LEU C 346 27.49 -5.00 37.07
CA LEU C 346 28.46 -6.04 36.83
C LEU C 346 29.89 -5.49 36.69
N CYS C 347 30.04 -4.38 35.98
CA CYS C 347 31.33 -3.69 35.87
C CYS C 347 31.92 -3.36 37.24
N ASP C 348 31.12 -2.81 38.14
CA ASP C 348 31.58 -2.53 39.52
C ASP C 348 32.02 -3.78 40.27
N LEU C 349 31.25 -4.85 40.16
CA LEU C 349 31.60 -6.12 40.83
C LEU C 349 32.86 -6.75 40.26
N ALA C 350 33.16 -6.48 38.99
CA ALA C 350 34.30 -7.07 38.30
C ALA C 350 35.55 -6.21 38.40
N GLY C 351 35.44 -5.00 38.94
CA GLY C 351 36.55 -4.01 38.91
C GLY C 351 36.82 -3.50 37.51
N ILE C 352 35.76 -3.17 36.77
CA ILE C 352 35.89 -2.73 35.37
C ILE C 352 35.34 -1.34 35.31
N ALA C 353 36.09 -0.43 34.71
CA ALA C 353 35.66 0.96 34.59
C ALA C 353 34.46 1.09 33.65
N VAL C 354 33.46 1.83 34.07
CA VAL C 354 32.24 2.08 33.29
C VAL C 354 32.37 3.36 32.48
N PRO C 355 32.10 3.30 31.15
CA PRO C 355 32.15 4.55 30.38
C PRO C 355 31.22 5.59 30.95
N ALA C 356 31.67 6.85 30.92
CA ALA C 356 30.96 7.96 31.60
C ALA C 356 29.56 8.22 31.05
N GLU C 357 29.34 7.89 29.78
CA GLU C 357 28.05 8.14 29.13
C GLU C 357 26.92 7.15 29.48
N LYS C 358 27.24 6.00 30.07
CA LYS C 358 26.19 5.02 30.43
C LYS C 358 25.39 5.64 31.55
N ALA C 359 24.07 5.63 31.44
CA ALA C 359 23.17 6.24 32.43
C ALA C 359 22.61 5.29 33.52
N GLY C 360 22.95 4.02 33.46
CA GLY C 360 22.57 3.10 34.53
C GLY C 360 23.33 3.39 35.82
N ILE C 361 22.78 2.88 36.91
CA ILE C 361 23.31 3.09 38.23
C ILE C 361 23.65 1.73 38.81
N SER C 362 24.89 1.60 39.23
CA SER C 362 25.36 0.37 39.82
C SER C 362 24.63 0.07 41.12
N LEU C 363 24.19 -1.19 41.23
CA LEU C 363 23.61 -1.70 42.46
C LEU C 363 24.65 -2.39 43.34
N ALA C 364 25.93 -2.37 42.94
CA ALA C 364 27.01 -3.03 43.72
C ALA C 364 27.06 -2.63 45.20
N PRO C 365 26.77 -1.36 45.54
CA PRO C 365 26.73 -0.99 46.98
C PRO C 365 25.64 -1.68 47.81
N THR C 366 24.40 -1.70 47.30
CA THR C 366 23.31 -2.46 47.96
C THR C 366 23.66 -3.92 48.09
N LEU C 367 24.26 -4.50 47.04
CA LEU C 367 24.61 -5.90 47.02
C LEU C 367 25.69 -6.27 48.06
N ARG C 368 26.69 -5.41 48.19
CA ARG C 368 27.82 -5.63 49.12
C ARG C 368 27.53 -5.20 50.56
N GLY C 369 26.37 -4.58 50.80
CA GLY C 369 25.85 -4.32 52.15
C GLY C 369 25.52 -2.88 52.52
N GLU C 370 25.82 -1.92 51.64
CA GLU C 370 26.12 -0.54 52.01
C GLU C 370 25.03 0.49 51.74
N LYS C 371 25.36 1.75 52.07
CA LYS C 371 24.65 2.92 51.59
C LYS C 371 24.79 2.98 50.07
N GLN C 372 23.65 2.91 49.40
CA GLN C 372 23.52 3.10 47.97
C GLN C 372 23.46 4.61 47.79
N LYS C 373 24.58 5.21 47.39
CA LYS C 373 24.69 6.68 47.32
C LYS C 373 23.88 7.28 46.17
N LYS C 374 23.84 6.57 45.03
CA LYS C 374 23.07 6.98 43.85
C LYS C 374 21.88 6.01 43.64
N SER C 375 20.68 6.56 43.41
CA SER C 375 19.48 5.77 43.04
C SER C 375 18.65 6.42 41.95
N HIS C 376 17.78 5.63 41.29
CA HIS C 376 16.83 6.16 40.30
C HIS C 376 15.66 6.84 40.99
N PRO C 377 15.41 8.13 40.65
CA PRO C 377 14.21 8.78 41.17
C PRO C 377 12.92 8.27 40.52
N TYR C 378 13.03 7.82 39.28
CA TYR C 378 11.96 7.17 38.57
C TYR C 378 12.60 6.23 37.57
N VAL C 379 11.80 5.31 37.04
CA VAL C 379 12.26 4.42 35.99
C VAL C 379 11.22 4.37 34.87
N VAL C 380 11.69 4.04 33.68
CA VAL C 380 10.94 4.22 32.46
C VAL C 380 10.81 2.94 31.61
N SER C 381 9.71 2.84 30.88
CA SER C 381 9.58 1.83 29.81
C SER C 381 9.01 2.50 28.57
N GLU C 382 9.29 1.91 27.41
CA GLU C 382 8.91 2.49 26.12
C GLU C 382 8.15 1.44 25.30
N TRP C 383 7.16 1.88 24.54
CA TRP C 383 6.60 1.11 23.45
C TRP C 383 6.74 1.92 22.16
N HIS C 384 6.95 1.21 21.05
CA HIS C 384 6.93 1.81 19.72
C HIS C 384 6.05 1.00 18.77
N SER C 385 6.49 -0.21 18.44
CA SER C 385 5.76 -1.13 17.59
C SER C 385 6.29 -2.54 17.85
N GLU C 386 5.57 -3.54 17.36
CA GLU C 386 6.08 -4.91 17.33
C GLU C 386 6.70 -5.28 15.97
N TYR C 387 5.89 -5.24 14.91
CA TYR C 387 6.40 -5.48 13.55
C TYR C 387 5.97 -4.42 12.53
N GLU C 388 5.67 -3.22 12.99
CA GLU C 388 5.25 -2.09 12.16
C GLU C 388 3.92 -2.29 11.41
N TYR C 389 3.05 -3.20 11.86
CA TYR C 389 1.65 -3.17 11.41
C TYR C 389 0.94 -2.00 12.06
N VAL C 390 1.17 -1.82 13.36
CA VAL C 390 0.66 -0.66 14.08
C VAL C 390 1.85 -0.03 14.83
N THR C 391 2.03 1.27 14.64
CA THR C 391 3.01 2.06 15.35
C THR C 391 2.28 3.07 16.22
N THR C 392 2.38 2.85 17.53
CA THR C 392 1.64 3.63 18.50
C THR C 392 2.48 3.87 19.75
N PRO C 393 3.39 4.85 19.67
CA PRO C 393 4.35 4.95 20.73
C PRO C 393 3.79 5.35 22.07
N GLY C 394 4.47 4.90 23.12
CA GLY C 394 4.06 5.19 24.48
C GLY C 394 5.21 5.21 25.44
N ARG C 395 5.00 5.82 26.60
CA ARG C 395 6.02 5.88 27.63
C ARG C 395 5.40 5.60 29.01
N MET C 396 6.16 4.89 29.86
CA MET C 396 5.78 4.65 31.26
C MET C 396 6.80 5.33 32.16
N VAL C 397 6.31 5.98 33.21
CA VAL C 397 7.17 6.48 34.27
C VAL C 397 6.66 5.91 35.61
N ARG C 398 7.51 5.12 36.24
CA ARG C 398 7.27 4.61 37.56
C ARG C 398 8.09 5.50 38.50
N GLY C 399 7.39 6.27 39.31
CA GLY C 399 7.96 6.97 40.44
C GLY C 399 7.94 6.10 41.68
N PRO C 400 8.35 6.65 42.84
CA PRO C 400 8.33 5.96 44.12
C PRO C 400 7.01 5.32 44.47
N ARG C 401 5.92 5.98 44.17
CA ARG C 401 4.61 5.47 44.54
C ARG C 401 3.64 5.24 43.40
N TYR C 402 3.61 6.12 42.42
CA TYR C 402 2.62 6.02 41.34
C TYR C 402 3.30 5.55 40.10
N LYS C 403 2.53 4.88 39.23
CA LYS C 403 2.94 4.61 37.85
C LYS C 403 2.07 5.46 36.90
N TYR C 404 2.75 6.10 35.97
CA TYR C 404 2.14 6.98 34.98
C TYR C 404 2.45 6.45 33.60
N THR C 405 1.43 6.40 32.75
CA THR C 405 1.64 6.11 31.33
C THR C 405 1.06 7.16 30.41
N HIS C 406 1.72 7.31 29.27
CA HIS C 406 1.25 8.19 28.20
C HIS C 406 1.32 7.49 26.86
N TYR C 407 0.30 7.72 26.04
CA TYR C 407 0.34 7.26 24.65
C TYR C 407 0.08 8.44 23.70
N LEU C 408 0.94 8.60 22.71
CA LEU C 408 0.72 9.60 21.66
C LEU C 408 -0.67 9.45 21.04
N GLU C 409 -1.11 8.23 20.74
CA GLU C 409 -2.41 8.03 20.12
C GLU C 409 -3.53 8.41 21.08
N GLY C 410 -4.13 9.58 20.86
CA GLY C 410 -5.26 10.05 21.64
C GLY C 410 -4.85 10.79 22.90
N ASN C 411 -3.54 10.99 23.09
CA ASN C 411 -3.01 11.51 24.35
C ASN C 411 -3.59 10.80 25.59
N GLY C 412 -3.66 9.48 25.51
CA GLY C 412 -4.20 8.68 26.60
C GLY C 412 -3.23 8.63 27.76
N GLU C 413 -3.75 8.60 28.98
CA GLU C 413 -2.92 8.61 30.18
C GLU C 413 -3.45 7.61 31.19
N GLU C 414 -2.53 6.99 31.92
CA GLU C 414 -2.91 6.23 33.09
C GLU C 414 -2.11 6.72 34.28
N LEU C 415 -2.72 6.60 35.45
CA LEU C 415 -2.08 6.87 36.75
C LEU C 415 -2.59 5.84 37.78
N TYR C 416 -1.68 5.04 38.33
CA TYR C 416 -2.01 3.98 39.31
C TYR C 416 -1.19 4.18 40.57
N ASP C 417 -1.86 4.07 41.69
CA ASP C 417 -1.21 4.10 43.01
C ASP C 417 -0.74 2.70 43.28
N MET C 418 0.56 2.48 43.21
CA MET C 418 1.11 1.12 43.27
C MET C 418 1.11 0.55 44.69
N LYS C 419 1.03 1.42 45.70
CA LYS C 419 0.95 1.01 47.11
C LYS C 419 -0.43 0.45 47.42
N LYS C 420 -1.48 1.21 47.14
CA LYS C 420 -2.86 0.79 47.45
C LYS C 420 -3.55 -0.06 46.37
N ASP C 421 -3.07 0.03 45.13
CA ASP C 421 -3.68 -0.63 43.97
C ASP C 421 -2.57 -1.30 43.17
N PRO C 422 -1.89 -2.28 43.77
CA PRO C 422 -0.80 -2.96 43.04
C PRO C 422 -1.23 -3.73 41.77
N GLY C 423 -2.52 -4.07 41.67
CA GLY C 423 -3.10 -4.73 40.52
C GLY C 423 -3.51 -3.77 39.42
N GLU C 424 -3.29 -2.47 39.64
CA GLU C 424 -3.54 -1.44 38.62
C GLU C 424 -4.95 -1.52 38.06
N ARG C 425 -5.95 -1.63 38.94
CA ARG C 425 -7.34 -1.77 38.50
C ARG C 425 -8.11 -0.44 38.39
N LYS C 426 -7.56 0.63 38.97
CA LYS C 426 -8.26 1.92 39.08
C LYS C 426 -7.43 3.06 38.50
N ASN C 427 -7.71 3.45 37.25
CA ASN C 427 -6.94 4.51 36.59
C ASN C 427 -7.38 5.83 37.22
N LEU C 428 -6.42 6.55 37.80
CA LEU C 428 -6.69 7.79 38.52
C LEU C 428 -6.48 9.03 37.66
N ALA C 429 -6.06 8.87 36.41
CA ALA C 429 -5.68 10.04 35.58
C ALA C 429 -6.79 11.11 35.43
N LYS C 430 -8.05 10.68 35.38
CA LYS C 430 -9.19 11.62 35.22
C LYS C 430 -9.84 12.03 36.54
N ASP C 431 -9.28 11.62 37.68
CA ASP C 431 -9.79 12.01 38.99
C ASP C 431 -9.14 13.36 39.38
N PRO C 432 -9.96 14.41 39.66
CA PRO C 432 -9.44 15.73 40.06
C PRO C 432 -8.55 15.73 41.29
N LYS C 433 -8.87 14.85 42.24
CA LYS C 433 -8.08 14.68 43.45
C LYS C 433 -6.60 14.43 43.16
N TYR C 434 -6.29 13.76 42.04
CA TYR C 434 -4.90 13.43 41.65
C TYR C 434 -4.25 14.34 40.59
N SER C 435 -4.87 15.48 40.27
CA SER C 435 -4.35 16.35 39.19
C SER C 435 -2.94 16.87 39.48
N LYS C 436 -2.62 17.12 40.76
CA LYS C 436 -1.25 17.51 41.14
C LYS C 436 -0.27 16.33 41.02
N ILE C 437 -0.73 15.12 41.32
CA ILE C 437 0.10 13.93 41.15
C ILE C 437 0.35 13.68 39.65
N LEU C 438 -0.70 13.81 38.85
CA LEU C 438 -0.58 13.71 37.39
C LEU C 438 0.42 14.72 36.77
N ALA C 439 0.30 15.99 37.16
CA ALA C 439 1.27 17.02 36.76
C ALA C 439 2.73 16.67 37.13
N GLU C 440 2.95 16.22 38.36
CA GLU C 440 4.30 15.79 38.79
C GLU C 440 4.83 14.72 37.84
N HIS C 441 4.00 13.74 37.50
CA HIS C 441 4.49 12.61 36.68
C HIS C 441 4.67 12.95 35.19
N ARG C 442 3.84 13.84 34.66
CA ARG C 442 4.09 14.45 33.35
C ARG C 442 5.43 15.16 33.30
N ALA C 443 5.78 15.85 34.38
CA ALA C 443 7.06 16.57 34.48
C ALA C 443 8.25 15.62 34.48
N LEU C 444 8.09 14.48 35.15
CA LEU C 444 9.11 13.44 35.12
C LEU C 444 9.31 12.89 33.71
N LEU C 445 8.21 12.66 33.01
CA LEU C 445 8.30 12.23 31.59
C LEU C 445 9.02 13.32 30.73
N ASP C 446 8.68 14.58 30.97
CA ASP C 446 9.40 15.71 30.30
C ASP C 446 10.88 15.69 30.65
N ASP C 447 11.20 15.45 31.91
CA ASP C 447 12.58 15.36 32.33
C ASP C 447 13.31 14.22 31.61
N TYR C 448 12.68 13.05 31.54
CA TYR C 448 13.29 11.91 30.85
C TYR C 448 13.59 12.24 29.40
N ILE C 449 12.60 12.79 28.72
CA ILE C 449 12.67 13.10 27.28
C ILE C 449 13.86 14.02 26.96
N THR C 450 13.99 15.05 27.78
CA THR C 450 15.12 16.00 27.72
C THR C 450 16.45 15.37 27.98
N ARG C 451 16.59 14.77 29.15
CA ARG C 451 17.88 14.26 29.58
C ARG C 451 18.36 13.04 28.79
N SER C 452 17.42 12.22 28.33
CA SER C 452 17.76 11.04 27.52
C SER C 452 17.76 11.35 26.00
N LYS C 453 17.40 12.57 25.61
CA LYS C 453 17.28 12.93 24.19
C LYS C 453 16.31 11.99 23.47
N ASP C 454 15.11 11.92 24.02
CA ASP C 454 14.06 11.07 23.49
C ASP C 454 13.37 11.87 22.43
N ASP C 455 13.17 11.28 21.26
CA ASP C 455 12.41 11.92 20.18
C ASP C 455 10.90 11.66 20.28
N TYR C 456 10.44 11.07 21.40
CA TYR C 456 9.02 10.69 21.60
C TYR C 456 8.01 11.69 21.05
N ARG C 457 8.18 12.96 21.46
CA ARG C 457 7.24 14.04 21.14
C ARG C 457 7.07 14.25 19.63
N SER C 458 8.11 13.93 18.84
CA SER C 458 8.10 14.11 17.39
CA SER C 458 8.05 14.14 17.39
C SER C 458 7.68 12.85 16.63
N LEU C 459 7.38 11.76 17.34
CA LEU C 459 7.03 10.51 16.66
C LEU C 459 5.59 10.54 16.16
N LYS C 460 5.34 9.79 15.10
CA LYS C 460 4.06 9.76 14.44
C LYS C 460 3.35 8.43 14.68
N VAL C 461 2.05 8.52 14.94
CA VAL C 461 1.20 7.37 15.12
C VAL C 461 0.78 6.84 13.75
N ASP C 462 0.91 5.53 13.54
CA ASP C 462 0.43 4.90 12.35
C ASP C 462 -0.43 3.74 12.82
N ALA C 463 -1.73 4.03 12.92
CA ALA C 463 -2.67 3.10 13.49
C ALA C 463 -3.94 3.08 12.67
N ASP C 464 -4.08 2.09 11.79
CA ASP C 464 -5.22 2.02 10.87
C ASP C 464 -6.56 2.03 11.64
N PRO C 465 -7.53 2.88 11.19
CA PRO C 465 -8.86 2.92 11.82
C PRO C 465 -9.65 1.58 11.84
N ARG C 466 -9.37 0.66 10.91
CA ARG C 466 -9.96 -0.68 10.97
C ARG C 466 -9.50 -1.51 12.21
N CYS C 467 -8.41 -1.07 12.86
CA CYS C 467 -7.91 -1.65 14.13
C CYS C 467 -8.35 -0.90 15.39
N ARG C 468 -9.31 0.02 15.23
CA ARG C 468 -9.78 0.85 16.33
C ARG C 468 -11.28 1.06 16.15
N ASN C 469 -11.95 0.05 15.66
CA ASN C 469 -13.26 0.20 15.07
C ASN C 469 -14.37 -0.22 16.03
N HIS C 470 -14.28 -1.46 16.48
CA HIS C 470 -15.33 -2.04 17.31
C HIS C 470 -15.37 -1.36 18.71
N THR C 471 -16.36 -1.71 19.50
CA THR C 471 -16.44 -1.16 20.86
C THR C 471 -15.14 -1.51 21.65
N PRO C 472 -14.60 -0.57 22.43
CA PRO C 472 -13.34 -0.84 23.10
C PRO C 472 -13.36 -2.10 23.99
N GLY C 473 -12.21 -2.76 24.05
CA GLY C 473 -12.00 -3.94 24.88
C GLY C 473 -12.08 -5.22 24.10
N TYR C 474 -11.42 -6.25 24.63
CA TYR C 474 -11.18 -7.49 23.92
C TYR C 474 -12.44 -8.35 23.77
N PRO C 475 -13.35 -8.37 24.77
CA PRO C 475 -14.58 -9.14 24.53
C PRO C 475 -15.42 -8.70 23.34
N SER C 476 -15.28 -7.44 22.95
CA SER C 476 -15.96 -6.89 21.78
C SER C 476 -15.21 -7.11 20.47
N HIS C 477 -14.05 -7.76 20.48
CA HIS C 477 -13.29 -7.92 19.26
C HIS C 477 -14.04 -8.72 18.19
N GLU C 478 -13.99 -8.20 16.96
CA GLU C 478 -14.52 -8.89 15.78
C GLU C 478 -13.43 -8.82 14.70
N GLY C 479 -13.33 -9.88 13.91
CA GLY C 479 -12.46 -9.87 12.73
C GLY C 479 -11.07 -10.41 12.98
N PRO C 480 -10.26 -10.42 11.92
CA PRO C 480 -9.03 -11.21 11.93
C PRO C 480 -7.78 -10.52 12.55
N GLY C 481 -7.86 -9.24 12.88
CA GLY C 481 -6.70 -8.52 13.43
C GLY C 481 -5.70 -7.99 12.40
N ALA C 482 -4.80 -7.12 12.88
CA ALA C 482 -3.89 -6.31 12.05
C ALA C 482 -2.98 -7.14 11.15
N ARG C 483 -2.47 -8.28 11.66
CA ARG C 483 -1.58 -9.19 10.90
C ARG C 483 -2.22 -9.62 9.58
N GLU C 484 -3.52 -9.94 9.62
CA GLU C 484 -4.26 -10.38 8.43
C GLU C 484 -4.67 -9.26 7.47
N ILE C 485 -4.98 -8.06 7.95
CA ILE C 485 -5.60 -7.03 7.07
C ILE C 485 -4.78 -5.77 6.70
N LEU C 486 -3.57 -5.62 7.24
CA LEU C 486 -2.68 -4.48 6.89
C LEU C 486 -1.38 -4.93 6.22
N GLU D 22 -11.72 11.23 15.77
CA GLU D 22 -12.07 9.79 15.71
C GLU D 22 -12.66 9.42 14.35
N LYS D 23 -13.99 9.43 14.27
CA LYS D 23 -14.66 8.97 13.08
C LYS D 23 -14.76 10.11 12.05
N PRO D 24 -14.83 9.76 10.77
CA PRO D 24 -14.94 10.83 9.80
C PRO D 24 -16.34 11.42 9.76
N ASN D 25 -16.43 12.69 9.37
CA ASN D 25 -17.69 13.28 8.94
C ASN D 25 -17.89 12.95 7.46
N PHE D 26 -19.10 13.17 6.98
CA PHE D 26 -19.45 12.96 5.58
C PHE D 26 -20.25 14.17 5.08
N LEU D 27 -19.91 14.61 3.87
CA LEU D 27 -20.70 15.60 3.14
C LEU D 27 -21.00 14.99 1.78
N ILE D 28 -22.28 14.80 1.48
CA ILE D 28 -22.75 14.23 0.24
C ILE D 28 -23.44 15.36 -0.54
N ILE D 29 -22.87 15.72 -1.67
CA ILE D 29 -23.41 16.77 -2.54
C ILE D 29 -23.97 16.04 -3.74
N GLN D 30 -25.28 16.13 -3.93
CA GLN D 30 -25.91 15.54 -5.09
C GLN D 30 -26.63 16.64 -5.91
N CYS D 31 -26.44 16.61 -7.23
CA CYS D 31 -27.02 17.62 -8.15
C CYS D 31 -27.89 16.91 -9.20
N ASP D 32 -29.16 17.30 -9.29
CA ASP D 32 -30.12 16.63 -10.14
C ASP D 32 -29.80 16.90 -11.64
N HIS D 33 -29.72 15.86 -12.48
CA HIS D 33 -29.36 15.97 -13.92
C HIS D 33 -27.87 16.10 -14.24
N LEU D 34 -27.01 16.28 -13.25
CA LEU D 34 -25.59 16.48 -13.54
C LEU D 34 -24.99 15.27 -14.27
N THR D 35 -24.26 15.54 -15.33
CA THR D 35 -23.68 14.49 -16.19
C THR D 35 -22.16 14.42 -16.10
N GLN D 36 -21.62 13.24 -16.40
CA GLN D 36 -20.19 13.09 -16.59
C GLN D 36 -19.66 14.04 -17.65
N ARG D 37 -20.39 14.18 -18.74
CA ARG D 37 -19.89 15.02 -19.85
C ARG D 37 -19.60 16.45 -19.44
N VAL D 38 -20.43 17.04 -18.57
CA VAL D 38 -20.26 18.43 -18.19
C VAL D 38 -19.24 18.61 -17.06
N VAL D 39 -18.88 17.55 -16.35
CA VAL D 39 -18.00 17.68 -15.19
C VAL D 39 -16.58 17.54 -15.68
N GLY D 40 -15.77 18.59 -15.52
CA GLY D 40 -14.42 18.66 -16.10
C GLY D 40 -13.48 17.53 -15.73
N ALA D 41 -13.65 16.97 -14.53
CA ALA D 41 -12.84 15.81 -14.10
C ALA D 41 -12.95 14.59 -15.03
N TYR D 42 -14.07 14.46 -15.75
CA TYR D 42 -14.24 13.33 -16.68
C TYR D 42 -13.64 13.59 -18.07
N GLY D 43 -13.10 14.78 -18.30
CA GLY D 43 -12.26 15.04 -19.46
C GLY D 43 -12.91 15.51 -20.76
N GLN D 44 -14.23 15.71 -20.81
CA GLN D 44 -14.91 16.09 -22.06
C GLN D 44 -15.20 17.58 -22.21
N THR D 45 -15.52 18.26 -21.12
CA THR D 45 -15.93 19.67 -21.13
C THR D 45 -15.07 20.42 -20.10
N GLN D 46 -14.57 21.58 -20.49
CA GLN D 46 -13.80 22.45 -19.62
C GLN D 46 -14.66 23.61 -19.14
N GLY D 47 -14.39 24.06 -17.91
CA GLY D 47 -14.92 25.31 -17.39
C GLY D 47 -16.30 25.34 -16.73
N CYS D 48 -17.03 24.22 -16.63
CA CYS D 48 -18.34 24.25 -15.99
C CYS D 48 -18.36 23.88 -14.49
N THR D 49 -17.37 23.10 -14.03
CA THR D 49 -17.42 22.54 -12.67
C THR D 49 -16.07 22.59 -11.94
N LEU D 50 -15.37 23.72 -12.01
CA LEU D 50 -14.05 23.75 -11.41
C LEU D 50 -13.97 23.30 -9.93
N PRO D 51 -14.88 23.79 -9.02
CA PRO D 51 -14.88 23.32 -7.62
C PRO D 51 -15.00 21.79 -7.46
N ILE D 52 -15.84 21.16 -8.28
CA ILE D 52 -15.96 19.72 -8.27
C ILE D 52 -14.67 19.05 -8.75
N ASP D 53 -14.10 19.58 -9.81
CA ASP D 53 -12.85 19.05 -10.38
C ASP D 53 -11.71 19.11 -9.35
N GLU D 54 -11.67 20.15 -8.54
CA GLU D 54 -10.66 20.27 -7.48
C GLU D 54 -10.76 19.20 -6.41
N VAL D 55 -11.99 18.91 -5.99
CA VAL D 55 -12.25 17.80 -5.11
C VAL D 55 -11.79 16.50 -5.77
N ALA D 56 -12.22 16.28 -7.00
CA ALA D 56 -11.86 15.05 -7.72
C ALA D 56 -10.34 14.85 -7.79
N SER D 57 -9.60 15.94 -8.02
CA SER D 57 -8.12 15.87 -8.05
C SER D 57 -7.46 15.38 -6.77
N ARG D 58 -8.15 15.54 -5.63
CA ARG D 58 -7.67 15.07 -4.33
C ARG D 58 -8.06 13.64 -4.05
N GLY D 59 -8.95 13.06 -4.85
CA GLY D 59 -9.53 11.78 -4.55
C GLY D 59 -9.64 10.92 -5.77
N VAL D 60 -10.80 10.32 -5.94
CA VAL D 60 -11.04 9.25 -6.91
C VAL D 60 -12.36 9.52 -7.61
N ILE D 61 -12.39 9.29 -8.93
CA ILE D 61 -13.66 9.28 -9.68
C ILE D 61 -13.89 7.91 -10.34
N PHE D 62 -15.15 7.55 -10.45
CA PHE D 62 -15.52 6.28 -11.06
C PHE D 62 -16.10 6.50 -12.45
N SER D 63 -15.55 5.81 -13.44
CA SER D 63 -16.01 5.95 -14.82
C SER D 63 -17.36 5.30 -15.06
N ASN D 64 -17.59 4.18 -14.39
CA ASN D 64 -18.84 3.40 -14.55
C ASN D 64 -19.66 3.43 -13.28
N ALA D 65 -20.62 4.37 -13.24
CA ALA D 65 -21.43 4.64 -12.05
C ALA D 65 -22.89 4.75 -12.43
N TYR D 66 -23.52 3.59 -12.50
CA TYR D 66 -24.88 3.50 -13.02
C TYR D 66 -25.93 3.60 -11.96
N VAL D 67 -26.92 4.46 -12.17
CA VAL D 67 -28.07 4.56 -11.27
C VAL D 67 -29.14 3.53 -11.60
N GLY D 68 -29.92 3.17 -10.59
CA GLY D 68 -30.95 2.15 -10.73
C GLY D 68 -32.18 2.52 -11.53
N CYS D 69 -32.38 3.81 -11.80
CA CYS D 69 -33.45 4.27 -12.66
C CYS D 69 -33.15 5.74 -13.03
N PRO D 70 -33.28 6.10 -14.33
CA PRO D 70 -33.06 7.47 -14.78
C PRO D 70 -34.27 8.36 -14.52
N LEU D 71 -34.59 8.51 -13.24
CA LEU D 71 -35.73 9.31 -12.78
C LEU D 71 -35.56 9.58 -11.29
N SER D 72 -35.96 10.76 -10.86
CA SER D 72 -35.58 11.22 -9.53
C SER D 72 -36.13 10.41 -8.33
N GLN D 73 -37.44 10.25 -8.24
CA GLN D 73 -38.03 9.63 -7.05
C GLN D 73 -37.59 8.17 -6.90
N PRO D 74 -37.64 7.38 -7.99
CA PRO D 74 -37.14 6.02 -7.90
C PRO D 74 -35.68 5.98 -7.59
N SER D 75 -34.91 6.84 -8.23
CA SER D 75 -33.49 6.88 -7.94
C SER D 75 -33.21 7.20 -6.46
N ARG D 76 -33.86 8.22 -5.93
CA ARG D 76 -33.60 8.69 -4.57
C ARG D 76 -34.16 7.68 -3.52
N ALA D 77 -35.36 7.15 -3.75
CA ALA D 77 -35.96 6.15 -2.82
C ALA D 77 -35.06 4.94 -2.68
N ALA D 78 -34.51 4.53 -3.82
CA ALA D 78 -33.55 3.46 -3.90
C ALA D 78 -32.18 3.78 -3.29
N LEU D 79 -31.61 4.95 -3.65
CA LEU D 79 -30.28 5.38 -3.17
C LEU D 79 -30.15 5.33 -1.66
N TRP D 80 -31.03 6.05 -0.98
CA TRP D 80 -30.89 6.27 0.46
C TRP D 80 -31.27 5.00 1.26
N SER D 81 -31.93 4.03 0.63
CA SER D 81 -32.20 2.71 1.24
C SER D 81 -31.29 1.60 0.75
N GLY D 82 -30.40 1.88 -0.20
CA GLY D 82 -29.50 0.88 -0.72
C GLY D 82 -30.19 -0.32 -1.39
N MET D 83 -31.29 -0.09 -2.08
CA MET D 83 -31.92 -1.18 -2.84
C MET D 83 -32.32 -0.76 -4.25
N MET D 84 -32.98 -1.63 -5.00
CA MET D 84 -33.42 -1.34 -6.36
C MET D 84 -34.88 -0.93 -6.39
N PRO D 85 -35.26 -0.16 -7.43
CA PRO D 85 -36.64 0.36 -7.43
C PRO D 85 -37.79 -0.66 -7.35
N HIS D 86 -37.64 -1.84 -7.97
CA HIS D 86 -38.71 -2.86 -7.83
C HIS D 86 -38.88 -3.36 -6.37
N GLN D 87 -37.83 -3.20 -5.55
CA GLN D 87 -37.84 -3.62 -4.13
C GLN D 87 -38.37 -2.58 -3.17
N THR D 88 -38.06 -1.31 -3.42
CA THR D 88 -38.70 -0.22 -2.68
C THR D 88 -40.16 -0.15 -3.10
N ASN D 89 -40.44 -0.58 -4.32
CA ASN D 89 -41.73 -0.42 -5.00
C ASN D 89 -42.09 1.05 -5.27
N VAL D 90 -41.07 1.91 -5.33
CA VAL D 90 -41.23 3.28 -5.80
C VAL D 90 -40.65 3.32 -7.21
N ARG D 91 -41.53 3.17 -8.18
CA ARG D 91 -41.09 2.92 -9.56
C ARG D 91 -41.36 4.08 -10.49
N SER D 92 -42.03 5.11 -10.01
CA SER D 92 -42.34 6.29 -10.79
C SER D 92 -42.21 7.53 -9.91
N ASN D 93 -42.49 8.68 -10.50
CA ASN D 93 -42.58 9.95 -9.76
C ASN D 93 -43.93 10.27 -9.13
N SER D 94 -44.93 9.40 -9.28
CA SER D 94 -46.26 9.64 -8.67
C SER D 94 -46.19 9.61 -7.14
N SER D 95 -46.98 10.47 -6.51
CA SER D 95 -47.13 10.49 -5.04
C SER D 95 -48.10 9.39 -4.55
N GLU D 96 -48.46 9.39 -3.27
CA GLU D 96 -49.47 8.44 -2.75
C GLU D 96 -50.82 8.74 -3.39
N PRO D 97 -51.64 7.73 -3.65
CA PRO D 97 -51.46 6.33 -3.21
C PRO D 97 -50.73 5.41 -4.19
N VAL D 98 -50.33 5.94 -5.34
CA VAL D 98 -49.73 5.11 -6.39
C VAL D 98 -48.40 4.53 -5.88
N ASN D 99 -47.60 5.38 -5.26
CA ASN D 99 -46.38 4.92 -4.56
C ASN D 99 -46.58 5.18 -3.09
N THR D 100 -46.06 4.30 -2.25
CA THR D 100 -46.20 4.48 -0.80
C THR D 100 -44.82 4.58 -0.16
N ARG D 101 -44.76 5.31 0.95
CA ARG D 101 -43.54 5.52 1.70
C ARG D 101 -42.85 4.24 2.07
N LEU D 102 -41.53 4.27 2.11
CA LEU D 102 -40.76 3.09 2.47
C LEU D 102 -41.14 2.72 3.93
N PRO D 103 -41.47 1.45 4.20
CA PRO D 103 -41.84 1.12 5.60
C PRO D 103 -40.72 1.44 6.62
N GLU D 104 -41.13 1.94 7.78
CA GLU D 104 -40.24 2.37 8.86
C GLU D 104 -39.29 1.29 9.42
N ASN D 105 -39.55 0.02 9.10
CA ASN D 105 -38.65 -1.07 9.49
C ASN D 105 -37.55 -1.36 8.46
N VAL D 106 -37.55 -0.69 7.30
CA VAL D 106 -36.46 -0.91 6.33
C VAL D 106 -35.27 -0.01 6.73
N PRO D 107 -34.09 -0.61 6.95
CA PRO D 107 -32.90 0.22 7.24
C PRO D 107 -32.48 1.15 6.06
N THR D 108 -32.14 2.38 6.41
CA THR D 108 -31.73 3.41 5.45
C THR D 108 -30.36 3.93 5.85
N LEU D 109 -29.73 4.70 4.96
CA LEU D 109 -28.47 5.37 5.31
C LEU D 109 -28.63 6.15 6.61
N GLY D 110 -29.72 6.92 6.71
CA GLY D 110 -29.93 7.78 7.85
C GLY D 110 -30.19 7.02 9.15
N SER D 111 -30.93 5.91 9.10
CA SER D 111 -31.22 5.14 10.32
C SER D 111 -29.95 4.46 10.82
N LEU D 112 -29.18 3.87 9.91
CA LEU D 112 -27.92 3.25 10.24
C LEU D 112 -26.93 4.23 10.85
N PHE D 113 -26.82 5.44 10.28
CA PHE D 113 -25.90 6.45 10.82
C PHE D 113 -26.40 7.04 12.14
N SER D 114 -27.68 7.42 12.20
CA SER D 114 -28.27 7.97 13.43
C SER D 114 -28.17 6.98 14.59
N GLU D 115 -28.42 5.70 14.31
CA GLU D 115 -28.37 4.69 15.38
C GLU D 115 -26.95 4.36 15.85
N SER D 116 -25.93 4.82 15.12
CA SER D 116 -24.53 4.68 15.51
C SER D 116 -23.94 5.97 16.05
N GLY D 117 -24.76 6.93 16.42
CA GLY D 117 -24.29 8.12 17.11
C GLY D 117 -23.95 9.33 16.24
N TYR D 118 -24.18 9.26 14.94
CA TYR D 118 -23.93 10.42 14.07
C TYR D 118 -25.10 11.39 14.15
N GLU D 119 -24.78 12.69 14.08
CA GLU D 119 -25.78 13.69 13.71
C GLU D 119 -25.98 13.66 12.18
N ALA D 120 -27.22 13.42 11.73
CA ALA D 120 -27.53 13.22 10.32
C ALA D 120 -28.49 14.30 9.88
N VAL D 121 -28.05 15.16 8.93
CA VAL D 121 -28.86 16.29 8.46
C VAL D 121 -28.94 16.33 6.92
N HIS D 122 -30.09 16.74 6.43
CA HIS D 122 -30.36 16.82 5.03
C HIS D 122 -30.91 18.18 4.67
N PHE D 123 -30.36 18.76 3.58
CA PHE D 123 -30.78 20.04 3.06
C PHE D 123 -31.15 19.87 1.59
N GLY D 124 -32.08 20.70 1.10
CA GLY D 124 -32.48 20.65 -0.30
C GLY D 124 -33.62 19.71 -0.67
N LYS D 125 -33.56 19.20 -1.90
CA LYS D 125 -34.60 18.36 -2.50
C LYS D 125 -34.70 17.04 -1.79
N THR D 126 -35.93 16.64 -1.49
CA THR D 126 -36.17 15.33 -0.88
C THR D 126 -36.56 14.34 -1.96
N HIS D 127 -37.86 14.29 -2.32
CA HIS D 127 -38.32 13.37 -3.37
C HIS D 127 -37.86 11.92 -3.14
N ASP D 128 -37.91 11.51 -1.87
CA ASP D 128 -37.33 10.26 -1.39
C ASP D 128 -38.35 9.16 -1.06
N MET D 129 -39.65 9.51 -0.99
CA MET D 129 -40.71 8.57 -0.65
C MET D 129 -40.37 7.72 0.60
N GLY D 130 -39.85 8.42 1.61
CA GLY D 130 -39.51 7.84 2.90
C GLY D 130 -38.11 7.30 3.10
N SER D 131 -37.29 7.18 2.06
CA SER D 131 -35.95 6.61 2.25
C SER D 131 -34.93 7.52 3.01
N LEU D 132 -35.25 8.80 3.17
CA LEU D 132 -34.47 9.73 4.02
C LEU D 132 -34.76 9.62 5.55
N ARG D 133 -35.56 8.64 5.96
CA ARG D 133 -35.81 8.40 7.39
CA ARG D 133 -35.82 8.41 7.38
C ARG D 133 -34.49 8.29 8.14
N GLY D 134 -34.42 9.01 9.25
CA GLY D 134 -33.21 9.06 10.04
C GLY D 134 -32.41 10.34 9.90
N PHE D 135 -32.57 11.06 8.78
CA PHE D 135 -32.05 12.41 8.62
C PHE D 135 -33.01 13.44 9.18
N LYS D 136 -32.47 14.45 9.84
CA LYS D 136 -33.20 15.65 10.19
C LYS D 136 -33.17 16.55 8.95
N HIS D 137 -34.34 16.76 8.34
CA HIS D 137 -34.46 17.52 7.06
C HIS D 137 -34.85 18.95 7.33
N LYS D 138 -34.20 19.89 6.66
CA LYS D 138 -34.64 21.28 6.70
C LYS D 138 -35.06 21.69 5.30
N GLU D 139 -36.27 22.20 5.16
CA GLU D 139 -36.78 22.61 3.86
C GLU D 139 -36.14 23.93 3.43
N PRO D 140 -35.63 23.99 2.18
CA PRO D 140 -35.05 25.25 1.75
C PRO D 140 -36.15 26.24 1.45
N VAL D 141 -35.77 27.51 1.52
CA VAL D 141 -36.62 28.63 1.16
C VAL D 141 -36.15 29.20 -0.18
N ALA D 142 -37.05 29.25 -1.14
CA ALA D 142 -36.77 29.81 -2.47
C ALA D 142 -36.45 31.30 -2.41
N LYS D 143 -35.36 31.71 -3.05
CA LYS D 143 -34.92 33.13 -3.15
C LYS D 143 -34.87 33.58 -4.63
N PRO D 144 -35.99 34.12 -5.15
CA PRO D 144 -36.03 34.45 -6.58
C PRO D 144 -35.07 35.51 -7.01
N PHE D 145 -34.71 35.42 -8.28
CA PHE D 145 -33.84 36.41 -8.93
C PHE D 145 -34.10 36.30 -10.42
N THR D 146 -33.55 37.24 -11.16
CA THR D 146 -33.70 37.27 -12.60
C THR D 146 -32.34 37.05 -13.23
N ASP D 147 -32.28 36.28 -14.31
CA ASP D 147 -31.04 36.05 -15.05
C ASP D 147 -31.18 36.77 -16.42
N PRO D 148 -30.18 37.56 -16.85
CA PRO D 148 -30.37 38.29 -18.11
C PRO D 148 -30.35 37.43 -19.40
N GLU D 149 -29.84 36.20 -19.37
CA GLU D 149 -29.79 35.40 -20.61
C GLU D 149 -30.52 34.07 -20.64
N PHE D 150 -30.79 33.50 -19.48
CA PHE D 150 -31.42 32.19 -19.38
C PHE D 150 -32.63 32.25 -18.46
N PRO D 151 -33.69 31.50 -18.78
CA PRO D 151 -34.84 31.43 -17.87
C PRO D 151 -34.45 30.73 -16.57
N VAL D 152 -34.93 31.24 -15.45
CA VAL D 152 -34.70 30.62 -14.15
C VAL D 152 -36.00 30.49 -13.43
N ASN D 153 -36.15 29.42 -12.66
CA ASN D 153 -37.38 29.15 -11.92
C ASN D 153 -37.09 28.66 -10.49
N ASN D 154 -38.11 28.13 -9.81
CA ASN D 154 -37.96 27.68 -8.43
C ASN D 154 -36.83 26.64 -8.21
N ASP D 155 -36.51 25.85 -9.23
CA ASP D 155 -35.30 24.98 -9.13
C ASP D 155 -34.08 25.80 -8.74
N SER D 156 -33.80 26.85 -9.50
CA SER D 156 -32.65 27.73 -9.19
C SER D 156 -32.85 28.50 -7.92
N PHE D 157 -34.10 28.91 -7.67
CA PHE D 157 -34.37 29.76 -6.49
C PHE D 157 -34.21 28.94 -5.19
N LEU D 158 -34.66 27.69 -5.22
CA LEU D 158 -34.52 26.80 -4.06
C LEU D 158 -33.06 26.50 -3.72
N ASP D 159 -32.23 26.38 -4.75
CA ASP D 159 -30.78 26.18 -4.55
C ASP D 159 -30.09 27.27 -3.78
N VAL D 160 -30.54 28.50 -3.95
CA VAL D 160 -30.00 29.59 -3.18
C VAL D 160 -30.23 29.34 -1.67
N GLY D 161 -31.47 28.96 -1.33
CA GLY D 161 -31.80 28.56 0.00
C GLY D 161 -31.05 27.34 0.50
N THR D 162 -30.93 26.30 -0.32
CA THR D 162 -30.19 25.11 0.05
C THR D 162 -28.74 25.44 0.39
N CYS D 163 -28.13 26.24 -0.44
CA CYS D 163 -26.77 26.68 -0.21
C CYS D 163 -26.63 27.45 1.14
N GLU D 164 -27.53 28.42 1.37
CA GLU D 164 -27.58 29.14 2.64
C GLU D 164 -27.67 28.25 3.86
N ASP D 165 -28.57 27.26 3.79
CA ASP D 165 -28.75 26.31 4.87
C ASP D 165 -27.50 25.44 5.14
N ALA D 166 -26.95 24.84 4.10
CA ALA D 166 -25.74 24.03 4.25
C ALA D 166 -24.52 24.88 4.71
N VAL D 167 -24.39 26.09 4.19
CA VAL D 167 -23.32 27.01 4.64
C VAL D 167 -23.43 27.31 6.13
N ALA D 168 -24.62 27.68 6.54
CA ALA D 168 -24.89 27.95 7.95
C ALA D 168 -24.56 26.74 8.83
N TYR D 169 -24.96 25.54 8.43
CA TYR D 169 -24.74 24.36 9.23
C TYR D 169 -23.24 23.99 9.31
N LEU D 170 -22.58 23.97 8.15
CA LEU D 170 -21.16 23.60 8.09
C LEU D 170 -20.19 24.65 8.65
N SER D 171 -20.63 25.91 8.70
CA SER D 171 -19.87 26.99 9.28
C SER D 171 -19.80 26.93 10.81
N ASN D 172 -20.71 26.18 11.43
CA ASN D 172 -20.60 25.93 12.85
C ASN D 172 -21.24 24.59 13.19
N PRO D 173 -20.53 23.47 12.92
CA PRO D 173 -21.20 22.18 13.02
C PRO D 173 -21.43 21.83 14.48
N PRO D 174 -22.70 21.74 14.93
CA PRO D 174 -22.99 21.62 16.38
C PRO D 174 -22.62 20.25 16.99
N LYS D 175 -22.40 19.25 16.14
CA LYS D 175 -21.94 17.95 16.63
C LYS D 175 -21.08 17.27 15.57
N GLU D 176 -19.98 16.67 16.03
CA GLU D 176 -19.24 15.67 15.29
C GLU D 176 -19.39 14.36 16.06
N PRO D 177 -19.47 13.23 15.36
CA PRO D 177 -19.43 13.18 13.90
C PRO D 177 -20.80 13.40 13.23
N PHE D 178 -20.77 13.93 12.00
CA PHE D 178 -21.97 14.24 11.25
C PHE D 178 -21.92 13.67 9.85
N ILE D 179 -23.11 13.46 9.30
CA ILE D 179 -23.31 13.13 7.88
C ILE D 179 -24.34 14.13 7.37
N CYS D 180 -23.95 14.91 6.35
CA CYS D 180 -24.76 16.01 5.83
C CYS D 180 -24.97 15.79 4.34
N ILE D 181 -26.22 15.85 3.92
CA ILE D 181 -26.58 15.83 2.49
C ILE D 181 -27.01 17.23 2.03
N ALA D 182 -26.37 17.69 0.96
CA ALA D 182 -26.84 18.86 0.25
C ALA D 182 -27.37 18.44 -1.11
N ASP D 183 -28.70 18.41 -1.23
CA ASP D 183 -29.39 17.93 -2.42
C ASP D 183 -29.77 19.14 -3.29
N PHE D 184 -28.97 19.43 -4.29
CA PHE D 184 -29.22 20.61 -5.16
C PHE D 184 -30.09 20.23 -6.38
N GLN D 185 -30.90 21.18 -6.79
CA GLN D 185 -31.81 21.00 -7.94
C GLN D 185 -31.08 21.14 -9.27
N ASN D 186 -30.21 22.15 -9.41
CA ASN D 186 -29.56 22.38 -10.70
C ASN D 186 -28.56 21.24 -11.07
N PRO D 187 -28.46 20.89 -12.35
CA PRO D 187 -29.00 21.65 -13.50
C PRO D 187 -30.43 21.28 -13.97
N HIS D 188 -31.29 20.82 -13.05
CA HIS D 188 -32.71 20.54 -13.35
C HIS D 188 -33.49 21.73 -13.97
N ASN D 189 -33.07 22.98 -13.80
CA ASN D 189 -33.72 24.13 -14.48
C ASN D 189 -33.71 23.99 -16.04
N ILE D 190 -32.87 23.10 -16.59
CA ILE D 190 -32.96 22.76 -18.02
C ILE D 190 -34.40 22.38 -18.42
N CYS D 191 -35.14 21.74 -17.50
CA CYS D 191 -36.55 21.39 -17.75
C CYS D 191 -37.42 22.63 -18.07
N GLY D 192 -37.32 23.65 -17.21
CA GLY D 192 -37.99 24.93 -17.45
C GLY D 192 -37.53 25.58 -18.75
N PHE D 193 -36.24 25.51 -19.05
CA PHE D 193 -35.70 26.05 -20.34
C PHE D 193 -36.45 25.45 -21.55
N ILE D 194 -36.66 24.15 -21.54
CA ILE D 194 -37.34 23.46 -22.66
C ILE D 194 -38.75 24.02 -22.81
N GLY D 195 -39.45 24.17 -21.69
CA GLY D 195 -40.78 24.75 -21.66
C GLY D 195 -40.87 26.14 -22.24
N GLU D 196 -39.89 26.99 -21.96
CA GLU D 196 -39.83 28.31 -22.56
C GLU D 196 -39.43 28.30 -24.04
N ASN D 197 -38.96 27.18 -24.54
CA ASN D 197 -38.44 27.09 -25.91
C ASN D 197 -39.17 26.01 -26.66
N ALA D 198 -40.42 25.76 -26.29
CA ALA D 198 -41.18 24.63 -26.84
C ALA D 198 -41.52 24.88 -28.33
N GLY D 199 -41.44 23.82 -29.12
CA GLY D 199 -41.85 23.87 -30.52
C GLY D 199 -40.82 24.54 -31.42
N VAL D 200 -41.22 24.78 -32.66
CA VAL D 200 -40.39 25.50 -33.63
C VAL D 200 -40.27 26.91 -33.11
N HIS D 201 -39.06 27.44 -33.04
CA HIS D 201 -38.82 28.76 -32.48
C HIS D 201 -37.45 29.27 -32.81
N THR D 202 -37.33 30.58 -32.70
CA THR D 202 -36.05 31.25 -32.84
C THR D 202 -35.51 31.45 -31.45
N ASP D 203 -34.27 31.01 -31.23
CA ASP D 203 -33.64 31.12 -29.93
C ASP D 203 -33.33 32.56 -29.60
N ARG D 204 -33.51 32.90 -28.33
CA ARG D 204 -33.13 34.18 -27.80
C ARG D 204 -31.61 34.23 -27.84
N PRO D 205 -31.02 35.33 -28.36
CA PRO D 205 -29.56 35.34 -28.41
C PRO D 205 -28.88 35.31 -27.05
N ILE D 206 -27.73 34.66 -26.99
CA ILE D 206 -26.90 34.61 -25.80
C ILE D 206 -25.49 35.02 -26.22
N SER D 207 -24.70 35.52 -25.29
CA SER D 207 -23.43 36.17 -25.65
C SER D 207 -22.25 35.20 -25.83
N GLY D 208 -22.36 33.96 -25.34
CA GLY D 208 -21.30 32.96 -25.54
C GLY D 208 -21.12 32.50 -27.00
N PRO D 209 -20.11 31.64 -27.25
CA PRO D 209 -20.12 30.84 -28.47
C PRO D 209 -20.94 29.57 -28.16
N LEU D 210 -21.67 29.06 -29.15
CA LEU D 210 -22.58 27.94 -28.91
C LEU D 210 -21.80 26.63 -28.78
N PRO D 211 -22.13 25.82 -27.78
CA PRO D 211 -21.47 24.50 -27.74
C PRO D 211 -21.83 23.66 -28.97
N GLU D 212 -20.93 22.76 -29.35
CA GLU D 212 -21.17 21.86 -30.46
C GLU D 212 -22.12 20.72 -30.04
N LEU D 213 -22.85 20.18 -31.00
CA LEU D 213 -23.68 19.00 -30.76
C LEU D 213 -22.79 17.78 -30.57
N PRO D 214 -23.29 16.78 -29.81
CA PRO D 214 -22.50 15.59 -29.59
C PRO D 214 -22.41 14.77 -30.86
N ASP D 215 -21.39 13.93 -30.97
CA ASP D 215 -21.24 13.02 -32.13
C ASP D 215 -22.42 12.07 -32.32
N ASN D 216 -23.10 11.70 -31.23
CA ASN D 216 -24.24 10.79 -31.30
C ASN D 216 -25.60 11.51 -31.29
N PHE D 217 -25.64 12.77 -31.71
CA PHE D 217 -26.87 13.57 -31.87
C PHE D 217 -27.94 12.86 -32.70
N ASP D 218 -27.60 12.45 -33.92
CA ASP D 218 -28.59 11.79 -34.76
C ASP D 218 -28.72 10.30 -34.48
N VAL D 219 -29.95 9.81 -34.65
CA VAL D 219 -30.23 8.37 -34.59
C VAL D 219 -30.09 7.84 -36.00
N GLU D 220 -29.23 6.83 -36.19
CA GLU D 220 -28.94 6.27 -37.53
C GLU D 220 -30.07 5.48 -38.15
N ASP D 221 -30.83 4.74 -37.34
CA ASP D 221 -31.89 3.86 -37.87
C ASP D 221 -32.95 3.65 -36.78
N TRP D 222 -34.00 4.45 -36.83
CA TRP D 222 -35.07 4.37 -35.85
C TRP D 222 -35.71 2.99 -35.78
N SER D 223 -35.67 2.23 -36.86
CA SER D 223 -36.29 0.90 -36.90
C SER D 223 -35.51 -0.10 -36.08
N ASN D 224 -34.25 0.18 -35.76
CA ASN D 224 -33.44 -0.70 -35.00
C ASN D 224 -33.32 -0.27 -33.52
N ILE D 225 -34.34 0.40 -32.99
CA ILE D 225 -34.35 0.70 -31.55
C ILE D 225 -35.74 0.33 -30.98
N PRO D 226 -35.82 0.00 -29.67
CA PRO D 226 -37.10 -0.47 -29.09
C PRO D 226 -38.24 0.53 -29.20
N THR D 227 -39.46 0.02 -29.34
CA THR D 227 -40.65 0.83 -29.46
C THR D 227 -40.79 1.94 -28.40
N PRO D 228 -40.57 1.62 -27.11
CA PRO D 228 -40.74 2.69 -26.11
C PRO D 228 -39.81 3.90 -26.35
N VAL D 229 -38.60 3.61 -26.83
CA VAL D 229 -37.61 4.66 -27.15
C VAL D 229 -37.97 5.42 -28.43
N GLN D 230 -38.51 4.70 -29.42
CA GLN D 230 -39.02 5.32 -30.65
C GLN D 230 -40.08 6.40 -30.41
N TYR D 231 -40.82 6.27 -29.30
CA TYR D 231 -41.98 7.13 -29.05
C TYR D 231 -41.90 7.94 -27.76
N ILE D 232 -40.69 8.27 -27.36
CA ILE D 232 -40.46 9.17 -26.22
C ILE D 232 -41.10 10.52 -26.49
N CYS D 233 -41.12 10.95 -27.75
CA CYS D 233 -41.84 12.19 -28.18
C CYS D 233 -43.33 12.20 -27.82
N CYS D 234 -43.95 11.03 -27.77
CA CYS D 234 -45.34 10.88 -27.33
C CYS D 234 -45.49 10.80 -25.80
N SER D 235 -44.62 10.05 -25.13
CA SER D 235 -44.80 9.74 -23.70
C SER D 235 -44.16 10.74 -22.72
N HIS D 236 -43.19 11.52 -23.18
CA HIS D 236 -42.35 12.40 -22.35
C HIS D 236 -42.62 13.82 -22.77
N ARG D 237 -43.24 14.62 -21.90
CA ARG D 237 -43.66 15.97 -22.23
C ARG D 237 -42.50 16.84 -22.78
N ARG D 238 -41.30 16.74 -22.21
CA ARG D 238 -40.18 17.56 -22.68
C ARG D 238 -39.73 17.17 -24.08
N MET D 239 -39.77 15.89 -24.39
CA MET D 239 -39.45 15.45 -25.73
C MET D 239 -40.54 15.84 -26.70
N THR D 240 -41.81 15.84 -26.28
CA THR D 240 -42.85 16.45 -27.15
C THR D 240 -42.53 17.88 -27.54
N GLN D 241 -42.08 18.66 -26.57
CA GLN D 241 -41.72 20.05 -26.79
C GLN D 241 -40.50 20.26 -27.70
N ALA D 242 -39.53 19.36 -27.62
CA ALA D 242 -38.28 19.48 -28.38
C ALA D 242 -38.27 18.68 -29.70
N ALA D 243 -39.32 17.88 -29.98
CA ALA D 243 -39.28 16.93 -31.11
C ALA D 243 -38.88 17.54 -32.47
N HIS D 244 -39.37 18.74 -32.76
CA HIS D 244 -39.12 19.45 -34.01
C HIS D 244 -38.07 20.54 -33.93
N TRP D 245 -37.22 20.46 -32.90
CA TRP D 245 -36.11 21.37 -32.78
C TRP D 245 -35.07 21.13 -33.88
N ASN D 246 -34.44 22.21 -34.30
CA ASN D 246 -33.35 22.15 -35.27
C ASN D 246 -32.00 22.16 -34.56
N GLU D 247 -30.91 22.05 -35.32
CA GLU D 247 -29.58 22.05 -34.70
C GLU D 247 -29.29 23.27 -33.80
N GLU D 248 -29.63 24.46 -34.27
CA GLU D 248 -29.40 25.66 -33.46
C GLU D 248 -30.19 25.61 -32.13
N ASN D 249 -31.42 25.12 -32.18
CA ASN D 249 -32.23 24.99 -30.96
C ASN D 249 -31.54 24.04 -29.92
N TYR D 250 -31.02 22.93 -30.40
CA TYR D 250 -30.36 21.99 -29.50
C TYR D 250 -29.03 22.49 -28.96
N ARG D 251 -28.31 23.32 -29.73
CA ARG D 251 -27.07 23.94 -29.25
C ARG D 251 -27.37 24.94 -28.11
N HIS D 252 -28.48 25.67 -28.22
CA HIS D 252 -28.89 26.57 -27.15
C HIS D 252 -29.30 25.82 -25.89
N TYR D 253 -29.94 24.67 -26.07
CA TYR D 253 -30.23 23.71 -24.97
C TYR D 253 -28.95 23.34 -24.23
N ILE D 254 -27.92 22.96 -24.98
CA ILE D 254 -26.64 22.60 -24.36
C ILE D 254 -26.01 23.80 -23.68
N ALA D 255 -26.08 24.98 -24.27
CA ALA D 255 -25.59 26.20 -23.60
C ALA D 255 -26.31 26.45 -22.26
N ALA D 256 -27.64 26.27 -22.28
CA ALA D 256 -28.41 26.51 -21.08
C ALA D 256 -28.04 25.47 -20.02
N PHE D 257 -27.84 24.24 -20.43
CA PHE D 257 -27.45 23.16 -19.49
C PHE D 257 -26.12 23.49 -18.83
N GLN D 258 -25.17 23.98 -19.62
CA GLN D 258 -23.88 24.44 -19.07
C GLN D 258 -24.02 25.62 -18.12
N HIS D 259 -24.92 26.54 -18.45
CA HIS D 259 -25.16 27.68 -17.58
C HIS D 259 -25.68 27.25 -16.19
N TYR D 260 -26.68 26.35 -16.16
CA TYR D 260 -27.28 25.91 -14.88
C TYR D 260 -26.24 25.11 -14.08
N THR D 261 -25.36 24.39 -14.79
CA THR D 261 -24.27 23.63 -14.17
C THR D 261 -23.28 24.58 -13.50
N LYS D 262 -22.90 25.64 -14.20
CA LYS D 262 -22.03 26.66 -13.64
C LYS D 262 -22.66 27.29 -12.42
N MET D 263 -23.96 27.57 -12.47
CA MET D 263 -24.65 28.15 -11.31
C MET D 263 -24.56 27.26 -10.04
N VAL D 264 -24.87 25.99 -10.17
CA VAL D 264 -24.77 25.07 -9.04
C VAL D 264 -23.30 24.85 -8.61
N SER D 265 -22.35 24.85 -9.55
CA SER D 265 -20.92 24.74 -9.14
C SER D 265 -20.45 25.84 -8.22
N LYS D 266 -20.92 27.06 -8.47
CA LYS D 266 -20.63 28.17 -7.56
C LYS D 266 -21.18 27.95 -6.15
N GLN D 267 -22.36 27.35 -6.06
CA GLN D 267 -22.94 27.00 -4.76
C GLN D 267 -22.17 25.84 -4.07
N VAL D 268 -21.74 24.83 -4.83
CA VAL D 268 -20.80 23.80 -4.31
C VAL D 268 -19.56 24.46 -3.72
N ASP D 269 -19.02 25.47 -4.41
CA ASP D 269 -17.83 26.17 -3.94
C ASP D 269 -18.10 26.85 -2.58
N SER D 270 -19.24 27.55 -2.45
CA SER D 270 -19.66 28.12 -1.14
C SER D 270 -19.80 27.10 -0.06
N VAL D 271 -20.44 25.97 -0.37
CA VAL D 271 -20.60 24.87 0.60
C VAL D 271 -19.24 24.33 1.05
N LEU D 272 -18.33 24.14 0.13
CA LEU D 272 -16.98 23.65 0.48
C LEU D 272 -16.16 24.68 1.29
N LYS D 273 -16.32 25.96 0.95
CA LYS D 273 -15.69 27.03 1.75
C LYS D 273 -16.16 27.01 3.20
N ALA D 274 -17.45 26.73 3.40
CA ALA D 274 -18.01 26.63 4.77
C ALA D 274 -17.45 25.36 5.47
N LEU D 275 -17.44 24.23 4.77
CA LEU D 275 -16.87 22.98 5.33
C LEU D 275 -15.45 23.17 5.83
N TYR D 276 -14.61 23.79 5.00
CA TYR D 276 -13.20 23.91 5.38
C TYR D 276 -12.89 25.15 6.22
N SER D 277 -13.92 25.88 6.65
CA SER D 277 -13.75 27.05 7.49
C SER D 277 -13.62 26.69 8.96
N THR D 278 -13.82 25.42 9.33
CA THR D 278 -13.54 24.92 10.70
C THR D 278 -12.67 23.67 10.63
N PRO D 279 -12.11 23.25 11.79
CA PRO D 279 -11.32 21.99 11.79
C PRO D 279 -12.10 20.71 11.45
N ALA D 280 -13.44 20.74 11.50
CA ALA D 280 -14.23 19.58 11.06
C ALA D 280 -14.00 19.19 9.60
N GLY D 281 -13.70 20.17 8.76
CA GLY D 281 -13.56 19.98 7.33
C GLY D 281 -12.52 18.99 6.92
N ARG D 282 -11.31 19.10 7.49
CA ARG D 282 -10.26 18.12 7.16
C ARG D 282 -10.59 16.71 7.60
N ASN D 283 -11.54 16.57 8.53
CA ASN D 283 -12.08 15.30 8.92
C ASN D 283 -13.28 14.77 8.14
N THR D 284 -13.55 15.36 6.96
CA THR D 284 -14.78 15.09 6.27
C THR D 284 -14.51 14.45 4.94
N ILE D 285 -15.18 13.33 4.71
CA ILE D 285 -15.22 12.69 3.43
C ILE D 285 -16.30 13.35 2.56
N VAL D 286 -15.90 13.82 1.38
CA VAL D 286 -16.80 14.52 0.44
C VAL D 286 -17.16 13.60 -0.68
N VAL D 287 -18.45 13.48 -0.96
CA VAL D 287 -18.95 12.67 -2.10
C VAL D 287 -19.76 13.60 -2.99
N ILE D 288 -19.49 13.54 -4.30
CA ILE D 288 -20.22 14.33 -5.29
C ILE D 288 -20.81 13.35 -6.31
N MET D 289 -22.11 13.48 -6.56
CA MET D 289 -22.83 12.61 -7.48
C MET D 289 -24.12 13.25 -8.01
N ALA D 290 -24.85 12.47 -8.80
CA ALA D 290 -26.13 12.87 -9.35
C ALA D 290 -27.10 11.71 -9.19
N ASP D 291 -28.38 12.04 -9.07
CA ASP D 291 -29.45 11.05 -9.03
C ASP D 291 -29.69 10.39 -10.41
N HIS D 292 -29.37 11.13 -11.48
CA HIS D 292 -29.38 10.70 -12.87
C HIS D 292 -28.84 11.87 -13.73
N GLY D 293 -28.59 11.59 -14.99
CA GLY D 293 -28.03 12.53 -15.91
C GLY D 293 -29.10 13.20 -16.75
N ASP D 294 -28.70 13.54 -17.97
CA ASP D 294 -29.51 14.30 -18.93
C ASP D 294 -29.11 13.89 -20.34
N GLY D 295 -30.06 13.76 -21.24
CA GLY D 295 -29.75 13.45 -22.66
C GLY D 295 -28.68 14.35 -23.32
N MET D 296 -28.67 15.64 -22.98
CA MET D 296 -27.71 16.62 -23.61
C MET D 296 -27.70 16.60 -25.16
N ALA D 297 -28.86 16.32 -25.73
CA ALA D 297 -29.07 16.22 -27.20
C ALA D 297 -28.53 14.94 -27.84
N SER D 298 -27.84 14.10 -27.09
CA SER D 298 -27.44 12.79 -27.61
C SER D 298 -28.68 11.92 -27.92
N HIS D 299 -28.67 11.23 -29.07
CA HIS D 299 -29.84 10.50 -29.55
C HIS D 299 -31.13 11.36 -29.57
N ARG D 300 -30.95 12.64 -29.87
CA ARG D 300 -32.01 13.67 -29.93
C ARG D 300 -32.69 13.96 -28.59
N MET D 301 -32.15 13.41 -27.52
CA MET D 301 -32.86 13.34 -26.27
C MET D 301 -32.64 14.59 -25.44
N VAL D 302 -33.72 15.08 -24.86
CA VAL D 302 -33.66 16.04 -23.78
C VAL D 302 -34.12 15.38 -22.43
N THR D 303 -33.55 15.86 -21.36
CA THR D 303 -33.74 15.37 -20.01
C THR D 303 -33.60 13.84 -19.89
N LYS D 304 -34.64 13.17 -19.34
CA LYS D 304 -34.58 11.75 -18.99
C LYS D 304 -35.99 11.17 -19.05
N HIS D 305 -36.10 9.94 -19.56
CA HIS D 305 -37.39 9.24 -19.70
C HIS D 305 -37.15 7.98 -20.54
N ILE D 306 -37.43 6.80 -19.96
CA ILE D 306 -37.42 5.51 -20.68
C ILE D 306 -36.05 4.93 -21.07
N SER D 307 -35.20 5.72 -21.75
CA SER D 307 -33.96 5.16 -22.29
C SER D 307 -32.84 5.04 -21.23
N PHE D 308 -31.85 4.21 -21.53
CA PHE D 308 -30.79 3.87 -20.62
C PHE D 308 -29.39 4.31 -21.07
N TYR D 309 -29.33 5.22 -22.05
CA TYR D 309 -28.07 5.67 -22.60
C TYR D 309 -27.23 6.34 -21.49
N ASP D 310 -25.90 6.24 -21.63
CA ASP D 310 -24.92 6.67 -20.61
C ASP D 310 -25.15 8.09 -20.14
N GLU D 311 -25.55 8.97 -21.07
CA GLU D 311 -25.78 10.39 -20.71
C GLU D 311 -26.70 10.55 -19.49
N MET D 312 -27.71 9.68 -19.40
CA MET D 312 -28.72 9.73 -18.36
C MET D 312 -28.47 8.72 -17.21
N THR D 313 -27.83 7.57 -17.51
CA THR D 313 -27.66 6.51 -16.46
C THR D 313 -26.31 6.43 -15.78
N ASN D 314 -25.27 6.96 -16.42
CA ASN D 314 -23.91 6.82 -15.94
C ASN D 314 -23.47 8.19 -15.38
N VAL D 315 -23.54 8.34 -14.06
CA VAL D 315 -23.46 9.65 -13.42
C VAL D 315 -22.06 9.96 -12.90
N PRO D 316 -21.78 11.25 -12.57
CA PRO D 316 -20.54 11.52 -11.83
C PRO D 316 -20.59 10.87 -10.46
N PHE D 317 -19.45 10.32 -10.04
CA PHE D 317 -19.38 9.62 -8.77
C PHE D 317 -17.96 9.81 -8.25
N ILE D 318 -17.81 10.77 -7.33
CA ILE D 318 -16.51 11.32 -6.92
C ILE D 318 -16.36 11.30 -5.39
N PHE D 319 -15.20 10.84 -4.90
CA PHE D 319 -14.92 10.78 -3.44
C PHE D 319 -13.58 11.45 -3.14
N ALA D 320 -13.49 12.19 -2.03
CA ALA D 320 -12.22 12.65 -1.52
C ALA D 320 -12.31 12.83 -0.02
N GLY D 321 -11.16 12.74 0.66
CA GLY D 321 -11.09 13.05 2.08
C GLY D 321 -10.12 12.18 2.87
N PRO D 322 -10.21 12.24 4.22
CA PRO D 322 -9.21 11.49 5.02
C PRO D 322 -9.28 10.00 4.78
N GLY D 323 -8.13 9.41 4.49
CA GLY D 323 -8.03 7.98 4.26
C GLY D 323 -8.27 7.58 2.84
N ILE D 324 -8.68 8.51 1.98
CA ILE D 324 -8.95 8.24 0.58
C ILE D 324 -7.71 8.64 -0.22
N LYS D 325 -7.17 7.68 -0.97
CA LYS D 325 -5.95 7.90 -1.73
C LYS D 325 -6.26 8.55 -3.06
N GLN D 326 -5.53 9.61 -3.36
CA GLN D 326 -5.63 10.29 -4.63
C GLN D 326 -5.29 9.32 -5.79
N GLN D 327 -6.12 9.30 -6.83
CA GLN D 327 -5.81 8.56 -8.05
C GLN D 327 -5.96 9.48 -9.25
N LYS D 328 -4.85 9.73 -9.97
CA LYS D 328 -4.84 10.58 -11.17
C LYS D 328 -5.76 10.05 -12.28
N LYS D 329 -5.84 8.74 -12.45
CA LYS D 329 -6.67 8.14 -13.50
C LYS D 329 -8.09 7.79 -12.98
N PRO D 330 -9.12 8.08 -13.78
CA PRO D 330 -10.43 7.58 -13.36
C PRO D 330 -10.42 6.06 -13.20
N VAL D 331 -11.16 5.54 -12.23
CA VAL D 331 -11.32 4.10 -12.06
C VAL D 331 -12.26 3.56 -13.12
N ASP D 332 -11.71 2.83 -14.09
CA ASP D 332 -12.55 2.20 -15.13
C ASP D 332 -12.57 0.65 -15.17
N HIS D 333 -11.82 0.01 -14.27
CA HIS D 333 -11.76 -1.47 -14.15
C HIS D 333 -12.94 -2.08 -13.36
N LEU D 334 -13.81 -1.26 -12.75
CA LEU D 334 -14.97 -1.72 -11.98
C LEU D 334 -16.25 -1.18 -12.56
N LEU D 335 -17.31 -1.96 -12.44
CA LEU D 335 -18.67 -1.49 -12.61
C LEU D 335 -19.23 -1.10 -11.27
N THR D 336 -19.60 0.18 -11.09
CA THR D 336 -20.24 0.60 -9.82
C THR D 336 -21.72 0.93 -10.00
N GLN D 337 -22.44 0.80 -8.89
CA GLN D 337 -23.84 1.09 -8.82
C GLN D 337 -24.10 2.00 -7.60
N PRO D 338 -23.98 3.34 -7.79
CA PRO D 338 -24.14 4.26 -6.65
C PRO D 338 -25.40 4.02 -5.85
N THR D 339 -26.48 3.74 -6.55
CA THR D 339 -27.78 3.45 -5.95
C THR D 339 -27.71 2.38 -4.85
N LEU D 340 -26.94 1.31 -5.12
CA LEU D 340 -26.69 0.25 -4.14
C LEU D 340 -25.45 0.46 -3.30
N ASP D 341 -24.39 1.02 -3.88
CA ASP D 341 -23.07 1.01 -3.31
C ASP D 341 -22.73 2.13 -2.35
N LEU D 342 -23.46 3.24 -2.44
CA LEU D 342 -23.21 4.37 -1.57
C LEU D 342 -23.39 3.99 -0.06
N LEU D 343 -24.51 3.36 0.27
CA LEU D 343 -24.84 2.98 1.64
C LEU D 343 -23.75 2.11 2.33
N PRO D 344 -23.40 0.95 1.76
CA PRO D 344 -22.31 0.15 2.38
C PRO D 344 -20.95 0.80 2.31
N THR D 345 -20.66 1.60 1.29
CA THR D 345 -19.40 2.32 1.20
C THR D 345 -19.26 3.31 2.36
N LEU D 346 -20.29 4.11 2.59
CA LEU D 346 -20.23 5.10 3.67
C LEU D 346 -20.21 4.44 5.04
N CYS D 347 -21.02 3.40 5.22
CA CYS D 347 -21.04 2.63 6.47
C CYS D 347 -19.66 2.04 6.76
N ASP D 348 -19.06 1.43 5.76
CA ASP D 348 -17.72 0.85 5.84
C ASP D 348 -16.69 1.92 6.25
N LEU D 349 -16.68 3.07 5.59
CA LEU D 349 -15.77 4.18 5.97
C LEU D 349 -16.01 4.72 7.38
N ALA D 350 -17.24 4.63 7.84
CA ALA D 350 -17.64 5.03 9.19
C ALA D 350 -17.45 3.94 10.24
N GLY D 351 -17.23 2.70 9.84
CA GLY D 351 -17.15 1.57 10.76
C GLY D 351 -18.48 1.12 11.31
N ILE D 352 -19.54 1.24 10.51
CA ILE D 352 -20.90 0.86 10.89
C ILE D 352 -21.24 -0.44 10.18
N ALA D 353 -21.80 -1.41 10.90
CA ALA D 353 -22.21 -2.69 10.29
C ALA D 353 -23.39 -2.50 9.35
N VAL D 354 -23.34 -3.18 8.22
CA VAL D 354 -24.37 -3.16 7.22
C VAL D 354 -25.25 -4.41 7.33
N PRO D 355 -26.58 -4.24 7.31
CA PRO D 355 -27.49 -5.40 7.24
C PRO D 355 -27.24 -6.31 6.04
N ALA D 356 -27.25 -7.63 6.30
CA ALA D 356 -26.93 -8.66 5.32
C ALA D 356 -27.76 -8.60 4.05
N GLU D 357 -29.03 -8.19 4.21
CA GLU D 357 -29.96 -8.05 3.07
C GLU D 357 -29.48 -7.05 1.98
N LYS D 358 -28.67 -6.04 2.32
CA LYS D 358 -28.26 -5.00 1.36
C LYS D 358 -27.34 -5.59 0.29
N ALA D 359 -27.69 -5.41 -0.99
CA ALA D 359 -26.95 -6.01 -2.10
C ALA D 359 -25.78 -5.18 -2.57
N GLY D 360 -25.63 -3.95 -2.05
CA GLY D 360 -24.53 -3.10 -2.47
C GLY D 360 -23.19 -3.62 -2.03
N ILE D 361 -22.14 -3.12 -2.67
CA ILE D 361 -20.78 -3.51 -2.38
C ILE D 361 -20.00 -2.28 -1.98
N SER D 362 -19.36 -2.33 -0.82
CA SER D 362 -18.49 -1.25 -0.38
C SER D 362 -17.32 -1.01 -1.32
N LEU D 363 -17.16 0.26 -1.71
CA LEU D 363 -16.02 0.70 -2.47
C LEU D 363 -14.84 1.19 -1.64
N ALA D 364 -14.90 1.07 -0.32
CA ALA D 364 -13.84 1.56 0.53
C ALA D 364 -12.44 0.98 0.20
N PRO D 365 -12.35 -0.32 -0.17
CA PRO D 365 -11.02 -0.83 -0.59
C PRO D 365 -10.38 -0.03 -1.75
N THR D 366 -11.17 0.27 -2.78
CA THR D 366 -10.66 1.09 -3.89
C THR D 366 -10.29 2.48 -3.39
N LEU D 367 -11.14 3.06 -2.54
CA LEU D 367 -10.88 4.41 -2.03
C LEU D 367 -9.56 4.48 -1.26
N ARG D 368 -9.28 3.42 -0.51
CA ARG D 368 -8.03 3.29 0.22
C ARG D 368 -6.81 2.91 -0.61
N GLY D 369 -6.96 2.63 -1.91
CA GLY D 369 -5.85 2.27 -2.77
C GLY D 369 -5.47 0.81 -2.60
N GLU D 370 -6.42 -0.01 -2.14
CA GLU D 370 -6.20 -1.42 -1.86
C GLU D 370 -7.00 -2.20 -2.87
N LYS D 371 -6.93 -3.53 -2.80
CA LYS D 371 -7.54 -4.40 -3.81
C LYS D 371 -9.03 -4.58 -3.60
N GLN D 372 -9.80 -4.28 -4.63
CA GLN D 372 -11.23 -4.38 -4.55
C GLN D 372 -11.59 -5.82 -4.85
N LYS D 373 -11.97 -6.57 -3.82
CA LYS D 373 -12.15 -8.02 -3.91
C LYS D 373 -13.55 -8.42 -4.29
N LYS D 374 -14.54 -7.82 -3.65
CA LYS D 374 -15.93 -7.99 -4.03
C LYS D 374 -16.22 -6.90 -5.10
N SER D 375 -16.76 -7.31 -6.25
CA SER D 375 -17.28 -6.36 -7.28
C SER D 375 -18.51 -6.87 -8.01
N HIS D 376 -19.22 -5.95 -8.67
CA HIS D 376 -20.39 -6.30 -9.43
C HIS D 376 -19.94 -6.87 -10.79
N PRO D 377 -20.39 -8.08 -11.15
CA PRO D 377 -20.08 -8.60 -12.49
C PRO D 377 -20.84 -7.85 -13.59
N TYR D 378 -22.02 -7.34 -13.24
CA TYR D 378 -22.81 -6.46 -14.07
C TYR D 378 -23.59 -5.49 -13.17
N VAL D 379 -24.05 -4.38 -13.74
CA VAL D 379 -24.94 -3.43 -13.05
C VAL D 379 -26.23 -3.19 -13.86
N VAL D 380 -27.27 -2.75 -13.17
CA VAL D 380 -28.65 -2.81 -13.70
C VAL D 380 -29.32 -1.44 -13.59
N SER D 381 -30.17 -1.11 -14.55
CA SER D 381 -31.10 -0.02 -14.37
C SER D 381 -32.49 -0.47 -14.77
N GLU D 382 -33.47 0.23 -14.21
CA GLU D 382 -34.89 -0.06 -14.42
C GLU D 382 -35.66 1.15 -14.95
N TRP D 383 -36.70 0.87 -15.74
CA TRP D 383 -37.76 1.82 -16.00
C TRP D 383 -39.12 1.13 -15.75
N HIS D 384 -40.09 1.92 -15.33
CA HIS D 384 -41.46 1.46 -15.18
C HIS D 384 -42.41 2.48 -15.83
N SER D 385 -42.51 3.66 -15.25
CA SER D 385 -43.37 4.71 -15.72
C SER D 385 -42.87 6.03 -15.13
N GLU D 386 -43.42 7.15 -15.58
CA GLU D 386 -43.11 8.45 -14.97
C GLU D 386 -44.26 8.90 -14.06
N TYR D 387 -45.45 9.05 -14.63
CA TYR D 387 -46.67 9.46 -13.87
C TYR D 387 -47.90 8.57 -14.14
N GLU D 388 -47.63 7.35 -14.62
CA GLU D 388 -48.62 6.33 -14.96
C GLU D 388 -49.56 6.68 -16.13
N TYR D 389 -49.16 7.60 -17.01
CA TYR D 389 -49.86 7.79 -18.28
C TYR D 389 -49.46 6.65 -19.21
N VAL D 390 -48.17 6.39 -19.31
CA VAL D 390 -47.68 5.24 -20.05
C VAL D 390 -46.82 4.42 -19.11
N THR D 391 -47.11 3.13 -19.03
CA THR D 391 -46.32 2.20 -18.26
C THR D 391 -45.73 1.20 -19.21
N THR D 392 -44.41 1.28 -19.34
CA THR D 392 -43.68 0.48 -20.33
C THR D 392 -42.37 0.00 -19.77
N PRO D 393 -42.44 -1.06 -18.94
CA PRO D 393 -41.27 -1.44 -18.18
C PRO D 393 -40.11 -1.93 -19.01
N GLY D 394 -38.92 -1.69 -18.49
CA GLY D 394 -37.71 -2.11 -19.14
C GLY D 394 -36.57 -2.25 -18.16
N ARG D 395 -35.54 -2.97 -18.61
CA ARG D 395 -34.36 -3.26 -17.81
C ARG D 395 -33.09 -3.07 -18.63
N MET D 396 -32.07 -2.51 -18.01
CA MET D 396 -30.71 -2.39 -18.58
C MET D 396 -29.78 -3.28 -17.79
N VAL D 397 -28.89 -3.95 -18.51
CA VAL D 397 -27.77 -4.70 -17.94
C VAL D 397 -26.49 -4.25 -18.57
N ARG D 398 -25.65 -3.60 -17.77
CA ARG D 398 -24.33 -3.23 -18.19
C ARG D 398 -23.35 -4.28 -17.71
N GLY D 399 -22.79 -5.01 -18.67
CA GLY D 399 -21.64 -5.90 -18.41
C GLY D 399 -20.32 -5.17 -18.53
N PRO D 400 -19.19 -5.88 -18.40
CA PRO D 400 -17.88 -5.22 -18.47
C PRO D 400 -17.53 -4.51 -19.78
N ARG D 401 -18.11 -4.97 -20.88
CA ARG D 401 -17.88 -4.38 -22.17
C ARG D 401 -19.14 -3.94 -22.90
N TYR D 402 -20.22 -4.74 -22.84
CA TYR D 402 -21.47 -4.42 -23.52
C TYR D 402 -22.59 -3.95 -22.60
N LYS D 403 -23.47 -3.13 -23.17
CA LYS D 403 -24.70 -2.73 -22.52
C LYS D 403 -25.87 -3.38 -23.26
N TYR D 404 -26.73 -4.05 -22.48
CA TYR D 404 -27.92 -4.71 -23.00
C TYR D 404 -29.15 -4.06 -22.42
N THR D 405 -30.13 -3.79 -23.27
CA THR D 405 -31.43 -3.35 -22.79
C THR D 405 -32.55 -4.28 -23.28
N HIS D 406 -33.59 -4.37 -22.45
CA HIS D 406 -34.81 -5.10 -22.76
C HIS D 406 -36.04 -4.27 -22.39
N TYR D 407 -37.03 -4.30 -23.27
CA TYR D 407 -38.34 -3.68 -23.02
C TYR D 407 -39.47 -4.67 -23.31
N LEU D 408 -40.38 -4.81 -22.35
CA LEU D 408 -41.55 -5.69 -22.50
C LEU D 408 -42.34 -5.35 -23.75
N GLU D 409 -42.54 -4.05 -24.00
CA GLU D 409 -43.32 -3.60 -25.14
C GLU D 409 -42.59 -3.88 -26.45
N GLY D 410 -43.11 -4.81 -27.24
CA GLY D 410 -42.42 -5.26 -28.45
C GLY D 410 -41.34 -6.29 -28.26
N ASN D 411 -41.06 -6.69 -27.03
CA ASN D 411 -39.85 -7.43 -26.71
C ASN D 411 -38.56 -6.88 -27.38
N GLY D 412 -38.44 -5.55 -27.34
CA GLY D 412 -37.32 -4.86 -27.97
C GLY D 412 -36.03 -5.02 -27.19
N GLU D 413 -34.93 -5.07 -27.94
CA GLU D 413 -33.62 -5.22 -27.34
C GLU D 413 -32.57 -4.30 -27.98
N GLU D 414 -31.63 -3.85 -27.15
CA GLU D 414 -30.43 -3.18 -27.61
C GLU D 414 -29.20 -3.85 -27.06
N LEU D 415 -28.13 -3.77 -27.83
CA LEU D 415 -26.80 -4.24 -27.42
C LEU D 415 -25.75 -3.28 -27.99
N TYR D 416 -24.99 -2.63 -27.10
CA TYR D 416 -23.95 -1.69 -27.49
C TYR D 416 -22.62 -2.13 -26.93
N ASP D 417 -21.60 -2.03 -27.79
CA ASP D 417 -20.23 -2.25 -27.47
C ASP D 417 -19.69 -0.96 -26.89
N MET D 418 -19.57 -0.92 -25.57
CA MET D 418 -19.23 0.33 -24.89
C MET D 418 -17.76 0.70 -25.03
N LYS D 419 -16.90 -0.24 -25.45
CA LYS D 419 -15.49 0.08 -25.73
C LYS D 419 -15.31 0.81 -27.06
N LYS D 420 -15.84 0.23 -28.11
CA LYS D 420 -15.71 0.76 -29.45
C LYS D 420 -16.81 1.76 -29.84
N ASP D 421 -17.96 1.73 -29.15
CA ASP D 421 -19.13 2.56 -29.50
C ASP D 421 -19.64 3.21 -28.22
N PRO D 422 -18.81 4.01 -27.55
CA PRO D 422 -19.26 4.58 -26.28
C PRO D 422 -20.45 5.55 -26.41
N GLY D 423 -20.67 6.07 -27.62
CA GLY D 423 -21.84 6.87 -27.93
C GLY D 423 -23.09 6.08 -28.22
N GLU D 424 -23.01 4.76 -28.18
CA GLU D 424 -24.16 3.88 -28.32
C GLU D 424 -24.94 4.18 -29.63
N ARG D 425 -24.23 4.31 -30.73
CA ARG D 425 -24.87 4.66 -32.04
C ARG D 425 -25.27 3.45 -32.89
N LYS D 426 -24.70 2.28 -32.60
CA LYS D 426 -24.92 1.07 -33.42
C LYS D 426 -25.48 -0.06 -32.55
N ASN D 427 -26.78 -0.32 -32.69
CA ASN D 427 -27.45 -1.42 -31.94
C ASN D 427 -27.03 -2.73 -32.60
N LEU D 428 -26.42 -3.64 -31.84
CA LEU D 428 -25.94 -4.90 -32.38
C LEU D 428 -26.91 -6.07 -32.20
N ALA D 429 -28.08 -5.82 -31.62
CA ALA D 429 -28.96 -6.90 -31.15
C ALA D 429 -29.43 -7.86 -32.26
N LYS D 430 -29.65 -7.32 -33.45
CA LYS D 430 -30.07 -8.12 -34.62
C LYS D 430 -28.92 -8.54 -35.53
N ASP D 431 -27.68 -8.25 -35.15
CA ASP D 431 -26.52 -8.65 -35.93
C ASP D 431 -26.17 -10.08 -35.51
N PRO D 432 -26.22 -11.07 -36.45
CA PRO D 432 -25.94 -12.49 -36.11
C PRO D 432 -24.59 -12.76 -35.47
N LYS D 433 -23.57 -12.01 -35.89
CA LYS D 433 -22.24 -12.10 -35.29
C LYS D 433 -22.18 -11.85 -33.78
N TYR D 434 -23.21 -11.23 -33.20
CA TYR D 434 -23.25 -10.94 -31.75
C TYR D 434 -24.25 -11.81 -30.98
N SER D 435 -24.85 -12.80 -31.65
CA SER D 435 -25.92 -13.60 -31.04
C SER D 435 -25.49 -14.34 -29.75
N LYS D 436 -24.21 -14.68 -29.62
CA LYS D 436 -23.66 -15.31 -28.39
C LYS D 436 -23.54 -14.27 -27.27
N ILE D 437 -23.03 -13.09 -27.62
CA ILE D 437 -23.02 -11.94 -26.70
C ILE D 437 -24.44 -11.60 -26.22
N LEU D 438 -25.39 -11.52 -27.16
CA LEU D 438 -26.79 -11.26 -26.81
C LEU D 438 -27.35 -12.31 -25.87
N ALA D 439 -27.07 -13.59 -26.13
CA ALA D 439 -27.52 -14.67 -25.22
C ALA D 439 -26.93 -14.54 -23.81
N GLU D 440 -25.65 -14.19 -23.70
CA GLU D 440 -24.96 -14.01 -22.41
C GLU D 440 -25.61 -12.93 -21.54
N HIS D 441 -25.96 -11.82 -22.18
CA HIS D 441 -26.54 -10.68 -21.45
C HIS D 441 -28.02 -10.93 -21.15
N ARG D 442 -28.72 -11.66 -22.03
CA ARG D 442 -30.07 -12.13 -21.69
C ARG D 442 -30.02 -12.94 -20.41
N ALA D 443 -29.02 -13.83 -20.31
CA ALA D 443 -28.83 -14.70 -19.14
C ALA D 443 -28.48 -13.89 -17.91
N LEU D 444 -27.73 -12.81 -18.11
CA LEU D 444 -27.47 -11.88 -16.98
C LEU D 444 -28.74 -11.22 -16.45
N LEU D 445 -29.65 -10.80 -17.33
CA LEU D 445 -30.93 -10.26 -16.88
C LEU D 445 -31.77 -11.33 -16.18
N ASP D 446 -31.76 -12.56 -16.69
CA ASP D 446 -32.43 -13.71 -16.01
C ASP D 446 -31.92 -13.90 -14.57
N ASP D 447 -30.60 -13.86 -14.42
CA ASP D 447 -29.91 -13.92 -13.12
C ASP D 447 -30.36 -12.82 -12.16
N TYR D 448 -30.45 -11.60 -12.69
CA TYR D 448 -30.85 -10.47 -11.88
C TYR D 448 -32.29 -10.64 -11.41
N ILE D 449 -33.17 -11.09 -12.31
CA ILE D 449 -34.57 -11.28 -11.99
C ILE D 449 -34.74 -12.27 -10.81
N THR D 450 -34.01 -13.40 -10.89
CA THR D 450 -34.01 -14.41 -9.84
C THR D 450 -33.42 -13.87 -8.53
N ARG D 451 -32.17 -13.39 -8.56
CA ARG D 451 -31.49 -12.96 -7.33
C ARG D 451 -32.16 -11.80 -6.63
N SER D 452 -32.66 -10.85 -7.41
CA SER D 452 -33.30 -9.65 -6.86
C SER D 452 -34.81 -9.81 -6.66
N LYS D 453 -35.35 -10.94 -7.10
CA LYS D 453 -36.78 -11.23 -7.01
C LYS D 453 -37.56 -10.12 -7.72
N ASP D 454 -37.19 -9.91 -8.97
CA ASP D 454 -37.82 -8.90 -9.82
C ASP D 454 -39.11 -9.51 -10.36
N ASP D 455 -40.18 -8.74 -10.29
CA ASP D 455 -41.46 -9.12 -10.85
C ASP D 455 -41.61 -8.74 -12.35
N TYR D 456 -40.49 -8.42 -13.02
CA TYR D 456 -40.44 -7.81 -14.37
C TYR D 456 -41.30 -8.60 -15.36
N ARG D 457 -41.07 -9.91 -15.41
CA ARG D 457 -41.74 -10.79 -16.38
C ARG D 457 -43.27 -10.89 -16.21
N SER D 458 -43.80 -10.56 -15.03
CA SER D 458 -45.25 -10.44 -14.81
C SER D 458 -45.87 -9.06 -15.06
N LEU D 459 -45.07 -8.03 -15.37
CA LEU D 459 -45.61 -6.69 -15.49
C LEU D 459 -46.37 -6.52 -16.76
N LYS D 460 -47.39 -5.68 -16.71
CA LYS D 460 -48.25 -5.44 -17.85
C LYS D 460 -47.91 -4.08 -18.46
N VAL D 461 -47.69 -4.07 -19.78
CA VAL D 461 -47.53 -2.84 -20.55
C VAL D 461 -48.89 -2.12 -20.66
N ASP D 462 -48.90 -0.82 -20.37
CA ASP D 462 -50.08 0.01 -20.58
C ASP D 462 -49.64 1.20 -21.39
N ALA D 463 -49.85 1.10 -22.71
CA ALA D 463 -49.32 2.06 -23.63
C ALA D 463 -50.32 2.20 -24.75
N ASP D 464 -51.17 3.21 -24.63
CA ASP D 464 -52.20 3.44 -25.61
C ASP D 464 -51.56 3.60 -27.03
N PRO D 465 -52.11 2.92 -28.06
CA PRO D 465 -51.52 3.01 -29.41
C PRO D 465 -51.62 4.39 -30.04
N ARG D 466 -52.50 5.24 -29.50
CA ARG D 466 -52.48 6.64 -29.89
C ARG D 466 -51.18 7.36 -29.46
N CYS D 467 -50.37 6.73 -28.59
CA CYS D 467 -49.00 7.24 -28.30
C CYS D 467 -47.90 6.48 -29.05
N ARG D 468 -48.30 5.79 -30.13
CA ARG D 468 -47.39 5.13 -31.03
C ARG D 468 -47.89 5.22 -32.48
N ASN D 469 -48.59 6.29 -32.84
CA ASN D 469 -49.36 6.35 -34.11
C ASN D 469 -48.83 7.30 -35.19
N HIS D 470 -47.51 7.41 -35.22
CA HIS D 470 -46.81 8.05 -36.33
C HIS D 470 -45.54 7.20 -36.57
N THR D 471 -44.81 7.49 -37.64
CA THR D 471 -43.59 6.72 -37.94
C THR D 471 -42.55 6.86 -36.81
N PRO D 472 -41.84 5.76 -36.43
CA PRO D 472 -40.92 5.84 -35.31
C PRO D 472 -39.97 7.03 -35.36
N GLY D 473 -39.72 7.62 -34.18
CA GLY D 473 -38.74 8.69 -34.05
C GLY D 473 -39.34 10.06 -33.90
N TYR D 474 -38.60 10.97 -33.28
CA TYR D 474 -39.14 12.22 -32.79
C TYR D 474 -39.39 13.27 -33.88
N PRO D 475 -38.56 13.31 -34.94
CA PRO D 475 -38.92 14.25 -36.00
C PRO D 475 -40.31 14.01 -36.63
N SER D 476 -40.80 12.78 -36.59
CA SER D 476 -42.12 12.44 -37.14
C SER D 476 -43.27 12.63 -36.14
N HIS D 477 -42.97 13.17 -34.95
CA HIS D 477 -44.04 13.45 -33.99
C HIS D 477 -45.12 14.45 -34.46
N GLU D 478 -46.40 14.11 -34.26
CA GLU D 478 -47.52 15.05 -34.45
C GLU D 478 -48.47 14.99 -33.24
N GLY D 479 -49.04 16.12 -32.84
CA GLY D 479 -50.05 16.15 -31.76
C GLY D 479 -49.53 16.30 -30.33
N PRO D 480 -50.45 16.31 -29.36
CA PRO D 480 -50.15 16.81 -28.02
C PRO D 480 -49.50 15.86 -26.98
N GLY D 481 -49.29 14.60 -27.31
CA GLY D 481 -48.61 13.70 -26.35
C GLY D 481 -49.53 13.14 -25.29
N ALA D 482 -49.01 12.12 -24.59
CA ALA D 482 -49.82 11.29 -23.69
C ALA D 482 -50.63 12.08 -22.65
N ARG D 483 -50.00 13.12 -22.10
CA ARG D 483 -50.55 13.93 -21.01
C ARG D 483 -51.86 14.62 -21.37
N GLU D 484 -52.00 15.09 -22.62
CA GLU D 484 -53.24 15.73 -23.09
C GLU D 484 -54.35 14.74 -23.53
N ILE D 485 -54.05 13.45 -23.68
CA ILE D 485 -55.06 12.47 -24.17
C ILE D 485 -55.37 11.28 -23.23
C1 SGN E . -2.60 20.17 -15.25
C2 SGN E . -3.06 21.63 -15.51
C3 SGN E . -1.91 22.52 -15.96
C4 SGN E . -0.81 22.40 -14.92
C5 SGN E . -0.28 20.96 -14.91
C6 SGN E . 0.92 20.81 -13.97
N2 SGN E . -4.10 21.68 -16.52
O1 SGN E . -2.51 19.44 -16.48
O3 SGN E . -2.37 23.87 -16.13
O5 SGN E . -1.33 20.05 -14.56
O6 SGN E . 0.55 21.16 -12.63
S1 SGN E . -5.64 21.45 -16.13
O1S SGN E . -6.44 21.62 -17.31
O2S SGN E . -5.82 20.12 -15.62
O3S SGN E . -6.06 22.59 -15.02
S2 SGN E . 1.57 21.34 -11.47
O4S SGN E . 2.75 20.20 -11.60
O5S SGN E . 0.83 21.20 -10.25
O6S SGN E . 2.20 22.64 -11.54
S UAP E . 4.24 25.35 -13.75
C1 UAP E . 0.74 24.16 -14.47
O1 UAP E . 0.18 23.28 -15.45
C2 UAP E . 2.03 24.78 -14.99
O2 UAP E . 2.69 25.61 -14.00
C3 UAP E . 1.80 25.59 -16.28
O3 UAP E . 1.75 24.71 -17.42
C4 UAP E . 0.55 26.44 -16.12
C5 UAP E . -0.39 26.24 -15.14
O5 UAP E . -0.30 25.13 -14.22
C6 UAP E . -1.40 27.08 -14.90
O1S UAP E . 4.79 26.30 -12.66
O2S UAP E . 5.07 25.53 -15.03
O3S UAP E . 4.28 23.95 -13.22
O6B UAP E . -1.54 28.11 -15.58
O6A UAP E . -2.21 26.81 -13.96
C1 SGN F . -10.15 -42.21 -10.01
C2 SGN F . -10.64 -40.81 -10.42
C3 SGN F . -9.51 -39.87 -10.85
C4 SGN F . -8.39 -39.96 -9.82
C5 SGN F . -7.88 -41.40 -9.72
C6 SGN F . -6.67 -41.54 -8.82
N2 SGN F . -11.63 -40.88 -11.49
O1 SGN F . -9.90 -43.05 -11.15
O3 SGN F . -9.99 -38.52 -10.98
O5 SGN F . -8.95 -42.20 -9.21
O6 SGN F . -7.01 -41.23 -7.46
S1 SGN F . -13.22 -40.76 -11.23
O1S SGN F . -13.59 -41.56 -10.10
O2S SGN F . -14.00 -41.33 -12.55
O3S SGN F . -13.57 -39.37 -11.01
S2 SGN F . -5.93 -41.04 -6.39
O4S SGN F . -4.75 -42.16 -6.63
O5S SGN F . -6.53 -41.22 -5.10
O6S SGN F . -5.35 -39.72 -6.43
S UAP F . -3.31 -37.07 -8.84
C1 UAP F . -6.86 -38.19 -9.52
O1 UAP F . -7.40 -39.15 -10.43
C2 UAP F . -5.54 -37.62 -10.05
O2 UAP F . -4.84 -36.82 -9.05
C3 UAP F . -5.72 -36.75 -11.29
O3 UAP F . -5.86 -37.60 -12.43
C4 UAP F . -6.90 -35.81 -11.09
C5 UAP F . -7.89 -36.03 -10.20
O5 UAP F . -7.91 -37.21 -9.34
C6 UAP F . -8.92 -35.18 -10.00
O1S UAP F . -2.73 -36.18 -7.74
O2S UAP F . -2.49 -36.81 -10.09
O3S UAP F . -3.29 -38.50 -8.37
O6B UAP F . -8.99 -34.09 -10.63
O6A UAP F . -9.80 -35.51 -9.15
ZN ZN G . -3.96 37.13 -28.88
C1 EDO H . -11.96 26.00 0.68
O1 EDO H . -11.02 26.85 0.04
C2 EDO H . -12.90 25.37 -0.34
O2 EDO H . -12.19 24.56 -1.29
C1 EDO I . 31.47 38.77 -14.97
O1 EDO I . 32.49 38.07 -14.26
C2 EDO I . 30.13 38.09 -14.72
O2 EDO I . 30.20 36.79 -14.08
C1 EDO J . 30.10 32.79 -11.19
O1 EDO J . 29.80 33.36 -12.46
C2 EDO J . 29.39 31.44 -11.18
O2 EDO J . 27.97 31.69 -11.25
C1 EDO K . 20.94 25.10 18.15
O1 EDO K . 20.62 23.82 18.76
C2 EDO K . 20.38 25.18 16.73
O2 EDO K . 20.90 24.17 15.84
C1 EDO L . 25.72 18.21 -19.74
O1 EDO L . 26.40 18.17 -18.47
C2 EDO L . 26.61 17.70 -20.86
O2 EDO L . 27.87 18.38 -20.77
C1 EDO M . 9.61 47.82 -27.14
O1 EDO M . 10.40 48.54 -26.19
C2 EDO M . 8.24 47.60 -26.54
O2 EDO M . 7.67 48.88 -26.24
C1 EDO N . 14.51 29.82 14.63
O1 EDO N . 13.74 30.49 15.60
C2 EDO N . 13.85 29.90 13.27
O2 EDO N . 14.39 30.98 12.54
C1 EDO O . 25.82 29.75 11.97
O1 EDO O . 25.56 29.21 13.27
C2 EDO O . 25.26 28.78 10.94
O2 EDO O . 23.97 28.28 11.32
CL CL P . 2.12 25.41 -25.87
ZN ZN Q . -11.39 -25.19 -24.00
C1 EDO R . 1.06 -14.75 -21.68
O1 EDO R . 0.63 -13.40 -21.54
C2 EDO R . 2.49 -14.71 -22.19
O2 EDO R . 3.35 -14.26 -21.14
C1 EDO S . 4.77 -20.26 -29.45
O1 EDO S . 6.19 -20.11 -29.33
C2 EDO S . 4.12 -20.36 -28.08
O2 EDO S . 4.41 -19.13 -27.42
C1 EDO T . 12.72 -37.57 21.51
O1 EDO T . 13.46 -38.53 20.74
C2 EDO T . 13.24 -37.42 22.94
O2 EDO T . 13.32 -38.72 23.56
C1 EDO U . 21.91 -31.21 -6.33
O1 EDO U . 20.51 -30.96 -6.27
C2 EDO U . 22.61 -29.87 -6.36
O2 EDO U . 22.39 -29.26 -7.63
C1 EDO V . 18.24 -38.61 23.18
O1 EDO V . 17.09 -38.25 23.94
C2 EDO V . 18.08 -40.03 22.63
O2 EDO V . 17.51 -39.98 21.31
C1 EDO W . -20.17 -34.20 3.08
O1 EDO W . -18.84 -34.72 2.97
C2 EDO W . -21.20 -35.20 2.64
O2 EDO W . -20.76 -35.93 1.48
C1 EDO X . 16.47 -16.97 -9.41
O1 EDO X . 16.76 -18.34 -9.74
C2 EDO X . 17.69 -16.11 -9.68
O2 EDO X . 18.11 -16.27 -11.04
C1 EDO Y . 15.73 -17.72 -31.62
O1 EDO Y . 16.03 -16.61 -32.48
C2 EDO Y . 16.95 -18.63 -31.51
O2 EDO Y . 17.56 -18.79 -32.79
C1 EDO Z . 24.05 -23.87 -9.91
O1 EDO Z . 25.15 -24.75 -9.71
C2 EDO Z . 22.76 -24.67 -9.90
O2 EDO Z . 22.79 -25.98 -9.27
CL CL AA . -5.39 -36.92 -20.97
ZN ZN BA . -9.93 -5.78 18.54
C1 EDO CA . -9.30 1.67 34.40
O1 EDO CA . -9.79 2.03 35.70
C2 EDO CA . -9.92 0.38 33.90
O2 EDO CA . -10.95 -0.06 34.76
C1 EDO DA . 6.88 -32.96 19.37
O1 EDO DA . 6.30 -32.07 20.32
C2 EDO DA . 6.35 -32.70 17.96
O2 EDO DA . 6.97 -31.56 17.41
C1 EDO EA . 19.06 2.16 42.30
O1 EDO EA . 17.98 3.00 41.99
C2 EDO EA . 19.76 1.70 41.04
O2 EDO EA . 18.93 0.75 40.40
C1 EDO FA . 31.89 -25.09 44.13
O1 EDO FA . 32.69 -24.10 43.50
C2 EDO FA . 32.68 -25.93 45.13
O2 EDO FA . 33.67 -26.74 44.48
C1 EDO GA . -14.62 -6.95 32.07
O1 EDO GA . -13.28 -7.31 31.66
C2 EDO GA . -15.64 -7.12 30.92
O2 EDO GA . -15.39 -6.14 29.89
C1 EDO HA . 23.61 -26.00 43.17
O1 EDO HA . 22.28 -26.07 43.65
C2 EDO HA . 24.36 -27.33 43.12
O2 EDO HA . 24.18 -28.16 44.29
C1 EDO IA . -2.93 -9.40 41.72
O1 EDO IA . -4.13 -8.89 41.15
C2 EDO IA . -2.95 -10.92 41.66
O2 EDO IA . -4.23 -11.45 42.09
C1 EDO JA . 1.51 -7.88 14.72
O1 EDO JA . 1.87 -7.10 15.86
C2 EDO JA . 0.68 -9.07 15.19
O2 EDO JA . 1.36 -9.65 16.31
C1 EDO KA . -7.41 8.74 30.53
O1 EDO KA . -6.34 9.12 29.65
C2 EDO KA . -8.29 7.67 29.86
O2 EDO KA . -7.53 7.01 28.84
S UAP LA . 9.47 -12.11 21.85
C1 UAP LA . 8.22 -13.96 18.68
O1 UAP LA . 8.09 -13.76 17.26
C2 UAP LA . 8.28 -12.68 19.55
O2 UAP LA . 8.41 -12.92 20.99
C3 UAP LA . 7.02 -11.82 19.45
O3 UAP LA . 7.00 -11.04 18.22
C4 UAP LA . 5.81 -12.76 19.64
C5 UAP LA . 5.86 -14.10 19.39
O5 UAP LA . 7.10 -14.78 19.01
C6 UAP LA . 4.76 -14.89 19.45
O1S UAP LA . 9.22 -10.60 21.80
O2S UAP LA . 9.54 -12.64 23.29
O3S UAP LA . 10.77 -12.42 21.16
O6B UAP LA . 3.63 -14.50 19.80
O6A UAP LA . 4.91 -16.10 19.15
CL CL MA . 2.96 -4.23 15.04
ZN ZN NA . -44.44 10.93 -30.82
C1 EDO OA . -31.71 11.33 -37.61
O1 EDO OA . -31.88 11.51 -36.18
C2 EDO OA . -33.01 11.66 -38.32
O2 EDO OA . -34.00 10.69 -37.98
C1 EDO PA . -9.90 22.99 7.50
O1 EDO PA . -10.60 21.91 8.18
C2 EDO PA . -8.74 23.52 8.36
O2 EDO PA . -9.25 24.09 9.58
C1 EDO QA . -18.37 -2.13 -6.37
O1 EDO QA . -19.00 -1.00 -6.98
C2 EDO QA . -17.38 -2.67 -7.40
O2 EDO QA . -18.12 -3.40 -8.40
C1 EDO RA . -19.62 12.52 -27.68
O1 EDO RA . -19.77 13.48 -28.74
C2 EDO RA . -20.77 11.50 -27.60
O2 EDO RA . -21.08 10.95 -28.88
C1 EDO SA . -30.08 3.04 -33.87
O1 EDO SA . -29.41 3.65 -34.98
C2 EDO SA . -29.41 1.76 -33.42
O2 EDO SA . -28.41 1.26 -34.34
C1 EDO TA . -23.55 32.59 -13.97
O1 EDO TA . -23.79 31.57 -13.00
C2 EDO TA . -22.60 32.02 -15.01
O2 EDO TA . -21.47 31.47 -14.34
C1 EDO UA . -39.99 34.06 -14.80
O1 EDO UA . -39.99 32.92 -15.67
C2 EDO UA . -41.31 34.12 -13.99
O2 EDO UA . -41.10 33.73 -12.63
CL CL VA . -46.02 8.41 -17.67
S UAP WA . -37.22 14.84 -11.67
C1 UAP WA . -40.29 17.16 -12.28
O1 UAP WA . -41.73 17.16 -12.08
C2 UAP WA . -39.58 15.79 -12.46
O2 UAP WA . -38.12 15.85 -12.47
C3 UAP WA . -39.95 15.05 -13.78
O3 UAP WA . -41.24 14.39 -13.72
C4 UAP WA . -39.87 16.05 -14.94
C5 UAP WA . -40.00 17.40 -14.75
O5 UAP WA . -40.11 18.01 -13.42
C6 UAP WA . -40.02 18.28 -15.78
O1S UAP WA . -35.71 15.08 -11.83
O2S UAP WA . -37.50 13.40 -12.07
O3S UAP WA . -37.60 15.13 -10.26
O6B UAP WA . -40.16 19.50 -15.51
O6A UAP WA . -39.87 17.90 -16.95
#